data_6QS1
#
_entry.id   6QS1
#
_cell.length_a   72.682
_cell.length_b   77.070
_cell.length_c   82.363
_cell.angle_alpha   88.86
_cell.angle_beta   64.59
_cell.angle_gamma   75.03
#
_symmetry.space_group_name_H-M   'P 1'
#
loop_
_entity.id
_entity.type
_entity.pdbx_description
1 polymer 'Angiotensin-converting enzyme'
2 polymer 'Bradykinin potentiating peptide b'
3 branched 2-acetamido-2-deoxy-beta-D-glucopyranose-(1-4)-2-acetamido-2-deoxy-beta-D-glucopyranose
4 branched beta-D-mannopyranose-(1-4)-2-acetamido-2-deoxy-beta-D-glucopyranose-(1-4)-[alpha-L-fucopyranose-(1-6)]2-acetamido-2-deoxy-beta-D-glucopyranose
5 branched 2-acetamido-2-deoxy-beta-D-glucopyranose-(1-4)-[alpha-L-fucopyranose-(1-6)]2-acetamido-2-deoxy-beta-D-glucopyranose
6 branched alpha-L-fucopyranose-(1-6)-2-acetamido-2-deoxy-beta-D-glucopyranose
7 non-polymer 3,6,9,12,15,18,21,24,27-NONAOXANONACOSANE-1,29-DIOL
8 non-polymer 1,2-ETHANEDIOL
9 non-polymer DI(HYDROXYETHYL)ETHER
10 non-polymer 'BORIC ACID'
11 non-polymer 'TRIETHYLENE GLYCOL'
12 non-polymer 'ZINC ION'
13 non-polymer 'CHLORIDE ION'
14 non-polymer 'MAGNESIUM ION'
15 non-polymer 2-acetamido-2-deoxy-beta-D-glucopyranose
16 water water
#
loop_
_entity_poly.entity_id
_entity_poly.type
_entity_poly.pdbx_seq_one_letter_code
_entity_poly.pdbx_strand_id
1 'polypeptide(L)'
;LDPGLQPGQFSADEAGAQLFAQSYQSSAEQVLFQSVAASWAHDTNITAENARRQEEAALLSQEFAEAWGQKAKELYEPIW
QQFTDPQLRRIIGAVRTLGSANLPLAKRQQYNALLSQMSRIYSTAKVCLPQKTATCWSLDPDLTNILASSRSYAMLLFAW
EGWHNAAGIPLKPLYEDFTALSNEAYKQDGFTDTGAYWRSWYNSPTFEDDLEHLYQQLEPLYLNLHAFVRRALHRRYGDR
YINLRGPIPAHLLGDMWAQSWENIYDMVVPFPDKPNLDVTSTMLQQGWQATHMFRVAEEFFTSLELSPMPPEFWEGSMLE
KPADGREVVCHASAWDFYNRKDFRIKQCTRVTMDQLSTVHHEMGHIQYYLQYKDLPVSLRRGANPGFHEAIGDVLALSVS
TPEHLHKIGLLDRVTNDTESDINYLLKMALEKIAFLPFGYLVDQWRWGVFSGRTPPSRYNFDWWYLRTKYQGICPPVTRN
ETHFDAGAKFHVPNVTPYIRYFVSFVLQFQFHEALCKEAGYEGPLHQCDIYRSTKAGAKLRKVLRAGSSRPWQEVLKDMV
GLDALDAQPLLKYFQLVTQWLQEQNQQNGEVLGWPEYQWHPPLPDNYPEGIDLVTDEAEASKFVEEYDL
;
A,B
2 'polypeptide(L)' (PCA)GLPPRPKIPP E,F
#
loop_
_chem_comp.id
_chem_comp.type
_chem_comp.name
_chem_comp.formula
BMA D-saccharide, beta linking beta-D-mannopyranose 'C6 H12 O6'
BO3 non-polymer 'BORIC ACID' 'B H3 O3'
CL non-polymer 'CHLORIDE ION' 'Cl -1'
EDO non-polymer 1,2-ETHANEDIOL 'C2 H6 O2'
FUC L-saccharide, alpha linking alpha-L-fucopyranose 'C6 H12 O5'
MG non-polymer 'MAGNESIUM ION' 'Mg 2'
NAG D-saccharide, beta linking 2-acetamido-2-deoxy-beta-D-glucopyranose 'C8 H15 N O6'
PEG non-polymer DI(HYDROXYETHYL)ETHER 'C4 H10 O3'
PGE non-polymer 'TRIETHYLENE GLYCOL' 'C6 H14 O4'
XPE non-polymer 3,6,9,12,15,18,21,24,27-NONAOXANONACOSANE-1,29-DIOL 'C20 H42 O11'
ZN non-polymer 'ZINC ION' 'Zn 2'
#
# COMPACT_ATOMS: atom_id res chain seq x y z
N LEU A 1 -10.37 24.17 36.09
CA LEU A 1 -8.90 24.47 36.15
C LEU A 1 -8.61 25.43 37.32
N ASP A 2 -7.71 25.03 38.21
CA ASP A 2 -7.39 25.87 39.35
C ASP A 2 -7.03 27.27 38.87
N PRO A 3 -7.43 28.32 39.60
CA PRO A 3 -7.20 29.67 39.06
C PRO A 3 -5.72 29.97 38.83
N GLY A 4 -4.84 29.46 39.71
CA GLY A 4 -3.40 29.66 39.52
C GLY A 4 -2.88 29.12 38.20
N LEU A 5 -3.63 28.22 37.56
CA LEU A 5 -3.18 27.56 36.34
C LEU A 5 -3.80 28.15 35.09
N GLN A 6 -4.73 29.07 35.23
CA GLN A 6 -5.46 29.57 34.09
C GLN A 6 -4.70 30.70 33.44
N PRO A 7 -4.79 30.86 32.12
CA PRO A 7 -4.10 31.98 31.48
C PRO A 7 -4.78 33.32 31.74
N GLY A 8 -3.96 34.32 32.00
CA GLY A 8 -4.38 35.70 32.09
C GLY A 8 -4.39 36.34 30.72
N GLN A 9 -4.18 37.65 30.72
CA GLN A 9 -4.20 38.40 29.49
C GLN A 9 -2.78 38.78 29.12
N PHE A 10 -2.55 38.88 27.82
CA PHE A 10 -1.26 39.19 27.26
C PHE A 10 -1.56 39.99 26.00
N SER A 11 -0.65 40.84 25.61
CA SER A 11 -0.92 41.61 24.41
C SER A 11 -0.83 40.72 23.19
N ALA A 12 -1.39 41.20 22.09
CA ALA A 12 -1.51 40.41 20.87
C ALA A 12 -0.32 40.64 19.95
N ASP A 13 0.87 40.34 20.45
CA ASP A 13 2.11 40.69 19.79
C ASP A 13 3.24 39.84 20.38
N GLU A 14 4.41 39.93 19.74
CA GLU A 14 5.49 39.02 20.07
C GLU A 14 6.01 39.22 21.50
N ALA A 15 5.99 40.46 22.00
CA ALA A 15 6.46 40.66 23.36
C ALA A 15 5.47 40.09 24.39
N GLY A 16 4.19 40.07 24.06
CA GLY A 16 3.21 39.39 24.90
C GLY A 16 3.26 37.88 24.82
N ALA A 17 3.42 37.35 23.61
CA ALA A 17 3.71 35.93 23.43
C ALA A 17 4.85 35.47 24.33
N GLN A 18 5.90 36.29 24.48
CA GLN A 18 7.03 35.87 25.30
C GLN A 18 6.64 35.80 26.78
N LEU A 19 5.89 36.80 27.25
CA LEU A 19 5.34 36.74 28.61
C LEU A 19 4.34 35.60 28.73
N PHE A 20 3.53 35.39 27.69
CA PHE A 20 2.64 34.20 27.64
C PHE A 20 3.41 32.90 27.90
N ALA A 21 4.50 32.72 27.14
CA ALA A 21 5.29 31.51 27.26
C ALA A 21 5.87 31.38 28.67
N GLN A 22 6.20 32.50 29.31
CA GLN A 22 6.78 32.39 30.65
C GLN A 22 5.72 32.04 31.68
N SER A 23 4.54 32.65 31.57
CA SER A 23 3.45 32.28 32.45
C SER A 23 3.01 30.84 32.21
N TYR A 24 2.92 30.42 30.95
CA TYR A 24 2.67 29.03 30.60
C TYR A 24 3.58 28.06 31.34
N GLN A 25 4.90 28.25 31.15
CA GLN A 25 5.85 27.30 31.71
C GLN A 25 5.64 27.15 33.20
N SER A 26 5.33 28.27 33.86
CA SER A 26 5.16 28.23 35.31
C SER A 26 4.09 27.23 35.70
N SER A 27 2.97 27.24 35.00
CA SER A 27 1.87 26.37 35.35
C SER A 27 1.97 25.01 34.68
N ALA A 28 2.45 24.98 33.43
CA ALA A 28 2.68 23.72 32.72
C ALA A 28 3.48 22.73 33.55
N GLU A 29 4.57 23.18 34.16
CA GLU A 29 5.38 22.25 34.93
C GLU A 29 4.55 21.55 35.99
N GLN A 30 3.66 22.29 36.66
CA GLN A 30 2.85 21.67 37.71
C GLN A 30 1.91 20.65 37.10
N VAL A 31 1.30 20.98 35.98
CA VAL A 31 0.32 20.07 35.38
C VAL A 31 1.01 18.83 34.81
N LEU A 32 2.16 19.03 34.15
CA LEU A 32 2.96 17.91 33.71
C LEU A 32 3.37 17.03 34.87
N PHE A 33 3.85 17.64 35.96
CA PHE A 33 4.28 16.83 37.10
C PHE A 33 3.15 15.93 37.60
N GLN A 34 1.94 16.51 37.81
CA GLN A 34 0.88 15.69 38.40
C GLN A 34 0.46 14.58 37.44
N SER A 35 0.44 14.89 36.16
CA SER A 35 0.17 13.90 35.13
C SER A 35 1.21 12.78 35.12
N VAL A 36 2.48 13.14 34.97
CA VAL A 36 3.53 12.14 34.94
C VAL A 36 3.54 11.33 36.24
N ALA A 37 3.36 12.01 37.37
CA ALA A 37 3.36 11.30 38.65
C ALA A 37 2.23 10.27 38.72
N ALA A 38 1.03 10.66 38.29
CA ALA A 38 -0.07 9.72 38.31
C ALA A 38 0.18 8.57 37.34
N SER A 39 0.76 8.89 36.17
CA SER A 39 1.14 7.82 35.23
C SER A 39 2.17 6.89 35.85
N TRP A 40 3.16 7.46 36.55
CA TRP A 40 4.15 6.61 37.23
C TRP A 40 3.48 5.70 38.25
N ALA A 41 2.61 6.27 39.08
CA ALA A 41 1.89 5.50 40.10
C ALA A 41 1.14 4.33 39.49
N HIS A 42 0.51 4.55 38.33
CA HIS A 42 -0.19 3.46 37.66
C HIS A 42 0.78 2.44 37.09
N ASP A 43 1.77 2.90 36.32
CA ASP A 43 2.62 1.98 35.57
C ASP A 43 3.52 1.12 36.45
N THR A 44 3.84 1.57 37.68
CA THR A 44 4.57 0.76 38.64
C THR A 44 3.67 0.00 39.61
N ASN A 45 2.36 0.07 39.41
CA ASN A 45 1.39 -0.48 40.36
C ASN A 45 0.02 -0.45 39.68
N ILE A 46 -0.25 -1.42 38.81
CA ILE A 46 -1.41 -1.32 37.92
C ILE A 46 -2.63 -1.68 38.78
N THR A 47 -3.41 -0.68 39.19
CA THR A 47 -4.65 -0.91 39.94
C THR A 47 -5.77 -0.08 39.33
N ALA A 48 -7.01 -0.54 39.54
CA ALA A 48 -8.15 0.22 39.04
C ALA A 48 -8.13 1.64 39.62
N GLU A 49 -7.81 1.77 40.90
CA GLU A 49 -7.79 3.09 41.50
C GLU A 49 -6.68 3.96 40.92
N ASN A 50 -5.50 3.38 40.70
CA ASN A 50 -4.45 4.19 40.11
C ASN A 50 -4.81 4.59 38.68
N ALA A 51 -5.51 3.73 37.94
CA ALA A 51 -5.99 4.12 36.61
C ALA A 51 -6.99 5.28 36.70
N ARG A 52 -7.89 5.24 37.69
CA ARG A 52 -8.80 6.36 37.90
C ARG A 52 -8.04 7.65 38.15
N ARG A 53 -7.05 7.61 39.04
CA ARG A 53 -6.26 8.79 39.32
C ARG A 53 -5.53 9.27 38.07
N GLN A 54 -5.01 8.34 37.27
CA GLN A 54 -4.29 8.76 36.08
C GLN A 54 -5.23 9.41 35.07
N GLU A 55 -6.47 8.92 34.97
CA GLU A 55 -7.41 9.54 34.03
C GLU A 55 -7.84 10.93 34.49
N GLU A 56 -8.01 11.15 35.80
CA GLU A 56 -8.33 12.50 36.27
C GLU A 56 -7.19 13.47 35.97
N ALA A 57 -5.95 13.04 36.18
CA ALA A 57 -4.82 13.90 35.86
C ALA A 57 -4.75 14.19 34.37
N ALA A 58 -5.05 13.18 33.55
CA ALA A 58 -5.10 13.42 32.12
C ALA A 58 -6.16 14.45 31.77
N LEU A 59 -7.33 14.39 32.44
CA LEU A 59 -8.39 15.35 32.13
C LEU A 59 -7.97 16.75 32.51
N LEU A 60 -7.28 16.87 33.64
CA LEU A 60 -6.76 18.16 34.05
C LEU A 60 -5.77 18.68 33.03
N SER A 61 -4.88 17.80 32.52
N SER A 61 -4.90 17.80 32.52
CA SER A 61 -3.97 18.23 31.46
CA SER A 61 -3.97 18.21 31.47
C SER A 61 -4.72 18.69 30.22
C SER A 61 -4.70 18.67 30.21
N GLN A 62 -5.84 18.04 29.89
CA GLN A 62 -6.62 18.45 28.74
C GLN A 62 -7.28 19.80 28.98
N GLU A 63 -7.80 20.01 30.18
CA GLU A 63 -8.35 21.31 30.55
C GLU A 63 -7.32 22.40 30.39
N PHE A 64 -6.17 22.22 31.04
CA PHE A 64 -5.04 23.14 30.91
C PHE A 64 -4.69 23.37 29.44
N ALA A 65 -4.49 22.29 28.69
CA ALA A 65 -4.10 22.43 27.29
C ALA A 65 -5.13 23.19 26.49
N GLU A 66 -6.42 22.96 26.74
CA GLU A 66 -7.46 23.71 26.03
C GLU A 66 -7.42 25.19 26.39
N ALA A 67 -7.35 25.51 27.68
CA ALA A 67 -7.37 26.91 28.07
C ALA A 67 -6.20 27.67 27.43
N TRP A 68 -4.98 27.15 27.60
CA TRP A 68 -3.81 27.86 27.06
C TRP A 68 -3.74 27.74 25.55
N GLY A 69 -4.14 26.58 25.00
CA GLY A 69 -4.24 26.45 23.56
C GLY A 69 -5.19 27.46 22.93
N GLN A 70 -6.40 27.59 23.50
CA GLN A 70 -7.35 28.54 22.91
C GLN A 70 -6.92 29.99 23.15
N LYS A 71 -6.20 30.25 24.24
CA LYS A 71 -5.67 31.60 24.43
C LYS A 71 -4.57 31.89 23.42
N ALA A 72 -3.69 30.91 23.20
CA ALA A 72 -2.64 31.09 22.20
C ALA A 72 -3.24 31.43 20.84
N LYS A 73 -4.32 30.74 20.47
CA LYS A 73 -4.94 30.99 19.18
C LYS A 73 -5.71 32.29 19.18
N GLU A 74 -6.36 32.63 20.31
CA GLU A 74 -7.10 33.88 20.39
C GLU A 74 -6.19 35.08 20.15
N LEU A 75 -4.98 35.05 20.76
CA LEU A 75 -4.09 36.20 20.73
C LEU A 75 -3.08 36.17 19.59
N TYR A 76 -2.77 34.99 19.05
CA TYR A 76 -1.60 34.88 18.20
C TYR A 76 -1.81 34.08 16.92
N GLU A 77 -3.04 33.70 16.57
CA GLU A 77 -3.23 32.76 15.48
C GLU A 77 -2.58 33.24 14.19
N PRO A 78 -2.71 34.50 13.78
CA PRO A 78 -2.19 34.94 12.47
C PRO A 78 -0.84 35.66 12.53
N ILE A 79 -0.12 35.61 13.63
CA ILE A 79 1.09 36.41 13.76
C ILE A 79 2.25 35.61 14.32
N TRP A 80 1.96 34.41 14.84
CA TRP A 80 3.00 33.64 15.51
C TRP A 80 4.00 33.07 14.51
N GLN A 81 3.56 32.87 13.26
CA GLN A 81 4.43 32.27 12.27
C GLN A 81 5.50 33.26 11.81
N GLN A 82 5.27 34.56 11.99
CA GLN A 82 6.22 35.60 11.62
C GLN A 82 6.98 36.18 12.81
N PHE A 83 6.84 35.60 14.02
CA PHE A 83 7.66 36.01 15.16
C PHE A 83 9.15 35.92 14.80
N THR A 84 9.92 36.89 15.29
CA THR A 84 11.36 36.90 15.06
C THR A 84 12.09 35.88 15.92
N ASP A 85 11.49 35.47 17.03
CA ASP A 85 12.14 34.57 17.97
C ASP A 85 11.82 33.14 17.56
N PRO A 86 12.76 32.40 16.98
CA PRO A 86 12.41 31.06 16.46
C PRO A 86 12.02 30.08 17.56
N GLN A 87 12.62 30.18 18.73
CA GLN A 87 12.25 29.30 19.84
C GLN A 87 10.84 29.61 20.31
N LEU A 88 10.48 30.90 20.32
CA LEU A 88 9.13 31.32 20.67
C LEU A 88 8.09 30.83 19.66
N ARG A 89 8.42 30.82 18.36
CA ARG A 89 7.49 30.18 17.41
C ARG A 89 7.32 28.70 17.76
N ARG A 90 8.43 28.00 18.04
CA ARG A 90 8.29 26.58 18.38
C ARG A 90 7.44 26.40 19.63
N ILE A 91 7.57 27.32 20.59
CA ILE A 91 6.78 27.23 21.81
C ILE A 91 5.31 27.46 21.50
N ILE A 92 5.02 28.52 20.75
CA ILE A 92 3.62 28.85 20.45
C ILE A 92 3.00 27.77 19.58
N GLY A 93 3.76 27.27 18.60
CA GLY A 93 3.23 26.23 17.74
C GLY A 93 2.83 25.00 18.52
N ALA A 94 3.61 24.64 19.55
CA ALA A 94 3.27 23.49 20.40
C ALA A 94 2.02 23.77 21.22
N VAL A 95 1.95 24.95 21.86
CA VAL A 95 0.88 25.21 22.82
C VAL A 95 -0.46 25.27 22.09
N ARG A 96 -0.46 25.79 20.87
CA ARG A 96 -1.72 25.88 20.12
C ARG A 96 -2.14 24.57 19.44
N THR A 97 -1.35 23.51 19.55
CA THR A 97 -1.77 22.17 19.11
C THR A 97 -2.49 21.52 20.30
N LEU A 98 -3.79 21.27 20.16
CA LEU A 98 -4.58 20.80 21.30
C LEU A 98 -4.66 19.28 21.40
N GLY A 99 -4.59 18.57 20.27
CA GLY A 99 -4.63 17.12 20.40
C GLY A 99 -5.95 16.71 21.02
N SER A 100 -5.89 15.78 21.98
CA SER A 100 -7.11 15.26 22.60
C SER A 100 -7.93 16.33 23.32
N ALA A 101 -7.29 17.45 23.69
CA ALA A 101 -8.02 18.57 24.26
C ALA A 101 -9.03 19.18 23.29
N ASN A 102 -8.99 18.80 22.01
CA ASN A 102 -10.01 19.27 21.10
C ASN A 102 -11.32 18.51 21.28
N LEU A 103 -11.27 17.35 21.90
CA LEU A 103 -12.48 16.54 22.06
C LEU A 103 -13.39 17.15 23.11
N PRO A 104 -14.72 17.00 22.95
CA PRO A 104 -15.62 17.32 24.06
C PRO A 104 -15.34 16.45 25.27
N LEU A 105 -15.73 16.95 26.44
CA LEU A 105 -15.47 16.24 27.69
C LEU A 105 -15.75 14.75 27.61
N ALA A 106 -16.96 14.36 27.25
CA ALA A 106 -17.30 12.94 27.24
C ALA A 106 -16.31 12.14 26.39
N LYS A 107 -15.88 12.71 25.28
CA LYS A 107 -14.98 12.02 24.40
C LYS A 107 -13.56 12.04 24.94
N ARG A 108 -13.20 13.13 25.64
CA ARG A 108 -11.94 13.13 26.39
C ARG A 108 -11.92 11.99 27.39
N GLN A 109 -13.05 11.80 28.10
CA GLN A 109 -13.07 10.76 29.12
C GLN A 109 -13.01 9.39 28.45
N GLN A 110 -13.71 9.22 27.32
CA GLN A 110 -13.64 7.98 26.56
C GLN A 110 -12.20 7.73 26.11
N TYR A 111 -11.56 8.77 25.58
CA TYR A 111 -10.18 8.65 25.09
C TYR A 111 -9.23 8.21 26.20
N ASN A 112 -9.30 8.87 27.36
CA ASN A 112 -8.40 8.57 28.45
C ASN A 112 -8.63 7.17 28.99
N ALA A 113 -9.90 6.75 29.00
CA ALA A 113 -10.21 5.41 29.48
C ALA A 113 -9.72 4.35 28.51
N LEU A 114 -9.81 4.61 27.20
CA LEU A 114 -9.29 3.65 26.24
C LEU A 114 -7.77 3.51 26.40
N LEU A 115 -7.06 4.60 26.61
CA LEU A 115 -5.63 4.46 26.79
C LEU A 115 -5.31 3.61 28.03
N SER A 116 -6.06 3.82 29.13
N SER A 116 -6.04 3.83 29.14
CA SER A 116 -5.80 3.06 30.36
CA SER A 116 -5.83 3.06 30.37
C SER A 116 -6.11 1.58 30.18
C SER A 116 -6.09 1.59 30.14
N GLN A 117 -7.23 1.26 29.51
CA GLN A 117 -7.64 -0.13 29.34
C GLN A 117 -6.72 -0.88 28.38
N MET A 118 -6.35 -0.24 27.27
CA MET A 118 -5.38 -0.87 26.36
C MET A 118 -4.06 -1.11 27.07
N SER A 119 -3.65 -0.16 27.88
CA SER A 119 -2.39 -0.35 28.62
C SER A 119 -2.50 -1.51 29.61
N ARG A 120 -3.64 -1.62 30.30
CA ARG A 120 -3.82 -2.67 31.30
C ARG A 120 -3.88 -4.03 30.63
N ILE A 121 -4.55 -4.11 29.50
CA ILE A 121 -4.67 -5.38 28.79
C ILE A 121 -3.30 -5.87 28.34
N TYR A 122 -2.52 -4.98 27.75
CA TYR A 122 -1.19 -5.41 27.25
C TYR A 122 -0.30 -5.88 28.41
N SER A 123 -0.22 -5.10 29.48
CA SER A 123 0.79 -5.35 30.50
C SER A 123 0.34 -6.34 31.56
N THR A 124 -0.93 -6.77 31.56
CA THR A 124 -1.38 -7.81 32.49
C THR A 124 -1.74 -9.10 31.79
N ALA A 125 -1.65 -9.15 30.48
CA ALA A 125 -1.94 -10.40 29.78
C ALA A 125 -0.98 -11.50 30.20
N LYS A 126 -1.51 -12.71 30.24
CA LYS A 126 -0.81 -13.91 30.66
C LYS A 126 -1.08 -15.01 29.66
N VAL A 127 -0.13 -15.94 29.55
CA VAL A 127 -0.33 -17.21 28.87
C VAL A 127 -0.33 -18.28 29.96
N CYS A 128 -1.28 -19.20 29.88
CA CYS A 128 -1.53 -20.18 30.94
C CYS A 128 -1.46 -21.61 30.44
N LEU A 129 -1.34 -22.53 31.41
CA LEU A 129 -1.51 -23.98 31.23
C LEU A 129 -0.37 -24.64 30.46
N ALA A 134 -3.81 -24.43 37.02
CA ALA A 134 -3.60 -23.50 35.92
C ALA A 134 -2.77 -22.29 36.36
N THR A 135 -1.47 -22.36 36.06
CA THR A 135 -0.48 -21.33 36.34
C THR A 135 -0.08 -20.65 35.02
N CYS A 136 0.46 -19.41 35.12
CA CYS A 136 0.50 -18.51 33.96
C CYS A 136 1.79 -17.73 33.80
N TRP A 137 2.25 -17.62 32.56
CA TRP A 137 3.46 -16.89 32.25
C TRP A 137 3.15 -15.47 31.82
N SER A 138 3.91 -14.51 32.33
CA SER A 138 3.84 -13.15 31.85
C SER A 138 4.77 -12.98 30.65
N LEU A 139 4.62 -11.87 29.93
CA LEU A 139 5.51 -11.58 28.82
C LEU A 139 6.94 -11.42 29.30
N ASP A 140 7.14 -10.50 30.25
CA ASP A 140 8.42 -10.24 30.86
C ASP A 140 8.39 -10.74 32.30
N PRO A 141 9.18 -11.76 32.69
CA PRO A 141 10.29 -12.38 31.95
C PRO A 141 9.98 -13.73 31.27
N ASP A 142 8.85 -14.33 31.62
CA ASP A 142 8.62 -15.73 31.27
C ASP A 142 8.63 -15.98 29.76
N LEU A 143 7.77 -15.29 29.00
CA LEU A 143 7.69 -15.59 27.56
C LEU A 143 8.95 -15.09 26.85
N THR A 144 9.46 -13.96 27.30
CA THR A 144 10.69 -13.42 26.74
C THR A 144 11.82 -14.45 26.80
N ASN A 145 11.98 -15.12 27.95
CA ASN A 145 13.09 -16.06 28.09
C ASN A 145 12.84 -17.31 27.23
N ILE A 146 11.59 -17.69 27.06
CA ILE A 146 11.25 -18.83 26.20
C ILE A 146 11.61 -18.51 24.75
N LEU A 147 11.25 -17.31 24.25
CA LEU A 147 11.58 -16.95 22.87
C LEU A 147 13.10 -16.85 22.70
N ALA A 148 13.80 -16.38 23.73
CA ALA A 148 15.25 -16.20 23.60
C ALA A 148 16.04 -17.50 23.68
N SER A 149 15.59 -18.50 24.44
CA SER A 149 16.45 -19.64 24.75
C SER A 149 15.87 -21.00 24.38
N SER A 150 14.56 -21.17 24.35
CA SER A 150 14.07 -22.45 23.89
C SER A 150 14.38 -22.62 22.40
N ARG A 151 14.64 -23.87 22.03
CA ARG A 151 14.90 -24.27 20.66
C ARG A 151 13.94 -25.36 20.26
N SER A 152 12.87 -25.48 21.03
CA SER A 152 11.80 -26.41 20.75
C SER A 152 10.75 -25.68 19.91
N TYR A 153 10.60 -26.09 18.68
CA TYR A 153 9.66 -25.42 17.79
C TYR A 153 8.26 -25.39 18.41
N ALA A 154 7.80 -26.52 18.93
CA ALA A 154 6.44 -26.54 19.49
C ALA A 154 6.31 -25.64 20.70
N MET A 155 7.37 -25.54 21.50
CA MET A 155 7.34 -24.69 22.68
C MET A 155 7.35 -23.21 22.32
N LEU A 156 8.23 -22.84 21.40
CA LEU A 156 8.24 -21.47 20.93
C LEU A 156 6.89 -21.13 20.34
N LEU A 157 6.27 -22.07 19.63
CA LEU A 157 4.97 -21.83 19.03
C LEU A 157 3.94 -21.60 20.13
N PHE A 158 4.05 -22.31 21.24
CA PHE A 158 3.08 -22.16 22.31
C PHE A 158 3.18 -20.78 22.93
N ALA A 159 4.40 -20.29 23.10
CA ALA A 159 4.58 -18.96 23.67
C ALA A 159 4.14 -17.88 22.68
N TRP A 160 4.47 -18.05 21.40
CA TRP A 160 4.18 -17.03 20.39
C TRP A 160 2.69 -16.92 20.14
N GLU A 161 2.04 -18.05 19.90
CA GLU A 161 0.60 -18.06 19.70
C GLU A 161 -0.11 -17.58 20.96
N GLY A 162 0.28 -18.11 22.11
CA GLY A 162 -0.39 -17.74 23.34
C GLY A 162 -0.35 -16.24 23.60
N TRP A 163 0.82 -15.63 23.41
CA TRP A 163 0.99 -14.20 23.67
C TRP A 163 0.16 -13.37 22.69
N HIS A 164 0.24 -13.71 21.40
CA HIS A 164 -0.46 -12.91 20.39
C HIS A 164 -1.96 -13.01 20.55
N ASN A 165 -2.44 -14.19 20.92
CA ASN A 165 -3.87 -14.37 21.17
C ASN A 165 -4.31 -13.64 22.44
N ALA A 166 -3.51 -13.75 23.50
CA ALA A 166 -3.90 -13.20 24.80
C ALA A 166 -3.91 -11.68 24.78
N ALA A 167 -2.89 -11.07 24.15
CA ALA A 167 -2.76 -9.62 24.11
C ALA A 167 -3.57 -9.00 22.99
N GLY A 168 -3.51 -9.56 21.76
CA GLY A 168 -4.08 -8.90 20.61
C GLY A 168 -5.59 -8.95 20.54
N ILE A 169 -6.18 -10.13 20.76
CA ILE A 169 -7.64 -10.27 20.51
C ILE A 169 -8.44 -9.28 21.32
N PRO A 170 -8.28 -9.17 22.64
CA PRO A 170 -9.13 -8.22 23.39
C PRO A 170 -8.86 -6.76 23.07
N LEU A 171 -7.71 -6.43 22.51
CA LEU A 171 -7.42 -5.03 22.24
C LEU A 171 -8.13 -4.50 21.02
N LYS A 172 -8.57 -5.37 20.10
CA LYS A 172 -8.97 -4.88 18.78
C LYS A 172 -10.13 -3.90 18.86
N PRO A 173 -11.21 -4.17 19.57
CA PRO A 173 -12.31 -3.18 19.57
C PRO A 173 -11.91 -1.87 20.22
N LEU A 174 -11.05 -1.90 21.23
CA LEU A 174 -10.59 -0.65 21.88
C LEU A 174 -9.72 0.14 20.92
N TYR A 175 -8.91 -0.56 20.13
CA TYR A 175 -7.97 0.12 19.25
C TYR A 175 -8.71 0.82 18.12
N GLU A 176 -9.79 0.19 17.63
N GLU A 176 -9.79 0.20 17.63
CA GLU A 176 -10.67 0.81 16.65
CA GLU A 176 -10.62 0.86 16.63
C GLU A 176 -11.24 2.11 17.20
C GLU A 176 -11.22 2.14 17.21
N ASP A 177 -11.74 2.07 18.43
CA ASP A 177 -12.36 3.25 19.04
C ASP A 177 -11.34 4.34 19.31
N PHE A 178 -10.11 3.95 19.69
CA PHE A 178 -9.05 4.92 19.94
C PHE A 178 -8.66 5.64 18.65
N THR A 179 -8.55 4.89 17.55
CA THR A 179 -8.17 5.48 16.27
C THR A 179 -9.15 6.54 15.84
N ALA A 180 -10.45 6.25 15.98
CA ALA A 180 -11.44 7.22 15.54
C ALA A 180 -11.37 8.49 16.38
N LEU A 181 -11.24 8.36 17.69
CA LEU A 181 -11.21 9.54 18.54
C LEU A 181 -9.93 10.32 18.32
N SER A 182 -8.80 9.61 18.23
CA SER A 182 -7.53 10.29 17.95
C SER A 182 -7.65 11.14 16.69
N ASN A 183 -8.15 10.53 15.61
CA ASN A 183 -8.31 11.26 14.35
C ASN A 183 -9.24 12.44 14.51
N GLU A 184 -10.36 12.23 15.19
CA GLU A 184 -11.28 13.34 15.43
C GLU A 184 -10.58 14.51 16.13
N ALA A 185 -9.75 14.20 17.13
CA ALA A 185 -9.02 15.22 17.88
C ALA A 185 -8.06 15.98 16.98
N TYR A 186 -7.22 15.27 16.22
CA TYR A 186 -6.16 15.94 15.46
C TYR A 186 -6.67 16.59 14.19
N LYS A 187 -7.81 16.15 13.67
CA LYS A 187 -8.41 16.84 12.54
C LYS A 187 -8.76 18.28 12.92
N GLN A 188 -9.06 18.54 14.19
N GLN A 188 -9.09 18.54 14.19
CA GLN A 188 -9.34 19.89 14.71
CA GLN A 188 -9.33 19.92 14.60
C GLN A 188 -8.07 20.69 14.98
C GLN A 188 -8.05 20.73 14.64
N ASP A 189 -6.90 20.10 14.79
CA ASP A 189 -5.65 20.83 14.74
C ASP A 189 -5.23 21.11 13.30
N GLY A 190 -6.02 20.66 12.33
CA GLY A 190 -5.74 20.87 10.93
C GLY A 190 -5.09 19.72 10.20
N PHE A 191 -4.91 18.58 10.84
CA PHE A 191 -4.22 17.46 10.21
C PHE A 191 -5.23 16.51 9.59
N THR A 192 -4.84 15.93 8.46
CA THR A 192 -5.77 15.02 7.79
C THR A 192 -6.07 13.77 8.65
N ASP A 193 -5.14 13.38 9.51
CA ASP A 193 -5.28 12.23 10.40
C ASP A 193 -4.10 12.25 11.35
N THR A 194 -4.17 11.38 12.37
CA THR A 194 -3.18 11.42 13.44
C THR A 194 -1.77 11.16 12.90
N GLY A 195 -1.65 10.24 11.93
CA GLY A 195 -0.34 9.93 11.40
C GLY A 195 0.35 11.11 10.78
N ALA A 196 -0.45 11.98 10.11
CA ALA A 196 0.11 13.20 9.53
C ALA A 196 0.66 14.10 10.62
N TYR A 197 -0.02 14.14 11.76
CA TYR A 197 0.50 14.88 12.89
C TYR A 197 1.82 14.26 13.37
N TRP A 198 1.83 12.94 13.60
CA TRP A 198 3.07 12.28 14.01
C TRP A 198 4.23 12.57 13.05
N ARG A 199 3.97 12.50 11.74
CA ARG A 199 5.03 12.71 10.76
C ARG A 199 5.49 14.16 10.73
N SER A 200 4.63 15.08 11.15
CA SER A 200 5.00 16.50 11.12
C SER A 200 6.16 16.80 12.05
N TRP A 201 6.45 15.94 13.03
CA TRP A 201 7.53 16.19 13.96
C TRP A 201 8.89 16.22 13.27
N TYR A 202 9.00 15.70 12.06
CA TYR A 202 10.29 15.64 11.38
C TYR A 202 10.48 16.82 10.44
N ASN A 203 9.46 17.66 10.33
N ASN A 203 9.49 17.70 10.31
CA ASN A 203 9.48 18.89 9.54
CA ASN A 203 9.63 18.95 9.58
C ASN A 203 10.29 18.72 8.26
C ASN A 203 10.36 18.75 8.25
N SER A 204 9.80 17.84 7.44
CA SER A 204 10.40 17.50 6.16
C SER A 204 9.27 17.18 5.19
N PRO A 205 9.06 17.99 4.15
CA PRO A 205 7.94 17.70 3.23
C PRO A 205 8.08 16.38 2.51
N THR A 206 9.29 15.84 2.40
CA THR A 206 9.53 14.59 1.69
C THR A 206 9.87 13.44 2.64
N PHE A 207 9.26 13.38 3.83
CA PHE A 207 9.69 12.41 4.84
C PHE A 207 9.56 10.98 4.31
N GLU A 208 8.38 10.62 3.80
CA GLU A 208 8.16 9.23 3.44
C GLU A 208 9.05 8.80 2.28
N ASP A 209 9.28 9.71 1.33
CA ASP A 209 10.18 9.40 0.21
C ASP A 209 11.61 9.27 0.70
N ASP A 210 12.03 10.16 1.60
CA ASP A 210 13.37 10.08 2.18
C ASP A 210 13.60 8.74 2.89
N LEU A 211 12.59 8.27 3.63
CA LEU A 211 12.71 7.01 4.35
C LEU A 211 12.79 5.86 3.36
N GLU A 212 11.96 5.92 2.32
N GLU A 212 11.97 5.89 2.32
CA GLU A 212 11.94 4.87 1.31
CA GLU A 212 11.99 4.80 1.35
C GLU A 212 13.30 4.76 0.63
C GLU A 212 13.34 4.74 0.64
N HIS A 213 13.98 5.90 0.41
CA HIS A 213 15.30 5.89 -0.24
C HIS A 213 16.37 5.33 0.67
N LEU A 214 16.25 5.57 1.98
CA LEU A 214 17.15 4.95 2.95
C LEU A 214 16.97 3.45 2.94
N TYR A 215 15.70 3.00 2.99
CA TYR A 215 15.44 1.58 3.05
C TYR A 215 15.96 0.88 1.79
N GLN A 216 15.85 1.52 0.61
CA GLN A 216 16.38 0.91 -0.60
C GLN A 216 17.87 0.62 -0.46
N GLN A 217 18.60 1.48 0.25
CA GLN A 217 20.04 1.27 0.39
C GLN A 217 20.33 0.14 1.37
N LEU A 218 19.45 -0.07 2.34
CA LEU A 218 19.68 -1.01 3.42
C LEU A 218 19.17 -2.39 3.13
N GLU A 219 18.14 -2.49 2.28
CA GLU A 219 17.47 -3.77 2.09
C GLU A 219 18.40 -4.89 1.64
N PRO A 220 19.40 -4.67 0.79
CA PRO A 220 20.31 -5.78 0.42
C PRO A 220 21.02 -6.39 1.62
N LEU A 221 21.33 -5.57 2.60
CA LEU A 221 22.02 -6.08 3.79
C LEU A 221 21.08 -6.96 4.58
N TYR A 222 19.82 -6.54 4.70
CA TYR A 222 18.87 -7.38 5.39
C TYR A 222 18.63 -8.67 4.60
N LEU A 223 18.50 -8.59 3.27
CA LEU A 223 18.21 -9.79 2.50
C LEU A 223 19.30 -10.85 2.66
N ASN A 224 20.55 -10.42 2.69
CA ASN A 224 21.63 -11.39 2.88
C ASN A 224 21.71 -11.91 4.31
N LEU A 225 21.48 -11.05 5.31
CA LEU A 225 21.45 -11.56 6.68
C LEU A 225 20.35 -12.57 6.84
N HIS A 226 19.20 -12.28 6.25
CA HIS A 226 18.04 -13.16 6.31
C HIS A 226 18.34 -14.51 5.70
N ALA A 227 18.94 -14.52 4.51
CA ALA A 227 19.17 -15.79 3.84
C ALA A 227 20.14 -16.67 4.63
N PHE A 228 21.08 -16.02 5.28
CA PHE A 228 22.13 -16.72 6.00
C PHE A 228 21.59 -17.30 7.30
N VAL A 229 20.84 -16.49 8.04
CA VAL A 229 20.10 -16.96 9.22
C VAL A 229 19.14 -18.09 8.86
N ARG A 230 18.39 -17.93 7.77
CA ARG A 230 17.43 -18.95 7.38
C ARG A 230 18.11 -20.31 7.15
N ARG A 231 19.28 -20.30 6.50
CA ARG A 231 20.08 -21.51 6.33
C ARG A 231 20.46 -22.13 7.67
N ALA A 232 20.92 -21.30 8.63
CA ALA A 232 21.27 -21.81 9.95
C ALA A 232 20.08 -22.42 10.63
N LEU A 233 18.90 -21.78 10.49
CA LEU A 233 17.70 -22.35 11.09
C LEU A 233 17.28 -23.66 10.42
N HIS A 234 17.51 -23.77 9.11
CA HIS A 234 17.16 -24.99 8.39
C HIS A 234 18.00 -26.14 8.91
N ARG A 235 19.28 -25.89 9.17
CA ARG A 235 20.14 -26.95 9.69
C ARG A 235 19.69 -27.43 11.06
N ARG A 236 19.07 -26.58 11.88
CA ARG A 236 18.59 -27.01 13.19
C ARG A 236 17.18 -27.57 13.16
N TYR A 237 16.26 -26.93 12.43
CA TYR A 237 14.85 -27.31 12.51
C TYR A 237 14.43 -28.22 11.37
N GLY A 238 15.19 -28.27 10.29
CA GLY A 238 14.88 -29.16 9.20
C GLY A 238 13.92 -28.59 8.18
N ASP A 239 13.84 -29.29 7.05
CA ASP A 239 13.09 -28.83 5.89
C ASP A 239 11.58 -28.84 6.10
N ARG A 240 11.08 -29.49 7.15
CA ARG A 240 9.65 -29.44 7.40
C ARG A 240 9.22 -28.08 7.95
N TYR A 241 10.07 -27.44 8.74
CA TYR A 241 9.68 -26.20 9.41
C TYR A 241 10.38 -24.96 8.85
N ILE A 242 11.39 -25.12 7.99
CA ILE A 242 12.11 -24.01 7.37
C ILE A 242 12.10 -24.23 5.86
N ASN A 243 11.66 -23.23 5.13
CA ASN A 243 11.61 -23.27 3.68
C ASN A 243 12.72 -22.38 3.18
N LEU A 244 13.69 -22.96 2.50
CA LEU A 244 14.83 -22.17 2.06
C LEU A 244 14.47 -21.15 1.01
N ARG A 245 13.24 -21.12 0.54
CA ARG A 245 12.81 -20.14 -0.43
C ARG A 245 11.55 -19.38 0.01
N GLY A 246 11.17 -19.52 1.28
CA GLY A 246 10.01 -18.89 1.84
C GLY A 246 10.34 -18.07 3.07
N PRO A 247 9.32 -17.45 3.65
CA PRO A 247 9.52 -16.64 4.85
C PRO A 247 9.89 -17.52 6.03
N ILE A 248 10.60 -16.91 6.98
CA ILE A 248 10.99 -17.60 8.21
C ILE A 248 9.81 -17.58 9.17
N PRO A 249 9.48 -18.70 9.81
CA PRO A 249 8.47 -18.69 10.86
C PRO A 249 8.81 -17.68 11.95
N ALA A 250 7.80 -16.91 12.34
CA ALA A 250 8.05 -15.66 13.07
C ALA A 250 8.46 -15.86 14.52
N HIS A 251 8.47 -17.11 15.02
CA HIS A 251 8.74 -17.40 16.41
C HIS A 251 10.15 -17.96 16.62
N LEU A 252 10.96 -18.03 15.57
CA LEU A 252 12.24 -18.74 15.63
C LEU A 252 13.47 -17.86 15.69
N LEU A 253 13.31 -16.55 15.85
CA LEU A 253 14.41 -15.61 15.68
C LEU A 253 14.84 -14.99 16.99
N GLY A 254 14.36 -15.53 18.12
CA GLY A 254 14.89 -15.15 19.41
C GLY A 254 14.08 -14.15 20.18
N ASP A 255 13.00 -13.64 19.59
CA ASP A 255 12.33 -12.42 20.04
C ASP A 255 10.85 -12.54 19.68
N MET A 256 9.97 -12.10 20.56
CA MET A 256 8.53 -12.32 20.34
C MET A 256 8.06 -11.67 19.03
N TRP A 257 8.74 -10.61 18.60
CA TRP A 257 8.36 -9.86 17.38
C TRP A 257 9.33 -10.11 16.22
N ALA A 258 10.30 -11.02 16.40
CA ALA A 258 11.36 -11.23 15.41
C ALA A 258 12.04 -9.92 15.05
N GLN A 259 12.12 -8.97 15.98
CA GLN A 259 12.60 -7.64 15.63
C GLN A 259 14.10 -7.49 15.86
N SER A 260 14.67 -8.25 16.79
N SER A 260 14.68 -8.30 16.73
CA SER A 260 16.11 -8.36 17.03
CA SER A 260 16.11 -8.34 16.97
C SER A 260 16.44 -9.84 17.08
C SER A 260 16.47 -9.81 17.13
N TRP A 261 17.55 -10.23 16.47
CA TRP A 261 17.90 -11.63 16.34
C TRP A 261 19.15 -11.99 17.16
N GLU A 262 19.59 -11.10 18.05
N GLU A 262 19.55 -11.13 18.07
CA GLU A 262 20.78 -11.34 18.86
CA GLU A 262 20.82 -11.34 18.76
C GLU A 262 20.75 -12.72 19.49
C GLU A 262 20.77 -12.56 19.67
N ASN A 263 19.59 -13.10 20.03
CA ASN A 263 19.48 -14.34 20.78
C ASN A 263 19.71 -15.61 20.00
N ILE A 264 19.75 -15.58 18.69
CA ILE A 264 20.10 -16.80 17.98
C ILE A 264 21.57 -16.74 17.54
N TYR A 265 22.32 -15.83 18.11
CA TYR A 265 23.73 -15.69 17.72
C TYR A 265 24.49 -17.00 17.83
N ASP A 266 24.17 -17.83 18.83
CA ASP A 266 24.95 -19.07 18.95
C ASP A 266 24.70 -20.03 17.78
N MET A 267 23.55 -19.93 17.10
CA MET A 267 23.31 -20.79 15.95
C MET A 267 23.92 -20.28 14.69
N VAL A 268 24.28 -19.00 14.64
CA VAL A 268 24.71 -18.37 13.40
C VAL A 268 26.18 -17.96 13.42
N VAL A 269 26.82 -17.93 14.58
CA VAL A 269 28.20 -17.45 14.73
C VAL A 269 29.13 -18.17 13.77
N PRO A 270 29.78 -17.47 12.83
CA PRO A 270 30.57 -18.18 11.82
C PRO A 270 31.88 -18.77 12.34
N PHE A 271 32.48 -18.26 13.42
CA PHE A 271 33.79 -18.75 13.89
C PHE A 271 33.71 -19.02 15.39
N PRO A 272 33.13 -20.16 15.77
CA PRO A 272 32.89 -20.45 17.20
C PRO A 272 34.15 -20.59 18.04
N ASP A 273 35.32 -20.73 17.42
CA ASP A 273 36.58 -20.87 18.15
C ASP A 273 37.11 -19.56 18.71
N LYS A 274 36.61 -18.44 18.22
CA LYS A 274 37.00 -17.12 18.70
C LYS A 274 36.30 -16.83 20.02
N PRO A 275 36.67 -15.72 20.69
CA PRO A 275 36.01 -15.38 21.96
C PRO A 275 34.50 -15.28 21.80
N ASN A 276 33.79 -15.71 22.83
CA ASN A 276 32.34 -15.68 22.82
C ASN A 276 31.88 -14.25 23.10
N LEU A 277 31.32 -13.60 22.08
CA LEU A 277 30.98 -12.19 22.22
C LEU A 277 29.66 -11.94 22.94
N ASP A 278 28.87 -12.97 23.19
CA ASP A 278 27.70 -12.81 24.05
C ASP A 278 28.15 -13.09 25.47
N VAL A 279 28.30 -12.04 26.25
CA VAL A 279 28.88 -12.13 27.57
C VAL A 279 27.82 -12.35 28.65
N THR A 280 26.58 -12.70 28.27
CA THR A 280 25.54 -12.89 29.28
C THR A 280 25.98 -13.86 30.39
N SER A 281 26.46 -15.03 30.01
CA SER A 281 26.90 -16.02 31.01
C SER A 281 27.99 -15.48 31.94
N THR A 282 28.92 -14.70 31.40
CA THR A 282 29.94 -14.08 32.25
C THR A 282 29.30 -13.11 33.21
N MET A 283 28.24 -12.40 32.78
CA MET A 283 27.57 -11.53 33.73
C MET A 283 26.91 -12.36 34.83
N LEU A 284 26.35 -13.51 34.47
CA LEU A 284 25.69 -14.37 35.44
C LEU A 284 26.74 -14.98 36.37
N GLN A 285 27.67 -15.73 35.79
CA GLN A 285 28.84 -16.23 36.50
C GLN A 285 29.39 -15.19 37.48
N GLN A 286 29.42 -13.92 37.08
CA GLN A 286 29.98 -12.87 37.92
C GLN A 286 29.02 -12.22 38.91
N GLY A 287 27.74 -12.59 38.91
CA GLY A 287 26.82 -12.01 39.88
C GLY A 287 26.35 -10.60 39.58
N TRP A 288 26.35 -10.22 38.30
CA TRP A 288 25.79 -8.93 37.94
C TRP A 288 24.31 -8.89 38.33
N GLN A 289 23.90 -7.78 38.90
CA GLN A 289 22.50 -7.47 39.14
C GLN A 289 22.13 -6.16 38.43
N ALA A 290 20.84 -5.83 38.47
CA ALA A 290 20.37 -4.62 37.79
C ALA A 290 21.16 -3.40 38.21
N THR A 291 21.35 -3.19 39.50
CA THR A 291 21.92 -1.90 39.88
C THR A 291 23.38 -1.79 39.43
N HIS A 292 24.05 -2.91 39.20
CA HIS A 292 25.40 -2.87 38.66
C HIS A 292 25.37 -2.47 37.20
N MET A 293 24.39 -3.00 36.46
CA MET A 293 24.23 -2.60 35.06
C MET A 293 24.01 -1.09 34.96
N PHE A 294 23.17 -0.53 35.83
CA PHE A 294 22.91 0.91 35.75
C PHE A 294 24.12 1.75 36.16
N ARG A 295 24.90 1.27 37.13
CA ARG A 295 26.10 2.02 37.51
C ARG A 295 27.19 1.95 36.45
N VAL A 296 27.30 0.83 35.76
CA VAL A 296 28.29 0.74 34.69
C VAL A 296 27.89 1.66 33.54
N ALA A 297 26.60 1.71 33.24
CA ALA A 297 26.14 2.63 32.21
C ALA A 297 26.45 4.04 32.61
N GLU A 298 26.13 4.40 33.85
CA GLU A 298 26.32 5.77 34.31
C GLU A 298 27.77 6.20 34.18
N GLU A 299 28.65 5.28 34.50
CA GLU A 299 30.05 5.66 34.53
C GLU A 299 30.60 5.90 33.13
N PHE A 300 30.03 5.24 32.10
CA PHE A 300 30.37 5.62 30.73
C PHE A 300 30.01 7.08 30.47
N PHE A 301 28.78 7.46 30.83
CA PHE A 301 28.35 8.86 30.70
C PHE A 301 29.30 9.80 31.44
N THR A 302 29.69 9.47 32.67
CA THR A 302 30.53 10.42 33.40
C THR A 302 31.94 10.43 32.83
N SER A 303 32.38 9.31 32.23
CA SER A 303 33.66 9.26 31.53
C SER A 303 33.75 10.30 30.42
N LEU A 304 32.62 10.64 29.83
CA LEU A 304 32.54 11.63 28.77
C LEU A 304 32.34 13.02 29.33
N GLU A 305 32.29 13.15 30.66
CA GLU A 305 31.99 14.43 31.30
C GLU A 305 30.53 14.83 31.08
N LEU A 306 29.67 13.86 30.89
CA LEU A 306 28.24 14.11 30.97
C LEU A 306 27.80 13.86 32.43
N SER A 307 26.48 14.04 32.72
CA SER A 307 26.06 14.08 34.12
C SER A 307 25.87 12.69 34.71
N PRO A 308 26.20 12.49 35.98
CA PRO A 308 25.78 11.26 36.67
C PRO A 308 24.27 11.31 36.87
N MET A 309 23.72 10.18 37.22
CA MET A 309 22.28 10.14 37.60
C MET A 309 22.12 10.80 38.97
N PRO A 310 21.19 11.73 39.14
CA PRO A 310 21.00 12.37 40.45
C PRO A 310 20.48 11.40 41.50
N PRO A 311 20.55 11.78 42.78
CA PRO A 311 20.03 10.90 43.83
C PRO A 311 18.56 10.57 43.66
N GLU A 312 17.77 11.56 43.22
CA GLU A 312 16.35 11.36 42.93
C GLU A 312 16.12 10.23 41.95
N PHE A 313 17.03 10.04 40.98
CA PHE A 313 16.96 8.90 40.07
C PHE A 313 17.14 7.58 40.83
N TRP A 314 18.20 7.50 41.66
CA TRP A 314 18.41 6.23 42.36
C TRP A 314 17.32 5.97 43.38
N GLU A 315 16.79 7.02 44.00
CA GLU A 315 15.79 6.79 45.04
C GLU A 315 14.42 6.49 44.44
N GLY A 316 14.11 7.04 43.26
CA GLY A 316 12.78 6.88 42.67
C GLY A 316 12.59 5.75 41.68
N SER A 317 13.67 5.29 41.05
CA SER A 317 13.57 4.38 39.92
C SER A 317 13.12 2.98 40.34
N MET A 318 12.55 2.27 39.38
CA MET A 318 12.16 0.88 39.52
C MET A 318 13.02 0.04 38.57
N LEU A 319 14.08 -0.58 39.11
CA LEU A 319 15.09 -1.20 38.25
C LEU A 319 14.95 -2.70 38.16
N GLU A 320 14.03 -3.28 38.93
CA GLU A 320 13.74 -4.71 38.87
C GLU A 320 12.24 -4.86 38.90
N LYS A 321 11.75 -5.95 38.35
CA LYS A 321 10.34 -6.26 38.47
C LYS A 321 9.99 -6.49 39.95
N PRO A 322 8.97 -5.82 40.48
CA PRO A 322 8.59 -6.04 41.89
C PRO A 322 8.32 -7.49 42.24
N ALA A 323 8.89 -7.91 43.35
CA ALA A 323 8.72 -9.26 43.86
C ALA A 323 7.48 -9.38 44.71
N ASP A 324 6.87 -8.25 45.11
CA ASP A 324 5.69 -8.26 45.96
C ASP A 324 4.46 -8.67 45.18
N GLY A 325 4.66 -9.29 44.02
CA GLY A 325 3.58 -9.76 43.18
C GLY A 325 2.97 -8.74 42.22
N ARG A 326 2.86 -7.48 42.67
CA ARG A 326 1.97 -6.52 42.03
C ARG A 326 2.30 -6.32 40.56
N GLU A 327 1.26 -5.98 39.79
CA GLU A 327 1.37 -5.81 38.34
C GLU A 327 1.97 -4.46 38.01
N VAL A 328 2.90 -4.46 37.05
CA VAL A 328 3.56 -3.24 36.59
C VAL A 328 3.61 -3.32 35.06
N VAL A 329 3.81 -2.16 34.43
CA VAL A 329 4.22 -2.11 33.03
C VAL A 329 5.71 -2.45 32.99
N CYS A 330 6.07 -3.56 32.37
CA CYS A 330 7.46 -3.98 32.40
C CYS A 330 8.29 -3.44 31.24
N HIS A 331 7.65 -2.96 30.18
CA HIS A 331 8.40 -2.39 29.08
C HIS A 331 9.21 -1.21 29.60
N ALA A 332 10.52 -1.24 29.35
CA ALA A 332 11.39 -0.23 29.94
C ALA A 332 11.00 1.15 29.46
N SER A 333 11.14 2.14 30.36
CA SER A 333 10.82 3.50 29.98
C SER A 333 11.56 4.44 30.89
N ALA A 334 11.70 5.67 30.40
CA ALA A 334 12.46 6.73 31.02
C ALA A 334 11.57 7.94 31.18
N TRP A 335 11.61 8.56 32.36
CA TRP A 335 10.58 9.48 32.81
C TRP A 335 11.18 10.81 33.17
N ASP A 336 10.66 11.86 32.56
CA ASP A 336 10.91 13.24 32.96
C ASP A 336 9.64 13.73 33.67
N PHE A 337 9.75 14.11 34.95
CA PHE A 337 8.63 14.67 35.70
C PHE A 337 8.45 16.19 35.52
N TYR A 338 9.23 16.82 34.66
CA TYR A 338 9.10 18.23 34.30
C TYR A 338 9.17 19.18 35.50
N ASN A 339 9.78 18.77 36.62
CA ASN A 339 10.09 19.68 37.71
C ASN A 339 11.59 19.98 37.81
N ARG A 340 12.41 19.48 36.90
CA ARG A 340 13.86 19.70 36.83
C ARG A 340 14.62 18.99 37.94
N LYS A 341 13.98 18.05 38.65
CA LYS A 341 14.56 17.36 39.79
C LYS A 341 14.37 15.86 39.66
N ASP A 342 13.15 15.44 39.34
CA ASP A 342 12.84 14.03 39.29
C ASP A 342 12.96 13.49 37.87
N PHE A 343 13.75 12.42 37.75
CA PHE A 343 13.94 11.67 36.50
C PHE A 343 14.12 10.23 36.92
N ARG A 344 13.44 9.29 36.26
CA ARG A 344 13.51 7.91 36.69
C ARG A 344 13.45 6.98 35.51
N ILE A 345 13.90 5.77 35.74
CA ILE A 345 13.71 4.67 34.81
C ILE A 345 12.87 3.62 35.51
N LYS A 346 11.91 3.07 34.77
CA LYS A 346 11.15 1.89 35.13
C LYS A 346 11.54 0.77 34.17
N GLN A 347 12.25 -0.24 34.66
CA GLN A 347 12.68 -1.36 33.84
C GLN A 347 12.64 -2.63 34.66
N CYS A 348 12.06 -3.69 34.10
CA CYS A 348 12.05 -5.03 34.69
C CYS A 348 13.34 -5.73 34.24
N THR A 349 14.44 -5.16 34.72
CA THR A 349 15.77 -5.49 34.22
C THR A 349 16.09 -6.96 34.45
N ARG A 350 16.53 -7.63 33.39
CA ARG A 350 17.10 -8.98 33.47
C ARG A 350 18.60 -8.92 33.18
N VAL A 351 19.34 -9.80 33.82
CA VAL A 351 20.81 -9.76 33.73
C VAL A 351 21.25 -10.45 32.43
N THR A 352 21.38 -9.66 31.36
CA THR A 352 21.72 -10.21 30.05
C THR A 352 22.45 -9.09 29.31
N MET A 353 23.20 -9.49 28.28
CA MET A 353 23.94 -8.51 27.48
C MET A 353 22.98 -7.54 26.76
N ASP A 354 21.92 -8.06 26.14
CA ASP A 354 21.00 -7.14 25.46
C ASP A 354 20.32 -6.18 26.45
N GLN A 355 20.08 -6.62 27.69
CA GLN A 355 19.51 -5.75 28.71
C GLN A 355 20.49 -4.67 29.11
N LEU A 356 21.77 -5.00 29.18
CA LEU A 356 22.75 -3.98 29.42
C LEU A 356 22.68 -2.91 28.34
N SER A 357 22.50 -3.31 27.08
CA SER A 357 22.32 -2.33 26.03
C SER A 357 21.06 -1.52 26.25
N THR A 358 19.95 -2.19 26.62
CA THR A 358 18.71 -1.45 26.89
C THR A 358 18.87 -0.49 28.05
N VAL A 359 19.66 -0.84 29.07
CA VAL A 359 19.93 0.09 30.17
C VAL A 359 20.58 1.35 29.64
N HIS A 360 21.54 1.20 28.71
CA HIS A 360 22.16 2.38 28.12
C HIS A 360 21.18 3.21 27.28
N HIS A 361 20.34 2.53 26.49
CA HIS A 361 19.28 3.18 25.74
C HIS A 361 18.45 4.08 26.64
N GLU A 362 17.94 3.51 27.74
CA GLU A 362 17.11 4.26 28.66
C GLU A 362 17.91 5.33 29.39
N MET A 363 19.16 5.05 29.80
CA MET A 363 19.90 6.13 30.42
C MET A 363 20.23 7.26 29.43
N GLY A 364 20.33 6.96 28.13
CA GLY A 364 20.47 8.03 27.16
C GLY A 364 19.29 8.99 27.16
N HIS A 365 18.07 8.45 27.30
CA HIS A 365 16.89 9.29 27.48
C HIS A 365 17.05 10.20 28.69
N ILE A 366 17.45 9.62 29.84
CA ILE A 366 17.62 10.44 31.04
C ILE A 366 18.65 11.53 30.83
N GLN A 367 19.81 11.19 30.22
CA GLN A 367 20.82 12.19 30.00
C GLN A 367 20.28 13.35 29.17
N TYR A 368 19.48 13.04 28.13
CA TYR A 368 18.88 14.12 27.36
C TYR A 368 18.09 15.03 28.30
N TYR A 369 17.26 14.41 29.17
CA TYR A 369 16.41 15.16 30.09
C TYR A 369 17.25 16.05 31.00
N LEU A 370 18.33 15.47 31.57
CA LEU A 370 19.21 16.24 32.45
C LEU A 370 19.84 17.42 31.73
N GLN A 371 20.17 17.26 30.45
CA GLN A 371 20.90 18.32 29.74
C GLN A 371 19.99 19.45 29.25
N TYR A 372 18.73 19.16 28.97
CA TYR A 372 17.85 20.21 28.50
C TYR A 372 16.78 20.62 29.51
N LYS A 373 16.98 20.28 30.80
CA LYS A 373 15.96 20.51 31.82
C LYS A 373 15.70 21.99 32.06
N ASP A 374 16.60 22.86 31.62
CA ASP A 374 16.44 24.30 31.85
C ASP A 374 15.97 25.05 30.61
N LEU A 375 15.64 24.35 29.54
CA LEU A 375 14.91 24.99 28.45
C LEU A 375 13.44 25.13 28.83
N PRO A 376 12.71 25.98 28.10
CA PRO A 376 11.25 26.00 28.25
C PRO A 376 10.66 24.60 28.07
N VAL A 377 9.59 24.33 28.81
CA VAL A 377 9.01 22.99 28.84
C VAL A 377 8.72 22.48 27.45
N SER A 378 8.27 23.35 26.54
CA SER A 378 7.86 22.90 25.21
C SER A 378 9.04 22.39 24.39
N LEU A 379 10.25 22.83 24.73
CA LEU A 379 11.48 22.54 24.01
C LEU A 379 12.29 21.43 24.66
N ARG A 380 11.75 20.80 25.69
CA ARG A 380 12.34 19.66 26.37
C ARG A 380 11.91 18.39 25.65
N ARG A 381 12.49 18.25 24.45
CA ARG A 381 12.25 17.15 23.55
C ARG A 381 13.52 16.95 22.74
N GLY A 382 13.61 15.85 22.03
CA GLY A 382 14.76 15.67 21.16
C GLY A 382 14.65 16.59 19.96
N ALA A 383 15.78 16.87 19.30
CA ALA A 383 15.71 17.66 18.06
C ALA A 383 14.70 17.06 17.09
N ASN A 384 14.65 15.72 17.03
CA ASN A 384 13.45 15.01 16.59
C ASN A 384 13.36 13.76 17.41
N PRO A 385 12.24 13.04 17.44
CA PRO A 385 12.15 11.87 18.31
C PRO A 385 13.21 10.81 18.05
N GLY A 386 13.73 10.72 16.83
CA GLY A 386 14.75 9.72 16.54
C GLY A 386 16.06 10.07 17.21
N PHE A 387 16.30 11.36 17.47
CA PHE A 387 17.50 11.76 18.24
C PHE A 387 17.46 11.19 19.65
N HIS A 388 16.30 11.30 20.33
CA HIS A 388 16.17 10.80 21.69
C HIS A 388 16.45 9.31 21.74
N GLU A 389 15.93 8.56 20.76
CA GLU A 389 16.17 7.13 20.75
C GLU A 389 17.61 6.77 20.45
N ALA A 390 18.38 7.66 19.84
CA ALA A 390 19.70 7.27 19.39
C ALA A 390 20.79 7.45 20.42
N ILE A 391 20.58 8.29 21.44
CA ILE A 391 21.68 8.72 22.30
C ILE A 391 22.31 7.51 22.99
N GLY A 392 21.50 6.73 23.71
CA GLY A 392 22.06 5.61 24.47
C GLY A 392 22.57 4.50 23.60
N ASP A 393 21.96 4.31 22.42
CA ASP A 393 22.44 3.30 21.48
C ASP A 393 23.88 3.62 21.02
N VAL A 394 24.19 4.91 20.82
CA VAL A 394 25.54 5.32 20.39
C VAL A 394 26.58 4.90 21.40
N LEU A 395 26.36 5.21 22.68
CA LEU A 395 27.29 4.75 23.70
C LEU A 395 27.35 3.23 23.71
N ALA A 396 26.20 2.56 23.62
CA ALA A 396 26.23 1.11 23.63
C ALA A 396 27.03 0.55 22.47
N LEU A 397 27.16 1.29 21.36
CA LEU A 397 28.00 0.80 20.27
C LEU A 397 29.43 0.68 20.73
N SER A 398 29.87 1.64 21.55
CA SER A 398 31.24 1.57 22.10
C SER A 398 31.35 0.46 23.14
N VAL A 399 30.34 0.35 24.00
CA VAL A 399 30.39 -0.60 25.12
C VAL A 399 30.53 -2.04 24.63
N SER A 400 29.88 -2.39 23.52
CA SER A 400 29.85 -3.77 23.06
C SER A 400 31.11 -4.19 22.29
N THR A 401 31.99 -3.27 21.97
CA THR A 401 33.22 -3.65 21.30
C THR A 401 34.03 -4.62 22.17
N PRO A 402 34.70 -5.60 21.57
CA PRO A 402 35.46 -6.55 22.40
C PRO A 402 36.50 -5.87 23.28
N GLU A 403 37.07 -4.77 22.82
CA GLU A 403 38.07 -4.09 23.62
C GLU A 403 37.42 -3.43 24.84
N HIS A 404 36.22 -2.89 24.68
CA HIS A 404 35.59 -2.26 25.84
C HIS A 404 35.12 -3.31 26.84
N LEU A 405 34.56 -4.41 26.35
CA LEU A 405 34.12 -5.48 27.22
C LEU A 405 35.31 -6.02 28.02
N HIS A 406 36.47 -6.08 27.40
CA HIS A 406 37.67 -6.45 28.14
C HIS A 406 37.95 -5.48 29.28
N LYS A 407 37.87 -4.17 28.99
CA LYS A 407 38.14 -3.17 30.02
C LYS A 407 37.22 -3.33 31.22
N ILE A 408 35.95 -3.68 31.02
CA ILE A 408 35.02 -3.76 32.15
C ILE A 408 34.87 -5.20 32.68
N GLY A 409 35.76 -6.09 32.29
CA GLY A 409 35.88 -7.37 32.95
C GLY A 409 34.98 -8.46 32.42
N LEU A 410 34.42 -8.28 31.22
CA LEU A 410 33.41 -9.18 30.66
C LEU A 410 33.95 -10.01 29.51
N LEU A 411 35.23 -9.82 29.14
CA LEU A 411 35.80 -10.58 28.04
C LEU A 411 37.29 -10.64 28.33
N ASP A 412 37.74 -11.74 28.92
CA ASP A 412 39.14 -11.81 29.33
C ASP A 412 40.05 -11.90 28.11
N ARG A 413 39.64 -12.63 27.09
CA ARG A 413 40.42 -12.80 25.88
C ARG A 413 40.04 -11.76 24.83
N VAL A 414 41.04 -11.06 24.28
CA VAL A 414 40.76 -10.16 23.16
C VAL A 414 41.60 -10.59 21.97
N THR A 415 41.09 -10.30 20.78
CA THR A 415 41.66 -10.75 19.53
C THR A 415 41.34 -9.68 18.50
N ASN A 416 42.29 -9.39 17.62
CA ASN A 416 42.05 -8.44 16.53
C ASN A 416 42.44 -9.19 15.27
N ASP A 417 41.47 -9.89 14.68
CA ASP A 417 41.68 -10.63 13.45
C ASP A 417 40.38 -10.62 12.65
N THR A 418 40.47 -11.05 11.40
CA THR A 418 39.34 -10.90 10.49
C THR A 418 38.17 -11.78 10.89
N GLU A 419 38.46 -12.97 11.44
CA GLU A 419 37.39 -13.85 11.92
C GLU A 419 36.63 -13.22 13.07
N SER A 420 37.37 -12.70 14.05
CA SER A 420 36.76 -12.04 15.18
C SER A 420 35.94 -10.84 14.72
N ASP A 421 36.43 -10.10 13.73
CA ASP A 421 35.67 -8.97 13.19
C ASP A 421 34.34 -9.43 12.60
N ILE A 422 34.38 -10.50 11.80
CA ILE A 422 33.15 -10.98 11.17
C ILE A 422 32.15 -11.43 12.24
N ASN A 423 32.64 -12.15 13.26
CA ASN A 423 31.79 -12.57 14.39
C ASN A 423 31.11 -11.36 15.01
N TYR A 424 31.90 -10.33 15.30
CA TYR A 424 31.37 -9.14 15.94
C TYR A 424 30.38 -8.43 15.04
N LEU A 425 30.76 -8.18 13.79
CA LEU A 425 29.84 -7.50 12.89
C LEU A 425 28.57 -8.29 12.62
N LEU A 426 28.67 -9.61 12.58
CA LEU A 426 27.49 -10.43 12.41
C LEU A 426 26.59 -10.32 13.63
N LYS A 427 27.17 -10.38 14.82
CA LYS A 427 26.36 -10.20 16.02
C LYS A 427 25.68 -8.83 16.05
N MET A 428 26.44 -7.77 15.74
CA MET A 428 25.80 -6.44 15.64
C MET A 428 24.73 -6.37 14.54
N ALA A 429 24.90 -7.08 13.43
CA ALA A 429 23.88 -7.07 12.39
C ALA A 429 22.60 -7.76 12.85
N LEU A 430 22.72 -8.80 13.67
CA LEU A 430 21.53 -9.44 14.21
C LEU A 430 20.71 -8.46 15.04
N GLU A 431 21.38 -7.53 15.70
CA GLU A 431 20.73 -6.53 16.53
C GLU A 431 20.25 -5.33 15.72
N LYS A 432 21.05 -4.88 14.76
CA LYS A 432 20.81 -3.58 14.12
C LYS A 432 20.24 -3.73 12.72
N ILE A 433 20.77 -4.63 11.89
N ILE A 433 20.79 -4.63 11.89
CA ILE A 433 20.25 -4.77 10.53
CA ILE A 433 20.26 -4.78 10.52
C ILE A 433 18.92 -5.52 10.54
C ILE A 433 18.92 -5.51 10.55
N ALA A 434 18.82 -6.58 11.33
CA ALA A 434 17.56 -7.33 11.39
C ALA A 434 16.37 -6.46 11.80
N PHE A 435 16.62 -5.42 12.61
CA PHE A 435 15.54 -4.58 13.12
C PHE A 435 14.98 -3.65 12.03
N LEU A 436 15.82 -3.26 11.07
CA LEU A 436 15.46 -2.19 10.14
C LEU A 436 14.10 -2.41 9.48
N PRO A 437 13.80 -3.57 8.86
CA PRO A 437 12.47 -3.74 8.26
C PRO A 437 11.35 -3.56 9.26
N PHE A 438 11.48 -4.07 10.48
CA PHE A 438 10.44 -3.89 11.48
C PHE A 438 10.33 -2.44 11.91
N GLY A 439 11.44 -1.80 12.21
CA GLY A 439 11.39 -0.36 12.52
C GLY A 439 10.71 0.47 11.46
N TYR A 440 10.81 0.06 10.20
CA TYR A 440 10.22 0.78 9.08
C TYR A 440 8.73 0.48 8.96
N LEU A 441 8.33 -0.77 9.21
CA LEU A 441 7.00 -1.19 8.80
C LEU A 441 5.90 -0.84 9.81
N VAL A 442 6.24 -0.74 11.09
CA VAL A 442 5.21 -0.64 12.12
C VAL A 442 4.35 0.62 11.89
N ASP A 443 5.00 1.77 11.67
CA ASP A 443 4.22 2.98 11.41
C ASP A 443 3.73 3.07 9.97
N GLN A 444 4.26 2.30 9.03
CA GLN A 444 3.50 2.19 7.78
C GLN A 444 2.13 1.56 8.05
N TRP A 445 2.10 0.54 8.91
CA TRP A 445 0.83 -0.05 9.31
C TRP A 445 -0.05 0.97 10.00
N ARG A 446 0.51 1.71 10.97
CA ARG A 446 -0.33 2.64 11.69
C ARG A 446 -0.72 3.84 10.88
N TRP A 447 0.16 4.29 9.96
CA TRP A 447 -0.24 5.42 9.10
C TRP A 447 -1.44 5.04 8.25
N GLY A 448 -1.47 3.78 7.79
CA GLY A 448 -2.58 3.34 6.96
C GLY A 448 -3.84 3.14 7.75
N VAL A 449 -3.71 2.72 9.01
CA VAL A 449 -4.89 2.67 9.89
C VAL A 449 -5.44 4.07 10.14
N PHE A 450 -4.56 5.01 10.50
CA PHE A 450 -5.01 6.38 10.79
C PHE A 450 -5.59 7.02 9.54
N SER A 451 -5.04 6.72 8.38
CA SER A 451 -5.59 7.39 7.20
C SER A 451 -6.86 6.72 6.69
N GLY A 452 -7.21 5.56 7.23
CA GLY A 452 -8.35 4.81 6.75
C GLY A 452 -8.09 3.86 5.60
N ARG A 453 -6.86 3.80 5.08
CA ARG A 453 -6.58 2.78 4.07
C ARG A 453 -6.69 1.36 4.63
N THR A 454 -6.39 1.17 5.93
CA THR A 454 -6.49 -0.10 6.63
C THR A 454 -7.64 0.02 7.64
N PRO A 455 -8.85 -0.33 7.25
CA PRO A 455 -9.95 -0.37 8.20
C PRO A 455 -9.82 -1.56 9.12
N PRO A 456 -10.59 -1.61 10.19
CA PRO A 456 -10.54 -2.79 11.10
C PRO A 456 -10.67 -4.13 10.40
N SER A 457 -11.45 -4.20 9.32
CA SER A 457 -11.60 -5.44 8.55
C SER A 457 -10.30 -5.93 7.91
N ARG A 458 -9.24 -5.11 7.92
CA ARG A 458 -7.97 -5.50 7.32
C ARG A 458 -6.78 -5.26 8.24
N TYR A 459 -7.03 -5.04 9.54
CA TYR A 459 -5.93 -4.81 10.48
C TYR A 459 -4.87 -5.91 10.40
N ASN A 460 -5.30 -7.19 10.44
CA ASN A 460 -4.31 -8.29 10.50
C ASN A 460 -3.82 -8.67 9.11
N PHE A 461 -4.69 -8.64 8.12
CA PHE A 461 -4.30 -8.85 6.72
C PHE A 461 -3.19 -7.87 6.33
N ASP A 462 -3.32 -6.60 6.71
CA ASP A 462 -2.37 -5.60 6.28
C ASP A 462 -1.10 -5.66 7.15
N TRP A 463 -1.23 -6.01 8.43
CA TRP A 463 -0.06 -6.27 9.27
C TRP A 463 0.79 -7.37 8.68
N TRP A 464 0.18 -8.52 8.38
CA TRP A 464 1.00 -9.62 7.89
C TRP A 464 1.48 -9.38 6.48
N TYR A 465 0.74 -8.60 5.68
CA TYR A 465 1.28 -8.17 4.41
C TYR A 465 2.63 -7.46 4.61
N LEU A 466 2.66 -6.49 5.53
CA LEU A 466 3.87 -5.71 5.76
C LEU A 466 4.96 -6.55 6.42
N ARG A 467 4.58 -7.42 7.34
CA ARG A 467 5.58 -8.28 8.02
C ARG A 467 6.29 -9.18 7.02
N THR A 468 5.51 -9.77 6.11
CA THR A 468 6.08 -10.60 5.06
C THR A 468 6.87 -9.75 4.09
N LYS A 469 6.27 -8.65 3.60
CA LYS A 469 6.97 -7.80 2.63
C LYS A 469 8.37 -7.41 3.08
N TYR A 470 8.48 -6.88 4.30
CA TYR A 470 9.72 -6.29 4.79
C TYR A 470 10.57 -7.30 5.54
N GLN A 471 9.97 -8.01 6.48
CA GLN A 471 10.82 -8.86 7.33
C GLN A 471 11.00 -10.27 6.77
N GLY A 472 10.15 -10.69 5.84
CA GLY A 472 10.26 -12.03 5.29
C GLY A 472 10.04 -13.11 6.33
N ILE A 473 9.00 -12.91 7.15
CA ILE A 473 8.56 -13.88 8.14
C ILE A 473 7.10 -14.18 7.87
N CYS A 474 6.64 -15.29 8.45
CA CYS A 474 5.23 -15.70 8.37
C CYS A 474 4.76 -16.15 9.74
N PRO A 475 3.47 -16.04 10.03
CA PRO A 475 2.98 -16.51 11.33
C PRO A 475 3.03 -18.03 11.35
N PRO A 476 3.44 -18.64 12.46
CA PRO A 476 3.59 -20.11 12.47
C PRO A 476 2.27 -20.86 12.64
N VAL A 477 1.19 -20.17 13.00
CA VAL A 477 -0.16 -20.74 12.96
C VAL A 477 -1.01 -19.79 12.14
N THR A 478 -2.13 -20.32 11.67
CA THR A 478 -3.07 -19.53 10.88
C THR A 478 -3.62 -18.36 11.68
N ARG A 479 -3.74 -17.20 11.03
CA ARG A 479 -4.34 -16.02 11.63
C ARG A 479 -5.50 -15.59 10.76
N ASN A 480 -6.46 -14.90 11.37
CA ASN A 480 -7.58 -14.30 10.66
C ASN A 480 -7.89 -12.97 11.33
N GLU A 481 -8.95 -12.28 10.89
CA GLU A 481 -9.18 -10.92 11.38
C GLU A 481 -9.79 -10.86 12.77
N THR A 482 -9.96 -11.99 13.42
CA THR A 482 -10.21 -12.00 14.86
C THR A 482 -8.96 -11.74 15.64
N HIS A 483 -7.84 -12.13 15.07
CA HIS A 483 -6.55 -11.83 15.63
C HIS A 483 -6.15 -10.40 15.29
N PHE A 484 -5.37 -9.81 16.20
CA PHE A 484 -4.96 -8.43 16.10
C PHE A 484 -3.52 -8.40 16.58
N ASP A 485 -2.66 -8.96 15.72
CA ASP A 485 -1.27 -9.24 16.08
C ASP A 485 -0.46 -7.97 16.23
N ALA A 486 -0.85 -6.88 15.55
CA ALA A 486 -0.21 -5.60 15.81
C ALA A 486 -0.39 -5.15 17.25
N GLY A 487 -1.51 -5.50 17.88
CA GLY A 487 -1.74 -5.08 19.24
C GLY A 487 -0.89 -5.83 20.25
N ALA A 488 -0.32 -6.94 19.84
CA ALA A 488 0.58 -7.72 20.68
C ALA A 488 1.99 -7.13 20.76
N LYS A 489 2.22 -5.98 20.14
CA LYS A 489 3.46 -5.20 20.25
C LYS A 489 3.20 -3.97 21.10
N PHE A 490 3.99 -3.79 22.16
CA PHE A 490 3.75 -2.76 23.19
C PHE A 490 3.36 -1.38 22.65
N HIS A 491 4.11 -0.87 21.67
CA HIS A 491 3.90 0.50 21.23
C HIS A 491 2.51 0.76 20.63
N VAL A 492 1.81 -0.25 20.14
CA VAL A 492 0.49 -0.05 19.52
C VAL A 492 -0.56 0.27 20.58
N PRO A 493 -0.88 -0.60 21.53
CA PRO A 493 -1.82 -0.18 22.58
C PRO A 493 -1.34 0.94 23.45
N ASN A 494 -0.01 1.12 23.62
CA ASN A 494 0.46 2.24 24.44
C ASN A 494 0.77 3.49 23.65
N VAL A 495 0.31 3.53 22.40
CA VAL A 495 0.26 4.68 21.51
C VAL A 495 1.57 5.44 21.49
N THR A 496 2.66 4.68 21.29
CA THR A 496 4.02 5.24 21.18
C THR A 496 4.47 5.12 19.74
N PRO A 497 4.72 6.20 19.02
CA PRO A 497 5.10 6.08 17.60
C PRO A 497 6.39 5.31 17.44
N TYR A 498 6.60 4.76 16.23
CA TYR A 498 7.67 3.81 15.97
C TYR A 498 8.72 4.28 14.97
N ILE A 499 8.37 5.17 14.02
CA ILE A 499 9.36 5.48 12.98
C ILE A 499 10.63 6.08 13.59
N ARG A 500 10.52 6.68 14.78
CA ARG A 500 11.70 7.14 15.51
C ARG A 500 12.79 6.08 15.63
N TYR A 501 12.43 4.79 15.65
CA TYR A 501 13.45 3.76 15.85
C TYR A 501 14.19 3.44 14.56
N PHE A 502 13.47 3.46 13.43
CA PHE A 502 14.14 3.39 12.14
C PHE A 502 15.10 4.55 11.94
N VAL A 503 14.62 5.77 12.21
CA VAL A 503 15.45 6.97 12.12
C VAL A 503 16.67 6.84 13.02
N SER A 504 16.45 6.38 14.26
N SER A 504 16.47 6.36 14.26
CA SER A 504 17.54 6.26 15.21
CA SER A 504 17.59 6.30 15.19
C SER A 504 18.60 5.28 14.74
C SER A 504 18.61 5.23 14.82
N PHE A 505 18.17 4.14 14.21
CA PHE A 505 19.13 3.11 13.82
C PHE A 505 20.00 3.58 12.65
N VAL A 506 19.50 4.51 11.83
CA VAL A 506 20.34 5.17 10.85
C VAL A 506 21.20 6.22 11.51
N LEU A 507 20.57 7.07 12.32
CA LEU A 507 21.25 8.21 12.95
C LEU A 507 22.38 7.76 13.84
N GLN A 508 22.18 6.69 14.60
CA GLN A 508 23.18 6.39 15.60
C GLN A 508 24.53 6.10 14.98
N PHE A 509 24.57 5.60 13.74
CA PHE A 509 25.86 5.35 13.10
C PHE A 509 26.45 6.65 12.58
N GLN A 510 25.61 7.60 12.16
CA GLN A 510 26.08 8.94 11.83
C GLN A 510 26.68 9.60 13.06
N PHE A 511 26.02 9.47 14.22
CA PHE A 511 26.58 10.03 15.45
C PHE A 511 27.90 9.32 15.80
N HIS A 512 27.89 7.99 15.73
CA HIS A 512 29.08 7.22 16.12
C HIS A 512 30.27 7.64 15.28
N GLU A 513 30.07 7.75 13.97
CA GLU A 513 31.18 8.18 13.11
C GLU A 513 31.72 9.55 13.52
N ALA A 514 30.82 10.52 13.77
CA ALA A 514 31.23 11.87 14.16
C ALA A 514 31.94 11.90 15.51
N LEU A 515 31.44 11.14 16.50
CA LEU A 515 32.05 11.14 17.82
C LEU A 515 33.41 10.42 17.80
N CYS A 516 33.52 9.39 17.00
CA CYS A 516 34.79 8.70 16.88
C CYS A 516 35.84 9.59 16.23
N LYS A 517 35.47 10.29 15.16
CA LYS A 517 36.38 11.28 14.60
C LYS A 517 36.77 12.32 15.63
N GLU A 518 35.80 12.85 16.35
CA GLU A 518 36.07 13.87 17.35
C GLU A 518 36.98 13.36 18.44
N ALA A 519 36.90 12.08 18.77
CA ALA A 519 37.75 11.54 19.83
C ALA A 519 39.16 11.29 19.36
N GLY A 520 39.43 11.49 18.07
CA GLY A 520 40.76 11.20 17.53
C GLY A 520 40.99 9.76 17.18
N TYR A 521 39.93 8.96 17.07
CA TYR A 521 40.06 7.56 16.73
C TYR A 521 40.30 7.40 15.24
N GLU A 522 41.24 6.52 14.88
CA GLU A 522 41.74 6.45 13.51
C GLU A 522 41.76 5.03 12.97
N GLY A 523 41.04 4.10 13.59
CA GLY A 523 40.91 2.76 13.07
C GLY A 523 39.56 2.48 12.46
N PRO A 524 39.26 1.19 12.27
CA PRO A 524 37.98 0.81 11.68
C PRO A 524 36.79 1.28 12.52
N LEU A 525 35.74 1.73 11.85
CA LEU A 525 34.63 2.34 12.58
C LEU A 525 34.05 1.39 13.64
N HIS A 526 33.99 0.10 13.35
CA HIS A 526 33.36 -0.81 14.27
C HIS A 526 34.21 -1.16 15.49
N GLN A 527 35.49 -0.78 15.54
CA GLN A 527 36.29 -1.01 16.74
C GLN A 527 36.48 0.27 17.55
N CYS A 528 35.85 1.35 17.15
CA CYS A 528 35.91 2.59 17.92
C CYS A 528 35.25 2.40 19.28
N ASP A 529 35.87 2.99 20.30
CA ASP A 529 35.28 3.07 21.65
C ASP A 529 35.54 4.50 22.12
N ILE A 530 34.49 5.31 22.27
CA ILE A 530 34.68 6.71 22.70
C ILE A 530 34.79 6.87 24.20
N TYR A 531 34.81 5.78 24.97
CA TYR A 531 34.98 5.84 26.42
C TYR A 531 36.10 6.77 26.83
N ARG A 532 35.80 7.61 27.81
CA ARG A 532 36.71 8.59 28.39
C ARG A 532 37.11 9.68 27.42
N SER A 533 36.47 9.81 26.26
CA SER A 533 36.77 10.93 25.37
C SER A 533 35.94 12.13 25.78
N THR A 534 36.59 13.12 26.41
CA THR A 534 35.87 14.33 26.81
C THR A 534 35.56 15.22 25.62
N LYS A 535 36.38 15.18 24.56
CA LYS A 535 36.04 15.90 23.33
C LYS A 535 34.76 15.35 22.72
N ALA A 536 34.63 14.01 22.66
CA ALA A 536 33.37 13.42 22.18
C ALA A 536 32.23 13.78 23.10
N GLY A 537 32.46 13.74 24.42
CA GLY A 537 31.43 14.15 25.35
C GLY A 537 30.90 15.55 25.07
N ALA A 538 31.79 16.49 24.85
CA ALA A 538 31.39 17.86 24.62
C ALA A 538 30.59 17.99 23.35
N LYS A 539 30.91 17.19 22.33
CA LYS A 539 30.16 17.30 21.09
C LYS A 539 28.77 16.70 21.26
N LEU A 540 28.67 15.56 21.95
CA LEU A 540 27.37 15.01 22.25
C LEU A 540 26.55 15.98 23.12
N ARG A 541 27.21 16.63 24.09
CA ARG A 541 26.53 17.53 25.02
C ARG A 541 25.84 18.67 24.27
N LYS A 542 26.50 19.16 23.21
CA LYS A 542 25.90 20.26 22.44
C LYS A 542 24.55 19.86 21.84
N VAL A 543 24.45 18.65 21.31
CA VAL A 543 23.19 18.15 20.78
C VAL A 543 22.15 18.05 21.90
N LEU A 544 22.55 17.43 23.01
CA LEU A 544 21.59 17.18 24.08
C LEU A 544 21.04 18.47 24.64
N ARG A 545 21.91 19.45 24.85
CA ARG A 545 21.45 20.72 25.40
C ARG A 545 20.58 21.52 24.43
N ALA A 546 20.54 21.20 23.14
CA ALA A 546 19.68 21.93 22.22
C ALA A 546 18.19 21.55 22.35
N GLY A 547 17.88 20.41 22.95
CA GLY A 547 16.47 19.99 22.96
C GLY A 547 15.89 20.14 21.56
N SER A 548 14.66 20.64 21.50
CA SER A 548 13.97 20.92 20.23
C SER A 548 13.96 22.40 19.93
N SER A 549 14.95 23.13 20.42
CA SER A 549 14.96 24.57 20.25
C SER A 549 15.35 24.99 18.84
N ARG A 550 15.93 24.09 18.05
CA ARG A 550 16.46 24.37 16.72
C ARG A 550 16.11 23.23 15.78
N PRO A 551 15.96 23.53 14.49
CA PRO A 551 15.66 22.48 13.50
C PRO A 551 16.66 21.35 13.59
N TRP A 552 16.14 20.11 13.52
CA TRP A 552 17.03 18.96 13.72
C TRP A 552 18.07 18.90 12.61
N GLN A 553 17.73 19.37 11.40
CA GLN A 553 18.69 19.34 10.30
C GLN A 553 19.92 20.20 10.60
N GLU A 554 19.72 21.31 11.32
CA GLU A 554 20.82 22.19 11.71
C GLU A 554 21.64 21.61 12.86
N VAL A 555 20.96 21.05 13.87
CA VAL A 555 21.67 20.36 14.95
C VAL A 555 22.49 19.21 14.39
N LEU A 556 21.92 18.44 13.44
CA LEU A 556 22.67 17.34 12.85
C LEU A 556 23.87 17.84 12.07
N LYS A 557 23.70 18.92 11.31
CA LYS A 557 24.81 19.46 10.53
C LYS A 557 25.97 19.89 11.43
N ASP A 558 25.66 20.62 12.50
CA ASP A 558 26.71 21.01 13.45
C ASP A 558 27.43 19.80 14.01
N MET A 559 26.73 18.66 14.15
CA MET A 559 27.32 17.51 14.81
C MET A 559 28.16 16.67 13.85
N VAL A 560 27.62 16.36 12.68
CA VAL A 560 28.21 15.36 11.80
C VAL A 560 28.61 15.93 10.46
N GLY A 561 28.33 17.20 10.20
CA GLY A 561 28.73 17.81 8.95
C GLY A 561 27.73 17.68 7.83
N LEU A 562 26.55 17.12 8.09
CA LEU A 562 25.53 16.93 7.07
C LEU A 562 24.17 17.23 7.70
N ASP A 563 23.26 17.73 6.87
CA ASP A 563 21.95 18.18 7.35
C ASP A 563 20.85 17.17 7.03
N ALA A 564 21.19 15.90 6.86
CA ALA A 564 20.20 14.90 6.45
C ALA A 564 20.55 13.54 7.02
N LEU A 565 19.55 12.67 7.10
CA LEU A 565 19.80 11.26 7.36
C LEU A 565 20.56 10.65 6.21
N ASP A 566 21.51 9.80 6.51
CA ASP A 566 22.42 9.24 5.51
C ASP A 566 22.78 7.84 5.97
N ALA A 567 22.60 6.85 5.10
CA ALA A 567 22.90 5.46 5.43
C ALA A 567 24.38 5.13 5.29
N GLN A 568 25.18 6.03 4.74
CA GLN A 568 26.58 5.69 4.47
C GLN A 568 27.36 5.32 5.73
N PRO A 569 27.22 6.01 6.87
CA PRO A 569 27.95 5.55 8.06
C PRO A 569 27.61 4.14 8.50
N LEU A 570 26.33 3.76 8.48
CA LEU A 570 25.94 2.40 8.80
C LEU A 570 26.54 1.42 7.80
N LEU A 571 26.50 1.76 6.53
CA LEU A 571 27.03 0.83 5.52
C LEU A 571 28.54 0.69 5.69
N LYS A 572 29.22 1.77 6.03
CA LYS A 572 30.67 1.71 6.29
C LYS A 572 31.00 0.85 7.49
N TYR A 573 30.17 0.95 8.54
CA TYR A 573 30.43 0.18 9.76
C TYR A 573 30.37 -1.31 9.48
N PHE A 574 29.40 -1.73 8.67
CA PHE A 574 29.11 -3.14 8.43
C PHE A 574 29.82 -3.71 7.21
N GLN A 575 30.50 -2.88 6.45
CA GLN A 575 31.03 -3.23 5.13
C GLN A 575 31.65 -4.63 5.05
N LEU A 576 32.50 -4.97 6.02
CA LEU A 576 33.16 -6.28 5.98
C LEU A 576 32.17 -7.45 6.00
N VAL A 577 31.18 -7.41 6.89
CA VAL A 577 30.24 -8.53 6.98
C VAL A 577 29.22 -8.45 5.84
N THR A 578 28.91 -7.25 5.35
CA THR A 578 28.06 -7.13 4.18
C THR A 578 28.69 -7.89 3.02
N GLN A 579 30.00 -7.72 2.82
CA GLN A 579 30.70 -8.42 1.76
C GLN A 579 30.79 -9.91 2.09
N TRP A 580 31.06 -10.25 3.34
CA TRP A 580 31.19 -11.66 3.71
C TRP A 580 29.88 -12.42 3.53
N LEU A 581 28.75 -11.84 3.97
CA LEU A 581 27.49 -12.55 3.84
C LEU A 581 27.11 -12.75 2.37
N GLN A 582 27.34 -11.73 1.54
CA GLN A 582 27.08 -11.86 0.11
C GLN A 582 27.85 -13.04 -0.47
N GLU A 583 29.14 -13.11 -0.16
CA GLU A 583 30.00 -14.20 -0.64
C GLU A 583 29.48 -15.56 -0.16
N GLN A 584 29.18 -15.67 1.14
CA GLN A 584 28.70 -16.94 1.67
C GLN A 584 27.41 -17.39 0.98
N ASN A 585 26.41 -16.51 0.92
CA ASN A 585 25.12 -16.92 0.32
C ASN A 585 25.32 -17.38 -1.12
N GLN A 586 26.19 -16.72 -1.88
CA GLN A 586 26.44 -17.16 -3.25
C GLN A 586 27.01 -18.57 -3.27
N GLN A 587 28.08 -18.80 -2.50
CA GLN A 587 28.67 -20.14 -2.44
C GLN A 587 27.67 -21.17 -1.93
N ASN A 588 26.78 -20.81 -1.03
CA ASN A 588 25.78 -21.76 -0.60
C ASN A 588 24.65 -21.87 -1.60
N GLY A 589 24.66 -21.06 -2.65
CA GLY A 589 23.57 -21.07 -3.61
C GLY A 589 22.23 -20.65 -3.02
N GLU A 590 22.23 -19.63 -2.18
CA GLU A 590 20.98 -19.25 -1.56
C GLU A 590 20.11 -18.50 -2.53
N VAL A 591 18.81 -18.55 -2.28
CA VAL A 591 17.86 -17.62 -2.88
C VAL A 591 17.72 -16.42 -1.95
N LEU A 592 18.05 -15.24 -2.45
CA LEU A 592 17.81 -14.03 -1.68
C LEU A 592 16.32 -13.68 -1.79
N GLY A 593 15.69 -13.43 -0.67
CA GLY A 593 14.27 -13.19 -0.67
C GLY A 593 13.48 -14.42 -0.30
N TRP A 594 12.17 -14.33 -0.52
CA TRP A 594 11.25 -15.40 -0.13
C TRP A 594 10.16 -15.52 -1.20
N PRO A 595 10.53 -16.04 -2.37
CA PRO A 595 9.57 -16.10 -3.48
C PRO A 595 8.38 -17.02 -3.21
N GLU A 596 8.49 -18.02 -2.33
CA GLU A 596 7.31 -18.78 -1.92
C GLU A 596 6.62 -18.03 -0.77
N TYR A 597 6.03 -16.87 -1.14
CA TYR A 597 5.47 -15.93 -0.16
C TYR A 597 4.24 -16.46 0.53
N GLN A 598 3.58 -17.47 -0.03
CA GLN A 598 2.40 -18.08 0.58
C GLN A 598 2.77 -19.10 1.63
N TRP A 599 4.02 -19.50 1.70
CA TRP A 599 4.35 -20.66 2.54
C TRP A 599 4.18 -20.31 4.01
N HIS A 600 3.65 -21.28 4.76
CA HIS A 600 3.62 -21.26 6.21
C HIS A 600 4.02 -22.65 6.68
N PRO A 601 4.63 -22.78 7.85
CA PRO A 601 5.02 -24.11 8.34
C PRO A 601 3.81 -24.89 8.83
N PRO A 602 3.91 -26.21 8.92
CA PRO A 602 2.79 -26.99 9.47
C PRO A 602 2.82 -26.95 10.99
N LEU A 603 1.74 -27.43 11.57
CA LEU A 603 1.69 -27.54 13.01
C LEU A 603 2.53 -28.75 13.44
N PRO A 604 3.19 -28.69 14.59
CA PRO A 604 3.78 -29.90 15.15
C PRO A 604 2.69 -30.93 15.42
N ASP A 605 3.04 -32.19 15.25
CA ASP A 605 2.20 -33.26 15.76
C ASP A 605 2.29 -33.26 17.29
N ASN A 606 1.14 -33.40 17.94
CA ASN A 606 1.04 -33.38 19.40
C ASN A 606 1.15 -31.94 19.89
N TYR A 607 0.64 -31.00 19.09
CA TYR A 607 0.56 -29.63 19.52
C TYR A 607 -0.90 -29.23 19.69
N PRO A 608 -1.27 -28.51 20.77
CA PRO A 608 -0.44 -28.08 21.92
C PRO A 608 -0.36 -29.13 23.02
N GLU A 609 -0.90 -30.31 22.73
CA GLU A 609 -1.04 -31.38 23.71
C GLU A 609 0.20 -31.54 24.59
N GLY A 610 1.36 -31.69 23.98
CA GLY A 610 2.52 -32.14 24.73
C GLY A 610 3.31 -31.08 25.46
N ILE A 611 2.70 -29.93 25.76
CA ILE A 611 3.47 -28.80 26.29
C ILE A 611 3.93 -29.05 27.74
N ASP A 612 3.22 -29.86 28.52
CA ASP A 612 3.55 -30.07 29.95
C ASP A 612 4.85 -30.84 30.20
N LEU B 1 13.42 8.03 -43.56
CA LEU B 1 12.20 8.84 -43.20
C LEU B 1 11.69 9.54 -44.47
N ASP B 2 10.82 10.54 -44.31
CA ASP B 2 10.38 11.37 -45.43
C ASP B 2 10.52 12.85 -45.09
N PRO B 3 11.26 13.62 -45.91
CA PRO B 3 11.29 15.08 -45.77
C PRO B 3 9.92 15.73 -45.65
N GLY B 4 8.95 15.29 -46.46
CA GLY B 4 7.57 15.78 -46.40
C GLY B 4 6.86 15.46 -45.10
N LEU B 5 7.48 14.71 -44.21
CA LEU B 5 6.94 14.44 -42.88
C LEU B 5 7.63 15.26 -41.80
N GLN B 6 8.89 15.75 -42.08
CA GLN B 6 9.72 16.47 -41.13
C GLN B 6 9.33 17.95 -41.13
N PRO B 7 9.26 18.57 -39.98
CA PRO B 7 8.46 19.80 -39.83
C PRO B 7 9.09 21.03 -40.47
N GLY B 8 8.21 21.99 -40.79
CA GLY B 8 8.62 23.25 -41.36
C GLY B 8 8.88 24.32 -40.31
N GLN B 9 9.15 25.53 -40.78
CA GLN B 9 9.41 26.64 -39.89
C GLN B 9 8.13 27.45 -39.67
N PHE B 10 7.97 27.95 -38.44
CA PHE B 10 6.77 28.67 -38.04
C PHE B 10 7.18 29.73 -37.04
N SER B 11 6.47 30.86 -37.05
CA SER B 11 6.75 31.91 -36.08
C SER B 11 6.42 31.46 -34.66
N ALA B 12 7.25 31.92 -33.72
CA ALA B 12 7.17 31.52 -32.31
C ALA B 12 6.11 32.39 -31.62
N ASP B 13 4.86 32.20 -32.05
CA ASP B 13 3.71 32.88 -31.46
C ASP B 13 2.48 32.03 -31.75
N GLU B 14 1.34 32.45 -31.18
CA GLU B 14 0.13 31.62 -31.28
C GLU B 14 -0.30 31.44 -32.73
N ALA B 15 -0.12 32.46 -33.57
CA ALA B 15 -0.53 32.37 -34.97
C ALA B 15 0.35 31.38 -35.74
N GLY B 16 1.65 31.41 -35.53
CA GLY B 16 2.49 30.37 -36.11
C GLY B 16 2.15 29.00 -35.59
N ALA B 17 1.75 28.92 -34.30
CA ALA B 17 1.42 27.62 -33.71
C ALA B 17 0.11 27.06 -34.25
N GLN B 18 -0.85 27.92 -34.65
CA GLN B 18 -2.05 27.42 -35.31
C GLN B 18 -1.72 26.85 -36.69
N LEU B 19 -0.80 27.52 -37.42
CA LEU B 19 -0.29 26.93 -38.64
C LEU B 19 0.52 25.67 -38.33
N PHE B 20 1.27 25.70 -37.23
CA PHE B 20 2.09 24.55 -36.85
C PHE B 20 1.21 23.32 -36.66
N ALA B 21 0.13 23.48 -35.91
CA ALA B 21 -0.78 22.37 -35.64
C ALA B 21 -1.31 21.78 -36.95
N GLN B 22 -1.77 22.63 -37.87
CA GLN B 22 -2.27 22.14 -39.15
C GLN B 22 -1.22 21.33 -39.90
N SER B 23 0.00 21.81 -39.92
CA SER B 23 1.04 21.09 -40.66
C SER B 23 1.33 19.74 -40.02
N TYR B 24 1.27 19.66 -38.69
CA TYR B 24 1.46 18.39 -37.98
C TYR B 24 0.34 17.40 -38.32
N GLN B 25 -0.91 17.80 -38.09
CA GLN B 25 -2.03 16.90 -38.33
C GLN B 25 -2.02 16.37 -39.77
N SER B 26 -1.64 17.22 -40.71
CA SER B 26 -1.49 16.82 -42.10
C SER B 26 -0.65 15.55 -42.23
N SER B 27 0.56 15.59 -41.68
CA SER B 27 1.53 14.52 -41.86
C SER B 27 1.32 13.38 -40.88
N ALA B 28 0.74 13.71 -39.73
CA ALA B 28 0.48 12.70 -38.70
C ALA B 28 -0.45 11.62 -39.22
N GLU B 29 -1.57 12.03 -39.84
CA GLU B 29 -2.53 11.07 -40.36
C GLU B 29 -1.89 10.03 -41.28
N GLN B 30 -0.83 10.41 -41.99
CA GLN B 30 -0.17 9.46 -42.89
C GLN B 30 0.64 8.44 -42.10
N VAL B 31 1.25 8.89 -40.99
CA VAL B 31 2.10 8.06 -40.17
C VAL B 31 1.27 7.09 -39.34
N LEU B 32 0.29 7.64 -38.62
CA LEU B 32 -0.62 6.82 -37.83
C LEU B 32 -1.24 5.73 -38.71
N PHE B 33 -1.69 6.11 -39.91
CA PHE B 33 -2.34 5.11 -40.75
C PHE B 33 -1.40 3.95 -41.05
N GLN B 34 -0.13 4.22 -41.33
CA GLN B 34 0.78 3.12 -41.71
C GLN B 34 1.11 2.26 -40.48
N SER B 35 1.13 2.87 -39.31
CA SER B 35 1.29 2.10 -38.07
C SER B 35 0.04 1.27 -37.79
N VAL B 36 -1.14 1.91 -37.71
CA VAL B 36 -2.35 1.13 -37.39
C VAL B 36 -2.47 0.00 -38.39
N ALA B 37 -2.20 0.30 -39.66
CA ALA B 37 -2.33 -0.70 -40.72
C ALA B 37 -1.45 -1.92 -40.46
N ALA B 38 -0.19 -1.70 -40.04
CA ALA B 38 0.70 -2.84 -39.80
C ALA B 38 0.31 -3.62 -38.55
N SER B 39 -0.13 -2.92 -37.51
CA SER B 39 -0.64 -3.63 -36.33
C SER B 39 -1.80 -4.54 -36.73
N TRP B 40 -2.72 -4.02 -37.56
CA TRP B 40 -3.85 -4.82 -37.99
C TRP B 40 -3.38 -6.10 -38.68
N ALA B 41 -2.46 -5.96 -39.64
CA ALA B 41 -1.91 -7.15 -40.31
C ALA B 41 -1.33 -8.14 -39.32
N HIS B 42 -0.76 -7.66 -38.22
CA HIS B 42 -0.20 -8.57 -37.23
C HIS B 42 -1.30 -9.25 -36.40
N ASP B 43 -2.19 -8.46 -35.82
CA ASP B 43 -3.12 -9.05 -34.86
C ASP B 43 -4.12 -10.00 -35.53
N THR B 44 -4.42 -9.80 -36.82
CA THR B 44 -5.27 -10.73 -37.55
C THR B 44 -4.48 -11.89 -38.14
N ASN B 45 -3.16 -11.90 -37.99
CA ASN B 45 -2.27 -12.83 -38.65
C ASN B 45 -0.93 -12.75 -37.95
N ILE B 46 -0.78 -13.50 -36.86
CA ILE B 46 0.42 -13.43 -36.02
C ILE B 46 1.50 -14.27 -36.70
N THR B 47 2.53 -13.59 -37.23
CA THR B 47 3.74 -14.21 -37.74
C THR B 47 4.93 -13.30 -37.45
N ALA B 48 6.12 -13.90 -37.49
CA ALA B 48 7.34 -13.13 -37.35
C ALA B 48 7.40 -11.99 -38.37
N GLU B 49 6.94 -12.25 -39.60
CA GLU B 49 7.05 -11.25 -40.66
C GLU B 49 6.26 -10.00 -40.31
N ASN B 50 5.03 -10.20 -39.85
CA ASN B 50 4.17 -9.06 -39.55
C ASN B 50 4.61 -8.37 -38.28
N ALA B 51 5.19 -9.13 -37.34
CA ALA B 51 5.92 -8.52 -36.23
C ALA B 51 6.99 -7.53 -36.73
N ARG B 52 7.88 -8.02 -37.60
CA ARG B 52 8.93 -7.18 -38.18
C ARG B 52 8.35 -5.87 -38.73
N ARG B 53 7.29 -5.98 -39.54
CA ARG B 53 6.78 -4.81 -40.22
C ARG B 53 6.12 -3.85 -39.24
N GLN B 54 5.33 -4.41 -38.33
CA GLN B 54 4.72 -3.58 -37.29
C GLN B 54 5.79 -2.81 -36.53
N GLU B 55 6.92 -3.47 -36.21
CA GLU B 55 8.03 -2.79 -35.54
C GLU B 55 8.67 -1.71 -36.40
N GLU B 56 8.87 -2.00 -37.70
CA GLU B 56 9.31 -0.97 -38.63
C GLU B 56 8.43 0.27 -38.55
N ALA B 57 7.10 0.08 -38.63
CA ALA B 57 6.19 1.21 -38.63
C ALA B 57 6.23 1.91 -37.30
N ALA B 58 6.46 1.15 -36.23
CA ALA B 58 6.63 1.76 -34.91
C ALA B 58 7.81 2.71 -34.91
N LEU B 59 8.97 2.22 -35.34
CA LEU B 59 10.15 3.08 -35.48
C LEU B 59 9.83 4.38 -36.21
N LEU B 60 9.11 4.27 -37.35
CA LEU B 60 8.82 5.45 -38.14
C LEU B 60 7.94 6.43 -37.37
N SER B 61 7.02 5.90 -36.55
N SER B 61 7.03 5.92 -36.54
CA SER B 61 6.18 6.77 -35.73
CA SER B 61 6.19 6.81 -35.76
C SER B 61 7.01 7.51 -34.70
C SER B 61 7.01 7.53 -34.68
N GLN B 62 7.95 6.82 -34.08
CA GLN B 62 8.84 7.48 -33.11
C GLN B 62 9.69 8.56 -33.79
N GLU B 63 10.27 8.24 -34.96
CA GLU B 63 10.98 9.28 -35.71
C GLU B 63 10.07 10.50 -35.94
N PHE B 64 8.82 10.26 -36.36
CA PHE B 64 7.89 11.35 -36.62
C PHE B 64 7.65 12.18 -35.36
N ALA B 65 7.39 11.52 -34.21
CA ALA B 65 7.01 12.27 -33.00
C ALA B 65 8.22 12.95 -32.38
N GLU B 66 9.40 12.33 -32.52
CA GLU B 66 10.67 13.00 -32.20
C GLU B 66 10.74 14.38 -32.85
N ALA B 67 10.71 14.38 -34.18
CA ALA B 67 10.91 15.61 -34.94
C ALA B 67 9.87 16.67 -34.59
N TRP B 68 8.60 16.29 -34.47
CA TRP B 68 7.58 17.29 -34.24
C TRP B 68 7.50 17.71 -32.78
N GLY B 69 7.93 16.84 -31.87
CA GLY B 69 8.01 17.22 -30.47
C GLY B 69 9.16 18.17 -30.21
N GLN B 70 10.33 17.86 -30.76
CA GLN B 70 11.48 18.78 -30.67
C GLN B 70 11.12 20.17 -31.16
N LYS B 71 10.46 20.23 -32.31
CA LYS B 71 10.17 21.52 -32.90
C LYS B 71 9.19 22.31 -32.05
N ALA B 72 8.21 21.62 -31.45
CA ALA B 72 7.19 22.33 -30.67
C ALA B 72 7.81 22.97 -29.42
N LYS B 73 8.59 22.20 -28.66
CA LYS B 73 9.29 22.77 -27.52
C LYS B 73 10.25 23.86 -27.99
N GLU B 74 11.01 23.56 -29.03
CA GLU B 74 11.85 24.55 -29.68
C GLU B 74 11.08 25.85 -29.94
N LEU B 75 9.91 25.75 -30.56
CA LEU B 75 9.20 26.96 -30.96
C LEU B 75 8.40 27.55 -29.81
N TYR B 76 7.64 26.73 -29.09
CA TYR B 76 6.58 27.24 -28.24
C TYR B 76 6.73 26.86 -26.77
N GLU B 77 7.76 26.07 -26.41
CA GLU B 77 7.87 25.60 -25.04
C GLU B 77 7.63 26.69 -24.02
N PRO B 78 8.07 27.92 -24.22
CA PRO B 78 7.79 28.98 -23.23
C PRO B 78 6.35 29.49 -23.26
N ILE B 79 5.77 29.61 -24.45
CA ILE B 79 4.61 30.48 -24.65
C ILE B 79 3.29 29.75 -24.80
N TRP B 80 3.30 28.46 -25.19
CA TRP B 80 2.07 27.80 -25.61
C TRP B 80 1.06 27.65 -24.48
N GLN B 81 1.52 27.44 -23.24
CA GLN B 81 0.58 27.35 -22.13
C GLN B 81 -0.24 28.64 -21.99
N GLN B 82 0.28 29.76 -22.51
CA GLN B 82 -0.35 31.06 -22.39
C GLN B 82 -1.25 31.43 -23.57
N PHE B 83 -1.27 30.62 -24.63
CA PHE B 83 -2.18 30.85 -25.76
C PHE B 83 -3.61 31.03 -25.28
N THR B 84 -4.36 31.90 -25.97
CA THR B 84 -5.76 32.13 -25.62
C THR B 84 -6.68 31.03 -26.16
N ASP B 85 -6.36 30.45 -27.32
CA ASP B 85 -7.08 29.30 -27.89
C ASP B 85 -6.91 28.08 -26.98
N PRO B 86 -7.93 27.71 -26.18
CA PRO B 86 -7.75 26.55 -25.29
C PRO B 86 -7.54 25.23 -26.05
N GLN B 87 -8.16 25.05 -27.22
CA GLN B 87 -8.02 23.80 -27.96
C GLN B 87 -6.63 23.67 -28.57
N LEU B 88 -6.05 24.80 -29.02
CA LEU B 88 -4.69 24.77 -29.54
C LEU B 88 -3.67 24.37 -28.46
N ARG B 89 -3.82 24.92 -27.26
CA ARG B 89 -3.02 24.49 -26.12
C ARG B 89 -3.04 22.97 -25.95
N ARG B 90 -4.23 22.35 -26.04
CA ARG B 90 -4.35 20.91 -25.90
C ARG B 90 -3.57 20.18 -27.00
N ILE B 91 -3.57 20.74 -28.20
CA ILE B 91 -2.83 20.09 -29.28
C ILE B 91 -1.33 20.19 -29.00
N ILE B 92 -0.87 21.32 -28.45
CA ILE B 92 0.57 21.55 -28.37
C ILE B 92 1.18 20.71 -27.24
N GLY B 93 0.63 20.85 -26.03
CA GLY B 93 1.08 20.01 -24.93
C GLY B 93 1.12 18.53 -25.28
N ALA B 94 0.16 18.09 -26.10
CA ALA B 94 0.16 16.69 -26.51
C ALA B 94 1.33 16.40 -27.43
N VAL B 95 1.63 17.31 -28.35
CA VAL B 95 2.67 17.02 -29.35
C VAL B 95 4.07 17.07 -28.73
N ARG B 96 4.28 17.94 -27.73
CA ARG B 96 5.52 17.99 -26.96
C ARG B 96 5.63 16.86 -25.93
N THR B 97 4.72 15.89 -25.97
CA THR B 97 4.79 14.67 -25.16
C THR B 97 5.27 13.54 -26.09
N LEU B 98 6.53 13.15 -25.95
CA LEU B 98 7.17 12.28 -26.92
C LEU B 98 7.16 10.80 -26.56
N GLY B 99 6.99 10.46 -25.28
CA GLY B 99 6.80 9.07 -24.90
C GLY B 99 7.98 8.23 -25.32
N SER B 100 7.71 7.06 -25.88
N SER B 100 7.71 7.06 -25.88
CA SER B 100 8.75 6.15 -26.35
CA SER B 100 8.79 6.18 -26.32
C SER B 100 9.69 6.80 -27.37
C SER B 100 9.74 6.86 -27.29
N ALA B 101 9.32 7.98 -27.88
CA ALA B 101 10.25 8.72 -28.75
C ALA B 101 11.46 9.19 -27.96
N ASN B 102 11.23 9.58 -26.69
CA ASN B 102 12.33 10.01 -25.83
C ASN B 102 13.47 8.99 -25.80
N LEU B 103 13.19 7.74 -26.19
CA LEU B 103 14.19 6.69 -26.11
C LEU B 103 15.22 6.83 -27.23
N PRO B 104 16.47 6.45 -26.98
CA PRO B 104 17.44 6.32 -28.07
C PRO B 104 17.00 5.21 -29.00
N LEU B 105 17.68 5.10 -30.15
CA LEU B 105 17.22 4.20 -31.20
C LEU B 105 17.33 2.73 -30.79
N ALA B 106 18.42 2.34 -30.15
CA ALA B 106 18.56 0.94 -29.80
C ALA B 106 17.51 0.53 -28.79
N LYS B 107 17.08 1.46 -27.94
CA LYS B 107 16.03 1.14 -26.98
C LYS B 107 14.67 1.16 -27.67
N ARG B 108 14.48 2.10 -28.59
CA ARG B 108 13.27 2.10 -29.42
C ARG B 108 13.02 0.73 -30.02
N GLN B 109 14.08 0.11 -30.55
CA GLN B 109 13.92 -1.21 -31.13
C GLN B 109 13.51 -2.20 -30.08
N GLN B 110 14.23 -2.20 -28.94
CA GLN B 110 14.01 -3.21 -27.91
C GLN B 110 12.59 -3.15 -27.36
N TYR B 111 12.07 -1.93 -27.18
CA TYR B 111 10.74 -1.73 -26.65
C TYR B 111 9.67 -2.15 -27.64
N ASN B 112 9.74 -1.64 -28.88
CA ASN B 112 8.89 -2.13 -29.97
C ASN B 112 8.92 -3.65 -30.02
N ALA B 113 10.04 -4.25 -29.65
CA ALA B 113 10.19 -5.71 -29.80
C ALA B 113 9.66 -6.51 -28.62
N LEU B 114 9.61 -5.93 -27.42
CA LEU B 114 9.01 -6.67 -26.31
C LEU B 114 7.50 -6.74 -26.49
N LEU B 115 6.90 -5.62 -26.86
CA LEU B 115 5.47 -5.59 -27.12
C LEU B 115 5.08 -6.71 -28.07
N SER B 116 5.81 -6.83 -29.19
CA SER B 116 5.49 -7.86 -30.17
C SER B 116 5.56 -9.24 -29.54
N GLN B 117 6.55 -9.46 -28.69
CA GLN B 117 6.73 -10.79 -28.12
C GLN B 117 5.75 -11.07 -26.97
N MET B 118 5.49 -10.10 -26.11
CA MET B 118 4.46 -10.31 -25.08
C MET B 118 3.09 -10.57 -25.72
N SER B 119 2.75 -9.81 -26.75
CA SER B 119 1.51 -10.04 -27.49
C SER B 119 1.45 -11.46 -28.03
N ARG B 120 2.54 -11.91 -28.68
CA ARG B 120 2.54 -13.26 -29.22
C ARG B 120 2.34 -14.32 -28.14
N ILE B 121 3.04 -14.18 -27.01
CA ILE B 121 2.98 -15.22 -25.99
C ILE B 121 1.57 -15.36 -25.45
N TYR B 122 0.92 -14.23 -25.19
CA TYR B 122 -0.44 -14.28 -24.65
C TYR B 122 -1.41 -14.93 -25.62
N SER B 123 -1.44 -14.46 -26.85
CA SER B 123 -2.49 -14.88 -27.77
C SER B 123 -2.24 -16.24 -28.37
N THR B 124 -1.03 -16.77 -28.24
CA THR B 124 -0.73 -18.11 -28.74
C THR B 124 -0.67 -19.18 -27.65
N ALA B 125 -0.70 -18.81 -26.37
CA ALA B 125 -0.62 -19.80 -25.31
C ALA B 125 -1.77 -20.79 -25.36
N LYS B 126 -1.44 -22.06 -25.07
CA LYS B 126 -2.38 -23.16 -25.10
C LYS B 126 -2.28 -23.94 -23.80
N VAL B 127 -3.33 -24.70 -23.50
CA VAL B 127 -3.38 -25.59 -22.36
C VAL B 127 -3.61 -26.99 -22.89
N CYS B 128 -2.59 -27.83 -22.80
CA CYS B 128 -2.65 -29.20 -23.29
C CYS B 128 -2.92 -30.17 -22.14
N LEU B 129 -3.51 -31.30 -22.49
CA LEU B 129 -3.96 -32.29 -21.51
C LEU B 129 -3.01 -33.47 -21.41
N THR B 135 -3.72 -32.55 -28.76
CA THR B 135 -4.88 -31.65 -28.60
C THR B 135 -4.60 -30.60 -27.53
N CYS B 136 -4.86 -29.34 -27.83
CA CYS B 136 -4.56 -28.26 -26.91
C CYS B 136 -5.61 -27.17 -26.97
N TRP B 137 -6.13 -26.81 -25.79
CA TRP B 137 -7.15 -25.78 -25.67
C TRP B 137 -6.59 -24.38 -25.75
N SER B 138 -7.29 -23.50 -26.47
CA SER B 138 -6.94 -22.09 -26.50
C SER B 138 -7.85 -21.32 -25.54
N LEU B 139 -7.42 -20.11 -25.18
CA LEU B 139 -8.20 -19.27 -24.28
C LEU B 139 -9.58 -19.00 -24.86
N ASP B 140 -9.64 -18.54 -26.09
CA ASP B 140 -10.91 -18.21 -26.76
C ASP B 140 -11.04 -19.10 -28.00
N PRO B 141 -12.01 -20.00 -28.07
CA PRO B 141 -13.16 -20.16 -27.19
C PRO B 141 -13.04 -21.21 -26.10
N ASP B 142 -11.98 -22.02 -26.10
CA ASP B 142 -12.07 -23.31 -25.39
C ASP B 142 -12.11 -23.13 -23.88
N LEU B 143 -11.14 -22.41 -23.34
CA LEU B 143 -11.10 -22.20 -21.89
C LEU B 143 -12.18 -21.21 -21.45
N THR B 144 -12.44 -20.17 -22.26
CA THR B 144 -13.56 -19.30 -21.97
C THR B 144 -14.81 -20.13 -21.75
N ASN B 145 -15.06 -21.07 -22.65
CA ASN B 145 -16.28 -21.86 -22.56
C ASN B 145 -16.26 -22.76 -21.33
N ILE B 146 -15.09 -23.33 -20.98
CA ILE B 146 -15.01 -24.15 -19.78
C ILE B 146 -15.29 -23.31 -18.53
N LEU B 147 -14.63 -22.15 -18.43
CA LEU B 147 -14.83 -21.34 -17.23
C LEU B 147 -16.27 -20.90 -17.09
N ALA B 148 -16.98 -20.71 -18.24
CA ALA B 148 -18.35 -20.22 -18.21
C ALA B 148 -19.37 -21.31 -17.92
N SER B 149 -19.09 -22.56 -18.25
CA SER B 149 -20.15 -23.57 -18.26
C SER B 149 -19.85 -24.81 -17.45
N SER B 150 -18.60 -25.16 -17.21
CA SER B 150 -18.29 -26.31 -16.37
C SER B 150 -18.67 -26.02 -14.92
N ARG B 151 -19.28 -27.00 -14.27
CA ARG B 151 -19.47 -26.97 -12.83
C ARG B 151 -18.70 -28.10 -12.17
N SER B 152 -17.68 -28.61 -12.83
CA SER B 152 -16.75 -29.56 -12.23
C SER B 152 -15.62 -28.76 -11.61
N TYR B 153 -15.52 -28.81 -10.28
CA TYR B 153 -14.43 -28.13 -9.59
C TYR B 153 -13.09 -28.46 -10.24
N ALA B 154 -12.82 -29.74 -10.50
CA ALA B 154 -11.50 -30.13 -10.95
C ALA B 154 -11.25 -29.67 -12.38
N MET B 155 -12.29 -29.64 -13.22
CA MET B 155 -12.10 -29.19 -14.60
C MET B 155 -11.89 -27.68 -14.65
N LEU B 156 -12.68 -26.94 -13.88
CA LEU B 156 -12.46 -25.51 -13.72
C LEU B 156 -11.05 -25.24 -13.22
N LEU B 157 -10.56 -26.04 -12.28
CA LEU B 157 -9.21 -25.81 -11.74
C LEU B 157 -8.14 -26.07 -12.79
N PHE B 158 -8.26 -27.15 -13.54
CA PHE B 158 -7.27 -27.45 -14.55
C PHE B 158 -7.21 -26.33 -15.61
N ALA B 159 -8.35 -25.80 -15.99
CA ALA B 159 -8.37 -24.72 -16.97
C ALA B 159 -7.77 -23.45 -16.39
N TRP B 160 -8.08 -23.14 -15.13
CA TRP B 160 -7.57 -21.92 -14.50
C TRP B 160 -6.06 -21.99 -14.27
N GLU B 161 -5.61 -23.08 -13.66
CA GLU B 161 -4.18 -23.26 -13.43
C GLU B 161 -3.43 -23.37 -14.76
N GLY B 162 -3.96 -24.15 -15.68
CA GLY B 162 -3.24 -24.32 -16.94
C GLY B 162 -3.06 -23.01 -17.67
N TRP B 163 -4.13 -22.18 -17.69
CA TRP B 163 -4.03 -20.90 -18.36
C TRP B 163 -3.03 -19.98 -17.65
N HIS B 164 -3.13 -19.87 -16.33
CA HIS B 164 -2.30 -18.89 -15.64
C HIS B 164 -0.83 -19.29 -15.73
N ASN B 165 -0.55 -20.59 -15.57
CA ASN B 165 0.83 -21.07 -15.75
C ASN B 165 1.34 -20.87 -17.17
N ALA B 166 0.48 -21.15 -18.17
CA ALA B 166 0.91 -21.14 -19.56
C ALA B 166 1.20 -19.74 -20.07
N ALA B 167 0.38 -18.78 -19.69
CA ALA B 167 0.57 -17.42 -20.18
C ALA B 167 1.49 -16.61 -19.30
N GLY B 168 1.38 -16.75 -17.97
CA GLY B 168 2.04 -15.81 -17.09
C GLY B 168 3.53 -16.07 -16.97
N ILE B 169 3.87 -17.33 -16.75
CA ILE B 169 5.27 -17.64 -16.43
C ILE B 169 6.22 -17.15 -17.50
N PRO B 170 6.04 -17.46 -18.79
CA PRO B 170 6.99 -16.97 -19.80
C PRO B 170 6.97 -15.47 -20.00
N LEU B 171 5.92 -14.78 -19.53
CA LEU B 171 5.86 -13.34 -19.76
C LEU B 171 6.70 -12.56 -18.75
N LYS B 172 6.91 -13.10 -17.56
CA LYS B 172 7.46 -12.28 -16.50
C LYS B 172 8.79 -11.64 -16.90
N PRO B 173 9.78 -12.38 -17.42
CA PRO B 173 11.06 -11.74 -17.77
C PRO B 173 10.90 -10.58 -18.73
N LEU B 174 10.02 -10.73 -19.74
CA LEU B 174 9.78 -9.66 -20.71
C LEU B 174 9.11 -8.47 -20.06
N TYR B 175 8.09 -8.72 -19.22
CA TYR B 175 7.35 -7.60 -18.65
C TYR B 175 8.28 -6.75 -17.79
N GLU B 176 9.22 -7.39 -17.10
N GLU B 176 9.23 -7.37 -17.09
CA GLU B 176 10.23 -6.66 -16.33
CA GLU B 176 10.19 -6.57 -16.33
C GLU B 176 11.01 -5.70 -17.23
C GLU B 176 11.00 -5.66 -17.25
N ASP B 177 11.46 -6.18 -18.39
CA ASP B 177 12.22 -5.34 -19.32
C ASP B 177 11.36 -4.24 -19.91
N PHE B 178 10.10 -4.57 -20.25
CA PHE B 178 9.22 -3.56 -20.78
C PHE B 178 9.07 -2.43 -19.79
N THR B 179 8.80 -2.78 -18.52
CA THR B 179 8.55 -1.76 -17.51
C THR B 179 9.72 -0.77 -17.41
N ALA B 180 10.93 -1.30 -17.41
CA ALA B 180 12.11 -0.45 -17.31
C ALA B 180 12.21 0.52 -18.48
N LEU B 181 12.14 -0.02 -19.72
CA LEU B 181 12.19 0.83 -20.91
C LEU B 181 11.06 1.84 -20.93
N SER B 182 9.84 1.43 -20.58
CA SER B 182 8.74 2.35 -20.60
C SER B 182 8.96 3.49 -19.63
N ASN B 183 9.48 3.18 -18.45
CA ASN B 183 9.71 4.22 -17.44
C ASN B 183 10.78 5.19 -17.90
N GLU B 184 11.83 4.65 -18.54
CA GLU B 184 12.90 5.46 -19.15
C GLU B 184 12.32 6.54 -20.05
N ALA B 185 11.42 6.13 -20.94
CA ALA B 185 10.86 7.04 -21.93
C ALA B 185 10.13 8.20 -21.27
N TYR B 186 9.13 7.90 -20.44
CA TYR B 186 8.24 8.96 -20.00
C TYR B 186 8.87 9.86 -18.96
N LYS B 187 9.95 9.40 -18.31
CA LYS B 187 10.68 10.31 -17.43
C LYS B 187 11.15 11.54 -18.20
N GLN B 188 11.59 11.34 -19.43
CA GLN B 188 12.03 12.44 -20.29
C GLN B 188 10.91 13.36 -20.74
N ASP B 189 9.64 13.11 -20.40
CA ASP B 189 8.59 14.09 -20.59
C ASP B 189 8.21 14.76 -19.29
N GLY B 190 8.91 14.46 -18.21
CA GLY B 190 8.62 15.06 -16.93
C GLY B 190 7.74 14.23 -16.03
N PHE B 191 7.57 12.95 -16.33
CA PHE B 191 6.71 12.06 -15.56
C PHE B 191 7.59 11.21 -14.65
N THR B 192 7.26 11.23 -13.36
CA THR B 192 7.96 10.37 -12.41
C THR B 192 8.00 8.93 -12.92
N ASP B 193 6.89 8.44 -13.48
CA ASP B 193 6.88 7.12 -14.12
C ASP B 193 5.69 7.03 -15.07
N THR B 194 5.66 5.93 -15.83
CA THR B 194 4.63 5.73 -16.84
C THR B 194 3.22 5.79 -16.26
N GLY B 195 3.03 5.32 -15.03
CA GLY B 195 1.71 5.41 -14.42
C GLY B 195 1.24 6.84 -14.28
N ALA B 196 2.16 7.75 -13.93
CA ALA B 196 1.81 9.15 -13.75
C ALA B 196 1.37 9.76 -15.06
N TYR B 197 1.98 9.31 -16.16
CA TYR B 197 1.55 9.74 -17.49
C TYR B 197 0.16 9.20 -17.83
N TRP B 198 -0.02 7.88 -17.71
CA TRP B 198 -1.35 7.28 -17.85
C TRP B 198 -2.39 8.07 -17.05
N ARG B 199 -2.13 8.33 -15.77
CA ARG B 199 -3.13 9.03 -14.98
C ARG B 199 -3.34 10.47 -15.48
N SER B 200 -2.30 11.10 -16.04
CA SER B 200 -2.44 12.49 -16.45
C SER B 200 -3.60 12.70 -17.43
N TRP B 201 -3.98 11.65 -18.17
CA TRP B 201 -5.08 11.74 -19.14
C TRP B 201 -6.38 12.25 -18.55
N TYR B 202 -6.57 12.13 -17.25
CA TYR B 202 -7.81 12.50 -16.62
C TYR B 202 -7.80 13.93 -16.08
N ASN B 203 -6.70 14.66 -16.22
CA ASN B 203 -6.59 16.07 -15.83
C ASN B 203 -7.28 16.37 -14.51
N SER B 204 -7.06 15.51 -13.54
CA SER B 204 -7.55 15.77 -12.21
C SER B 204 -6.35 15.64 -11.27
N PRO B 205 -6.11 16.61 -10.41
CA PRO B 205 -5.04 16.42 -9.41
C PRO B 205 -5.42 15.40 -8.36
N THR B 206 -6.70 15.34 -7.99
CA THR B 206 -7.19 14.41 -6.99
C THR B 206 -7.65 13.06 -7.56
N PHE B 207 -7.22 12.68 -8.77
CA PHE B 207 -7.74 11.48 -9.43
C PHE B 207 -7.79 10.29 -8.47
N GLU B 208 -6.64 9.89 -7.92
CA GLU B 208 -6.58 8.68 -7.10
C GLU B 208 -7.51 8.78 -5.89
N ASP B 209 -7.59 9.95 -5.24
CA ASP B 209 -8.52 10.11 -4.12
C ASP B 209 -9.97 10.11 -4.60
N ASP B 210 -10.24 10.71 -5.75
CA ASP B 210 -11.58 10.66 -6.32
C ASP B 210 -12.01 9.22 -6.57
N LEU B 211 -11.12 8.41 -7.17
CA LEU B 211 -11.42 7.00 -7.40
C LEU B 211 -11.67 6.29 -6.09
N GLU B 212 -10.79 6.51 -5.10
CA GLU B 212 -11.00 5.83 -3.83
C GLU B 212 -12.31 6.22 -3.20
N HIS B 213 -12.74 7.47 -3.39
CA HIS B 213 -13.99 7.90 -2.77
C HIS B 213 -15.17 7.24 -3.47
N LEU B 214 -15.10 7.07 -4.79
CA LEU B 214 -16.13 6.32 -5.51
C LEU B 214 -16.19 4.89 -5.03
N TYR B 215 -15.01 4.25 -4.91
CA TYR B 215 -15.02 2.85 -4.51
C TYR B 215 -15.61 2.68 -3.11
N GLN B 216 -15.42 3.65 -2.20
CA GLN B 216 -16.02 3.53 -0.88
C GLN B 216 -17.55 3.48 -0.96
N GLN B 217 -18.14 4.19 -1.90
CA GLN B 217 -19.60 4.17 -2.02
C GLN B 217 -20.09 2.88 -2.66
N LEU B 218 -19.30 2.30 -3.54
CA LEU B 218 -19.67 1.08 -4.25
C LEU B 218 -19.42 -0.18 -3.44
N GLU B 219 -18.46 -0.15 -2.49
CA GLU B 219 -18.02 -1.41 -1.90
C GLU B 219 -19.10 -2.20 -1.15
N PRO B 220 -20.00 -1.57 -0.37
CA PRO B 220 -21.08 -2.36 0.26
C PRO B 220 -21.90 -3.17 -0.73
N LEU B 221 -22.17 -2.61 -1.91
CA LEU B 221 -22.89 -3.36 -2.95
C LEU B 221 -22.11 -4.59 -3.35
N TYR B 222 -20.79 -4.43 -3.55
CA TYR B 222 -19.99 -5.59 -3.92
C TYR B 222 -19.96 -6.61 -2.79
N LEU B 223 -19.79 -6.16 -1.55
CA LEU B 223 -19.68 -7.13 -0.45
C LEU B 223 -20.96 -7.96 -0.31
N ASN B 224 -22.10 -7.33 -0.51
CA ASN B 224 -23.34 -8.08 -0.43
C ASN B 224 -23.49 -9.03 -1.60
N LEU B 225 -23.20 -8.58 -2.82
CA LEU B 225 -23.23 -9.51 -3.95
C LEU B 225 -22.34 -10.68 -3.70
N HIS B 226 -21.10 -10.41 -3.26
CA HIS B 226 -20.13 -11.44 -2.95
C HIS B 226 -20.65 -12.45 -1.96
N ALA B 227 -21.16 -11.97 -0.83
CA ALA B 227 -21.62 -12.91 0.20
C ALA B 227 -22.76 -13.77 -0.35
N PHE B 228 -23.66 -13.15 -1.11
CA PHE B 228 -24.82 -13.89 -1.65
C PHE B 228 -24.36 -14.96 -2.62
N VAL B 229 -23.41 -14.61 -3.49
CA VAL B 229 -22.89 -15.58 -4.45
C VAL B 229 -22.07 -16.64 -3.74
N ARG B 230 -21.30 -16.26 -2.71
CA ARG B 230 -20.54 -17.27 -1.97
C ARG B 230 -21.47 -18.32 -1.36
N ARG B 231 -22.62 -17.90 -0.89
CA ARG B 231 -23.55 -18.87 -0.31
C ARG B 231 -23.98 -19.89 -1.35
N ALA B 232 -24.31 -19.41 -2.55
CA ALA B 232 -24.71 -20.30 -3.64
C ALA B 232 -23.59 -21.23 -4.06
N LEU B 233 -22.33 -20.76 -4.03
CA LEU B 233 -21.26 -21.68 -4.37
C LEU B 233 -21.05 -22.70 -3.28
N HIS B 234 -21.33 -22.34 -2.04
CA HIS B 234 -21.24 -23.30 -0.95
C HIS B 234 -22.26 -24.43 -1.15
N ARG B 235 -23.51 -24.07 -1.45
CA ARG B 235 -24.51 -25.09 -1.77
C ARG B 235 -23.99 -26.03 -2.85
N ARG B 236 -23.48 -25.48 -3.96
N ARG B 236 -23.44 -25.45 -3.92
CA ARG B 236 -23.07 -26.32 -5.07
CA ARG B 236 -23.05 -26.24 -5.10
C ARG B 236 -21.86 -27.19 -4.71
C ARG B 236 -21.85 -27.13 -4.80
N TYR B 237 -20.82 -26.58 -4.16
CA TYR B 237 -19.54 -27.28 -4.03
C TYR B 237 -19.22 -27.75 -2.62
N GLY B 238 -19.94 -27.28 -1.59
CA GLY B 238 -19.77 -27.84 -0.28
C GLY B 238 -18.62 -27.24 0.53
N ASP B 239 -18.67 -27.51 1.84
CA ASP B 239 -17.80 -26.85 2.82
C ASP B 239 -16.33 -27.10 2.57
N ARG B 240 -16.01 -28.20 1.90
CA ARG B 240 -14.62 -28.49 1.63
C ARG B 240 -13.99 -27.43 0.74
N TYR B 241 -14.78 -26.83 -0.13
CA TYR B 241 -14.23 -26.02 -1.19
C TYR B 241 -14.61 -24.55 -1.08
N ILE B 242 -15.53 -24.21 -0.20
CA ILE B 242 -16.03 -22.86 -0.05
C ILE B 242 -16.04 -22.60 1.44
N ASN B 243 -15.39 -21.52 1.83
CA ASN B 243 -15.30 -21.07 3.20
C ASN B 243 -16.24 -19.86 3.31
N LEU B 244 -17.32 -20.02 4.09
CA LEU B 244 -18.33 -18.98 4.14
C LEU B 244 -17.84 -17.72 4.83
N ARG B 245 -16.62 -17.73 5.31
CA ARG B 245 -16.01 -16.55 5.91
C ARG B 245 -14.66 -16.23 5.29
N GLY B 246 -14.30 -16.86 4.15
CA GLY B 246 -13.06 -16.60 3.48
C GLY B 246 -13.26 -16.20 2.03
N PRO B 247 -12.15 -16.01 1.30
CA PRO B 247 -12.27 -15.63 -0.11
C PRO B 247 -12.79 -16.76 -0.97
N ILE B 248 -13.40 -16.38 -2.08
CA ILE B 248 -13.95 -17.36 -3.03
C ILE B 248 -12.82 -17.86 -3.92
N PRO B 249 -12.67 -19.18 -4.10
CA PRO B 249 -11.69 -19.68 -5.07
C PRO B 249 -11.90 -19.06 -6.44
N ALA B 250 -10.78 -18.60 -7.04
CA ALA B 250 -10.82 -17.63 -8.14
C ALA B 250 -11.35 -18.20 -9.45
N HIS B 251 -11.60 -19.51 -9.52
CA HIS B 251 -11.98 -20.19 -10.75
C HIS B 251 -13.47 -20.54 -10.80
N LEU B 252 -14.26 -20.13 -9.80
CA LEU B 252 -15.61 -20.62 -9.64
C LEU B 252 -16.67 -19.62 -10.08
N LEU B 253 -16.28 -18.51 -10.66
CA LEU B 253 -17.23 -17.43 -10.85
C LEU B 253 -17.58 -17.16 -12.30
N GLY B 254 -17.27 -18.09 -13.19
CA GLY B 254 -17.79 -18.05 -14.56
C GLY B 254 -16.86 -17.47 -15.60
N ASP B 255 -15.67 -17.05 -15.19
CA ASP B 255 -14.82 -16.16 -15.95
C ASP B 255 -13.38 -16.41 -15.47
N MET B 256 -12.43 -16.44 -16.41
CA MET B 256 -11.04 -16.79 -16.07
C MET B 256 -10.44 -15.83 -15.04
N TRP B 257 -10.89 -14.57 -15.03
CA TRP B 257 -10.36 -13.56 -14.12
C TRP B 257 -11.32 -13.24 -12.98
N ALA B 258 -12.42 -13.98 -12.88
CA ALA B 258 -13.46 -13.69 -11.90
C ALA B 258 -13.92 -12.24 -12.01
N GLN B 259 -13.82 -11.66 -13.20
CA GLN B 259 -14.09 -10.23 -13.33
C GLN B 259 -15.55 -9.91 -13.59
N SER B 260 -16.28 -10.81 -14.22
CA SER B 260 -17.72 -10.67 -14.28
C SER B 260 -18.31 -12.05 -14.02
N TRP B 261 -19.50 -12.06 -13.43
CA TRP B 261 -20.03 -13.29 -12.86
C TRP B 261 -21.33 -13.71 -13.54
N GLU B 262 -21.65 -13.14 -14.69
CA GLU B 262 -22.96 -13.42 -15.28
C GLU B 262 -23.11 -14.89 -15.67
N ASN B 263 -22.00 -15.59 -15.95
CA ASN B 263 -22.13 -16.98 -16.36
C ASN B 263 -22.54 -17.92 -15.24
N ILE B 264 -22.59 -17.50 -13.99
CA ILE B 264 -23.14 -18.35 -12.95
C ILE B 264 -24.51 -17.86 -12.50
N TYR B 265 -25.13 -16.97 -13.29
CA TYR B 265 -26.50 -16.52 -13.02
C TYR B 265 -27.43 -17.71 -12.73
N ASP B 266 -27.30 -18.78 -13.50
CA ASP B 266 -28.26 -19.86 -13.33
C ASP B 266 -28.14 -20.52 -11.95
N MET B 267 -27.00 -20.34 -11.25
CA MET B 267 -26.90 -20.89 -9.91
C MET B 267 -27.37 -19.95 -8.81
N VAL B 268 -27.61 -18.67 -9.10
CA VAL B 268 -27.92 -17.70 -8.05
C VAL B 268 -29.23 -16.98 -8.27
N VAL B 269 -29.95 -17.27 -9.36
CA VAL B 269 -31.23 -16.61 -9.67
C VAL B 269 -32.08 -16.54 -8.41
N PRO B 270 -32.49 -15.33 -7.99
CA PRO B 270 -33.37 -15.22 -6.81
C PRO B 270 -34.64 -16.06 -6.88
N PHE B 271 -35.40 -15.93 -7.98
CA PHE B 271 -36.68 -16.61 -8.18
C PHE B 271 -36.58 -17.44 -9.46
N PRO B 272 -36.06 -18.66 -9.37
CA PRO B 272 -35.55 -19.35 -10.57
C PRO B 272 -36.57 -19.95 -11.52
N ASP B 273 -37.86 -19.79 -11.25
CA ASP B 273 -38.90 -20.38 -12.09
C ASP B 273 -39.28 -19.51 -13.29
N LYS B 274 -39.03 -18.21 -13.23
CA LYS B 274 -39.55 -17.23 -14.20
C LYS B 274 -38.75 -17.34 -15.50
N PRO B 275 -39.09 -16.52 -16.51
CA PRO B 275 -38.38 -16.65 -17.80
C PRO B 275 -36.87 -16.53 -17.65
N ASN B 276 -36.15 -17.29 -18.45
CA ASN B 276 -34.69 -17.27 -18.46
C ASN B 276 -34.22 -15.98 -19.12
N LEU B 277 -33.66 -15.08 -18.30
CA LEU B 277 -33.15 -13.81 -18.80
C LEU B 277 -31.81 -13.94 -19.53
N ASP B 278 -31.16 -15.11 -19.49
CA ASP B 278 -30.04 -15.41 -20.37
C ASP B 278 -30.61 -15.98 -21.65
N VAL B 279 -30.57 -15.18 -22.72
CA VAL B 279 -31.23 -15.50 -23.98
C VAL B 279 -30.26 -16.22 -24.89
N THR B 280 -29.12 -16.64 -24.36
CA THR B 280 -28.17 -17.36 -25.19
C THR B 280 -28.83 -18.55 -25.89
N SER B 281 -29.59 -19.36 -25.13
CA SER B 281 -30.25 -20.53 -25.70
C SER B 281 -31.16 -20.14 -26.85
N THR B 282 -31.93 -19.07 -26.67
CA THR B 282 -32.79 -18.59 -27.74
C THR B 282 -32.00 -18.06 -28.92
N MET B 283 -30.87 -17.39 -28.68
CA MET B 283 -30.07 -16.93 -29.81
C MET B 283 -29.60 -18.11 -30.66
N LEU B 284 -29.18 -19.20 -30.02
CA LEU B 284 -28.71 -20.35 -30.78
C LEU B 284 -29.89 -21.06 -31.44
N GLN B 285 -30.97 -21.25 -30.69
CA GLN B 285 -32.20 -21.84 -31.23
C GLN B 285 -32.63 -21.16 -32.52
N GLN B 286 -32.58 -19.82 -32.55
CA GLN B 286 -32.98 -19.02 -33.71
C GLN B 286 -31.89 -18.88 -34.75
N GLY B 287 -30.68 -19.37 -34.49
CA GLY B 287 -29.66 -19.35 -35.52
C GLY B 287 -28.86 -18.08 -35.65
N TRP B 288 -28.78 -17.27 -34.59
CA TRP B 288 -27.97 -16.06 -34.71
C TRP B 288 -26.52 -16.43 -35.06
N GLN B 289 -25.88 -15.53 -35.79
CA GLN B 289 -24.47 -15.59 -36.14
C GLN B 289 -23.87 -14.23 -35.82
N ALA B 290 -22.54 -14.16 -35.92
CA ALA B 290 -21.86 -12.90 -35.62
C ALA B 290 -22.40 -11.76 -36.48
N THR B 291 -22.60 -11.99 -37.76
CA THR B 291 -22.96 -10.86 -38.60
C THR B 291 -24.35 -10.32 -38.23
N HIS B 292 -25.25 -11.18 -37.72
CA HIS B 292 -26.53 -10.72 -37.21
C HIS B 292 -26.34 -9.86 -35.97
N MET B 293 -25.47 -10.31 -35.06
CA MET B 293 -25.25 -9.57 -33.82
C MET B 293 -24.75 -8.17 -34.14
N PHE B 294 -23.86 -8.05 -35.12
CA PHE B 294 -23.33 -6.74 -35.47
C PHE B 294 -24.38 -5.86 -36.16
N ARG B 295 -25.24 -6.46 -36.99
CA ARG B 295 -26.34 -5.71 -37.64
C ARG B 295 -27.41 -5.27 -36.64
N VAL B 296 -27.71 -6.11 -35.66
CA VAL B 296 -28.65 -5.69 -34.61
C VAL B 296 -28.07 -4.56 -33.78
N ALA B 297 -26.77 -4.65 -33.43
CA ALA B 297 -26.16 -3.53 -32.71
C ALA B 297 -26.17 -2.26 -33.58
N GLU B 298 -25.80 -2.41 -34.84
CA GLU B 298 -25.82 -1.27 -35.76
C GLU B 298 -27.18 -0.60 -35.76
N GLU B 299 -28.23 -1.38 -35.84
CA GLU B 299 -29.55 -0.76 -35.98
C GLU B 299 -29.93 0.00 -34.72
N PHE B 300 -29.39 -0.39 -33.57
CA PHE B 300 -29.67 0.43 -32.38
C PHE B 300 -29.09 1.83 -32.55
N PHE B 301 -27.83 1.91 -33.02
CA PHE B 301 -27.19 3.20 -33.26
C PHE B 301 -27.96 4.03 -34.27
N THR B 302 -28.29 3.44 -35.42
CA THR B 302 -29.06 4.18 -36.41
C THR B 302 -30.45 4.50 -35.92
N SER B 303 -31.02 3.67 -35.03
CA SER B 303 -32.32 4.03 -34.46
C SER B 303 -32.25 5.35 -33.70
N LEU B 304 -31.09 5.66 -33.12
CA LEU B 304 -30.83 6.93 -32.46
C LEU B 304 -30.36 8.00 -33.44
N GLU B 305 -30.28 7.68 -34.73
CA GLU B 305 -29.77 8.61 -35.74
C GLU B 305 -28.31 8.94 -35.51
N LEU B 306 -27.56 7.98 -34.99
CA LEU B 306 -26.11 7.94 -35.13
C LEU B 306 -25.82 7.21 -36.45
N SER B 307 -24.56 7.07 -36.79
CA SER B 307 -24.19 6.60 -38.10
C SER B 307 -24.22 5.09 -38.21
N PRO B 308 -24.57 4.57 -39.39
CA PRO B 308 -24.35 3.15 -39.67
C PRO B 308 -22.87 2.89 -39.83
N MET B 309 -22.54 1.61 -39.84
CA MET B 309 -21.18 1.18 -40.12
C MET B 309 -20.89 1.38 -41.60
N PRO B 310 -19.80 2.05 -41.97
CA PRO B 310 -19.52 2.31 -43.39
C PRO B 310 -19.17 1.02 -44.11
N PRO B 311 -19.24 1.01 -45.43
CA PRO B 311 -18.91 -0.21 -46.19
C PRO B 311 -17.53 -0.77 -45.89
N GLU B 312 -16.57 0.13 -45.66
CA GLU B 312 -15.21 -0.26 -45.32
C GLU B 312 -15.18 -1.12 -44.06
N PHE B 313 -16.06 -0.83 -43.10
CA PHE B 313 -16.18 -1.66 -41.89
C PHE B 313 -16.57 -3.09 -42.25
N TRP B 314 -17.65 -3.27 -43.04
CA TRP B 314 -18.13 -4.62 -43.30
C TRP B 314 -17.14 -5.40 -44.15
N GLU B 315 -16.51 -4.74 -45.10
CA GLU B 315 -15.57 -5.46 -45.95
C GLU B 315 -14.27 -5.77 -45.20
N GLY B 316 -13.88 -4.92 -44.26
CA GLY B 316 -12.56 -5.02 -43.65
C GLY B 316 -12.47 -5.68 -42.29
N SER B 317 -13.59 -5.77 -41.58
CA SER B 317 -13.58 -6.28 -40.23
C SER B 317 -13.40 -7.80 -40.20
N MET B 318 -12.94 -8.30 -39.06
CA MET B 318 -12.87 -9.73 -38.80
C MET B 318 -13.83 -10.03 -37.67
N LEU B 319 -14.96 -10.63 -38.00
CA LEU B 319 -16.05 -10.80 -37.04
C LEU B 319 -16.19 -12.22 -36.53
N GLU B 320 -15.39 -13.16 -37.02
CA GLU B 320 -15.33 -14.52 -36.52
C GLU B 320 -13.87 -14.92 -36.40
N LYS B 321 -13.60 -15.90 -35.56
CA LYS B 321 -12.25 -16.45 -35.47
C LYS B 321 -11.90 -17.21 -36.75
N PRO B 322 -10.84 -16.84 -37.47
CA PRO B 322 -10.54 -17.50 -38.74
C PRO B 322 -10.50 -19.01 -38.61
N ALA B 323 -11.22 -19.68 -39.51
CA ALA B 323 -11.22 -21.13 -39.53
C ALA B 323 -10.03 -21.71 -40.27
N ASP B 324 -9.24 -20.88 -40.98
CA ASP B 324 -8.04 -21.37 -41.65
C ASP B 324 -6.92 -21.66 -40.68
N GLY B 325 -7.08 -21.32 -39.39
CA GLY B 325 -6.14 -21.72 -38.37
C GLY B 325 -4.95 -20.80 -38.18
N ARG B 326 -4.92 -19.65 -38.84
CA ARG B 326 -3.88 -18.70 -38.51
C ARG B 326 -4.09 -18.23 -37.07
N GLU B 327 -2.99 -17.98 -36.39
CA GLU B 327 -3.07 -17.41 -35.05
C GLU B 327 -3.55 -15.97 -35.15
N VAL B 328 -4.51 -15.62 -34.30
CA VAL B 328 -4.96 -14.25 -34.20
C VAL B 328 -4.99 -13.87 -32.73
N VAL B 329 -4.99 -12.56 -32.49
CA VAL B 329 -5.35 -11.98 -31.20
C VAL B 329 -6.87 -12.04 -31.11
N CYS B 330 -7.40 -12.91 -30.25
CA CYS B 330 -8.86 -13.03 -30.22
C CYS B 330 -9.53 -11.97 -29.37
N HIS B 331 -8.82 -11.37 -28.41
CA HIS B 331 -9.42 -10.30 -27.64
C HIS B 331 -9.97 -9.25 -28.56
N ALA B 332 -11.24 -8.91 -28.36
CA ALA B 332 -11.94 -8.03 -29.29
C ALA B 332 -11.34 -6.64 -29.27
N SER B 333 -11.35 -5.97 -30.43
CA SER B 333 -10.78 -4.63 -30.49
C SER B 333 -11.35 -3.88 -31.68
N ALA B 334 -11.35 -2.55 -31.55
CA ALA B 334 -11.90 -1.63 -32.54
C ALA B 334 -10.82 -0.66 -33.03
N TRP B 335 -10.74 -0.48 -34.35
CA TRP B 335 -9.56 0.09 -35.00
C TRP B 335 -9.93 1.34 -35.78
N ASP B 336 -9.22 2.44 -35.48
CA ASP B 336 -9.27 3.71 -36.21
C ASP B 336 -7.98 3.87 -37.00
N PHE B 337 -8.10 4.11 -38.30
CA PHE B 337 -6.89 4.17 -39.14
C PHE B 337 -6.46 5.59 -39.45
N TYR B 338 -7.12 6.60 -38.87
CA TYR B 338 -6.68 7.99 -39.05
C TYR B 338 -6.54 8.32 -40.54
N ASN B 339 -7.53 7.92 -41.34
CA ASN B 339 -7.70 8.38 -42.72
C ASN B 339 -9.14 8.87 -42.95
N ARG B 340 -9.91 9.01 -41.89
CA ARG B 340 -11.32 9.38 -41.94
C ARG B 340 -12.18 8.44 -42.76
N LYS B 341 -11.64 7.28 -43.18
CA LYS B 341 -12.35 6.34 -44.04
C LYS B 341 -12.42 4.93 -43.49
N ASP B 342 -11.29 4.35 -43.02
CA ASP B 342 -11.28 2.97 -42.58
C ASP B 342 -11.42 2.82 -41.07
N PHE B 343 -12.27 1.86 -40.68
CA PHE B 343 -12.66 1.61 -39.29
C PHE B 343 -13.07 0.14 -39.24
N ARG B 344 -12.55 -0.62 -38.28
CA ARG B 344 -12.82 -2.05 -38.28
C ARG B 344 -12.92 -2.60 -36.86
N ILE B 345 -13.45 -3.81 -36.77
CA ILE B 345 -13.50 -4.57 -35.53
C ILE B 345 -12.93 -5.94 -35.83
N LYS B 346 -12.09 -6.43 -34.91
CA LYS B 346 -11.54 -7.77 -34.90
C LYS B 346 -12.10 -8.41 -33.62
N GLN B 347 -13.00 -9.37 -33.77
CA GLN B 347 -13.60 -10.05 -32.61
C GLN B 347 -13.79 -11.51 -32.99
N CYS B 348 -13.35 -12.42 -32.12
CA CYS B 348 -13.63 -13.84 -32.32
C CYS B 348 -15.03 -14.12 -31.75
N THR B 349 -16.04 -13.55 -32.41
CA THR B 349 -17.40 -13.55 -31.88
C THR B 349 -17.94 -14.95 -31.69
N ARG B 350 -18.50 -15.19 -30.51
CA ARG B 350 -19.30 -16.34 -30.16
C ARG B 350 -20.77 -15.89 -29.99
N VAL B 351 -21.69 -16.83 -30.18
CA VAL B 351 -23.13 -16.53 -30.14
C VAL B 351 -23.62 -16.73 -28.72
N THR B 352 -23.57 -15.66 -27.92
CA THR B 352 -24.02 -15.67 -26.53
C THR B 352 -24.51 -14.28 -26.17
N MET B 353 -25.27 -14.18 -25.08
CA MET B 353 -25.78 -12.87 -24.67
C MET B 353 -24.63 -11.93 -24.27
N ASP B 354 -23.62 -12.44 -23.57
CA ASP B 354 -22.59 -11.49 -23.13
C ASP B 354 -21.76 -11.00 -24.32
N GLN B 355 -21.61 -11.83 -25.36
CA GLN B 355 -20.92 -11.40 -26.56
C GLN B 355 -21.72 -10.36 -27.33
N LEU B 356 -23.05 -10.47 -27.26
CA LEU B 356 -23.89 -9.43 -27.83
C LEU B 356 -23.58 -8.08 -27.21
N SER B 357 -23.43 -8.06 -25.89
CA SER B 357 -22.99 -6.84 -25.20
C SER B 357 -21.60 -6.41 -25.64
N THR B 358 -20.68 -7.37 -25.77
CA THR B 358 -19.33 -7.02 -26.25
C THR B 358 -19.37 -6.44 -27.66
N VAL B 359 -20.28 -6.95 -28.51
CA VAL B 359 -20.43 -6.40 -29.86
C VAL B 359 -20.85 -4.95 -29.78
N HIS B 360 -21.80 -4.63 -28.87
CA HIS B 360 -22.18 -3.23 -28.66
C HIS B 360 -21.02 -2.42 -28.14
N HIS B 361 -20.30 -2.93 -27.14
CA HIS B 361 -19.10 -2.26 -26.61
C HIS B 361 -18.14 -1.81 -27.73
N GLU B 362 -17.78 -2.74 -28.61
CA GLU B 362 -16.81 -2.45 -29.66
C GLU B 362 -17.40 -1.54 -30.73
N MET B 363 -18.69 -1.69 -31.02
CA MET B 363 -19.27 -0.79 -32.00
C MET B 363 -19.40 0.61 -31.44
N GLY B 364 -19.55 0.73 -30.11
CA GLY B 364 -19.48 2.03 -29.47
C GLY B 364 -18.15 2.74 -29.73
N HIS B 365 -17.04 1.99 -29.76
CA HIS B 365 -15.75 2.60 -30.10
C HIS B 365 -15.77 3.12 -31.53
N ILE B 366 -16.20 2.26 -32.46
CA ILE B 366 -16.31 2.64 -33.86
C ILE B 366 -17.17 3.89 -34.01
N GLN B 367 -18.36 3.90 -33.40
CA GLN B 367 -19.21 5.07 -33.48
C GLN B 367 -18.41 6.32 -33.11
N TYR B 368 -17.69 6.25 -31.98
CA TYR B 368 -16.81 7.35 -31.60
C TYR B 368 -15.90 7.75 -32.75
N TYR B 369 -15.19 6.77 -33.31
CA TYR B 369 -14.27 7.04 -34.40
C TYR B 369 -14.98 7.80 -35.51
N LEU B 370 -16.25 7.47 -35.75
CA LEU B 370 -16.96 8.05 -36.88
C LEU B 370 -17.36 9.49 -36.59
N GLN B 371 -17.75 9.79 -35.37
CA GLN B 371 -18.25 11.12 -35.07
C GLN B 371 -17.13 12.14 -34.98
N TYR B 372 -15.89 11.73 -34.73
CA TYR B 372 -14.82 12.71 -34.55
C TYR B 372 -13.73 12.56 -35.60
N LYS B 373 -13.99 11.85 -36.69
CA LYS B 373 -12.94 11.59 -37.64
C LYS B 373 -12.45 12.87 -38.35
N ASP B 374 -13.26 13.91 -38.41
CA ASP B 374 -12.86 15.15 -39.08
C ASP B 374 -12.20 16.15 -38.13
N LEU B 375 -12.28 15.94 -36.81
CA LEU B 375 -11.43 16.66 -35.85
C LEU B 375 -9.94 16.43 -36.19
N PRO B 376 -9.05 17.32 -35.76
CA PRO B 376 -7.62 17.10 -35.99
C PRO B 376 -7.11 16.07 -35.00
N VAL B 377 -6.25 15.19 -35.49
CA VAL B 377 -5.95 13.95 -34.80
C VAL B 377 -5.79 14.03 -33.29
N SER B 378 -5.10 15.04 -32.76
CA SER B 378 -4.83 15.04 -31.32
C SER B 378 -6.09 15.13 -30.49
N LEU B 379 -7.22 15.46 -31.11
CA LEU B 379 -8.50 15.50 -30.44
C LEU B 379 -9.38 14.29 -30.77
N ARG B 380 -8.88 13.36 -31.58
CA ARG B 380 -9.60 12.14 -31.95
C ARG B 380 -9.42 11.08 -30.86
N ARG B 381 -10.02 11.38 -29.72
CA ARG B 381 -9.91 10.57 -28.53
C ARG B 381 -11.14 10.91 -27.73
N GLY B 382 -11.48 10.06 -26.76
CA GLY B 382 -12.55 10.40 -25.88
C GLY B 382 -12.22 11.59 -25.00
N ALA B 383 -13.28 12.26 -24.53
CA ALA B 383 -13.10 13.24 -23.47
C ALA B 383 -12.04 12.75 -22.47
N ASN B 384 -12.13 11.49 -22.05
CA ASN B 384 -11.02 10.73 -21.46
C ASN B 384 -11.23 9.27 -21.87
N PRO B 385 -10.25 8.38 -21.56
CA PRO B 385 -10.37 7.01 -22.11
C PRO B 385 -11.59 6.26 -21.60
N GLY B 386 -12.11 6.64 -20.42
CA GLY B 386 -13.28 5.98 -19.90
C GLY B 386 -14.54 6.34 -20.65
N PHE B 387 -14.60 7.55 -21.21
CA PHE B 387 -15.69 7.90 -22.12
C PHE B 387 -15.76 6.90 -23.26
N HIS B 388 -14.60 6.58 -23.84
CA HIS B 388 -14.62 5.70 -25.00
C HIS B 388 -15.12 4.33 -24.62
N GLU B 389 -14.76 3.84 -23.41
CA GLU B 389 -15.20 2.51 -23.02
C GLU B 389 -16.68 2.47 -22.63
N ALA B 390 -17.29 3.61 -22.33
CA ALA B 390 -18.65 3.60 -21.82
C ALA B 390 -19.69 3.65 -22.94
N ILE B 391 -19.32 4.07 -24.15
CA ILE B 391 -20.35 4.43 -25.15
C ILE B 391 -21.20 3.21 -25.48
N GLY B 392 -20.56 2.12 -25.88
CA GLY B 392 -21.29 0.93 -26.25
C GLY B 392 -22.05 0.31 -25.09
N ASP B 393 -21.46 0.34 -23.89
CA ASP B 393 -22.10 -0.24 -22.71
C ASP B 393 -23.42 0.44 -22.41
N VAL B 394 -23.51 1.75 -22.66
CA VAL B 394 -24.72 2.50 -22.39
C VAL B 394 -25.88 1.95 -23.22
N LEU B 395 -25.66 1.80 -24.54
CA LEU B 395 -26.69 1.21 -25.39
C LEU B 395 -27.01 -0.22 -24.96
N ALA B 396 -25.98 -0.97 -24.53
CA ALA B 396 -26.23 -2.35 -24.09
C ALA B 396 -27.09 -2.40 -22.83
N LEU B 397 -27.08 -1.34 -22.01
CA LEU B 397 -27.96 -1.32 -20.87
C LEU B 397 -29.43 -1.33 -21.32
N SER B 398 -29.75 -0.54 -22.35
CA SER B 398 -31.10 -0.57 -22.95
C SER B 398 -31.40 -1.90 -23.62
N VAL B 399 -30.44 -2.45 -24.37
CA VAL B 399 -30.67 -3.72 -25.08
C VAL B 399 -31.00 -4.85 -24.10
N SER B 400 -30.34 -4.88 -22.94
N SER B 400 -30.34 -4.87 -22.95
CA SER B 400 -30.49 -6.01 -22.03
CA SER B 400 -30.46 -5.96 -21.98
C SER B 400 -31.82 -6.00 -21.26
C SER B 400 -31.82 -6.00 -21.28
N THR B 401 -32.57 -4.91 -21.31
CA THR B 401 -33.84 -4.86 -20.57
C THR B 401 -34.79 -5.91 -21.14
N PRO B 402 -35.58 -6.60 -20.28
CA PRO B 402 -36.49 -7.63 -20.83
C PRO B 402 -37.49 -7.05 -21.82
N GLU B 403 -37.91 -5.80 -21.62
CA GLU B 403 -38.75 -5.11 -22.60
C GLU B 403 -38.05 -5.03 -23.96
N HIS B 404 -36.79 -4.63 -23.99
CA HIS B 404 -36.14 -4.55 -25.29
C HIS B 404 -35.88 -5.94 -25.85
N LEU B 405 -35.51 -6.91 -25.01
CA LEU B 405 -35.27 -8.26 -25.50
C LEU B 405 -36.56 -8.82 -26.09
N HIS B 406 -37.68 -8.53 -25.47
CA HIS B 406 -38.97 -8.87 -26.08
C HIS B 406 -39.08 -8.25 -27.48
N LYS B 407 -38.77 -6.96 -27.61
CA LYS B 407 -38.93 -6.28 -28.89
C LYS B 407 -38.14 -6.96 -30.01
N ILE B 408 -36.94 -7.45 -29.73
CA ILE B 408 -36.09 -8.03 -30.76
C ILE B 408 -36.21 -9.56 -30.79
N GLY B 409 -37.23 -10.10 -30.17
CA GLY B 409 -37.59 -11.48 -30.39
C GLY B 409 -36.84 -12.51 -29.59
N LEU B 410 -36.11 -12.11 -28.56
CA LEU B 410 -35.30 -13.01 -27.76
C LEU B 410 -35.93 -13.36 -26.41
N LEU B 411 -37.13 -12.85 -26.13
CA LEU B 411 -37.78 -13.10 -24.84
C LEU B 411 -39.29 -12.88 -24.96
N ASP B 412 -40.08 -13.79 -24.40
CA ASP B 412 -41.53 -13.59 -24.28
C ASP B 412 -41.85 -12.73 -23.05
N ARG B 413 -42.79 -11.79 -23.22
CA ARG B 413 -42.93 -10.69 -22.29
C ARG B 413 -42.95 -11.20 -20.84
N VAL B 414 -42.35 -10.42 -19.96
CA VAL B 414 -42.25 -10.74 -18.55
C VAL B 414 -43.28 -9.93 -17.80
N THR B 415 -43.69 -10.42 -16.63
CA THR B 415 -44.60 -9.63 -15.81
C THR B 415 -43.79 -8.58 -15.05
N ASN B 416 -44.21 -7.32 -15.17
CA ASN B 416 -43.60 -6.21 -14.48
C ASN B 416 -43.96 -6.27 -13.01
N ASP B 417 -43.45 -7.29 -12.35
CA ASP B 417 -43.61 -7.50 -10.92
C ASP B 417 -42.25 -7.39 -10.21
N THR B 418 -42.29 -7.49 -8.88
CA THR B 418 -41.06 -7.30 -8.10
C THR B 418 -40.05 -8.40 -8.35
N GLU B 419 -40.52 -9.65 -8.57
CA GLU B 419 -39.60 -10.77 -8.65
C GLU B 419 -38.82 -10.80 -9.96
N SER B 420 -39.48 -10.51 -11.09
CA SER B 420 -38.75 -10.42 -12.35
C SER B 420 -37.80 -9.24 -12.34
N ASP B 421 -38.16 -8.17 -11.65
CA ASP B 421 -37.29 -7.02 -11.50
C ASP B 421 -36.03 -7.38 -10.73
N ILE B 422 -36.18 -8.13 -9.63
CA ILE B 422 -35.04 -8.56 -8.82
C ILE B 422 -34.15 -9.50 -9.64
N ASN B 423 -34.77 -10.45 -10.34
CA ASN B 423 -34.00 -11.33 -11.23
C ASN B 423 -33.15 -10.52 -12.19
N TYR B 424 -33.75 -9.51 -12.83
CA TYR B 424 -33.03 -8.72 -13.82
C TYR B 424 -31.87 -7.96 -13.15
N LEU B 425 -32.16 -7.24 -12.08
CA LEU B 425 -31.13 -6.39 -11.50
C LEU B 425 -29.98 -7.24 -10.95
N LEU B 426 -30.28 -8.47 -10.55
CA LEU B 426 -29.24 -9.34 -10.06
C LEU B 426 -28.36 -9.84 -11.19
N LYS B 427 -28.96 -10.24 -12.30
CA LYS B 427 -28.12 -10.59 -13.46
C LYS B 427 -27.26 -9.40 -13.87
N MET B 428 -27.81 -8.17 -13.79
CA MET B 428 -27.00 -7.00 -14.14
C MET B 428 -25.92 -6.73 -13.09
N ALA B 429 -26.19 -7.00 -11.81
CA ALA B 429 -25.15 -6.84 -10.79
C ALA B 429 -24.00 -7.81 -11.01
N LEU B 430 -24.31 -9.04 -11.43
CA LEU B 430 -23.26 -10.03 -11.71
C LEU B 430 -22.30 -9.52 -12.77
N GLU B 431 -22.83 -8.77 -13.74
CA GLU B 431 -22.02 -8.24 -14.83
C GLU B 431 -21.34 -6.92 -14.46
N LYS B 432 -22.02 -6.03 -13.74
CA LYS B 432 -21.53 -4.67 -13.50
C LYS B 432 -20.91 -4.50 -12.13
N ILE B 433 -21.62 -4.87 -11.06
N ILE B 433 -21.62 -4.86 -11.07
CA ILE B 433 -21.09 -4.67 -9.71
CA ILE B 433 -21.12 -4.68 -9.70
C ILE B 433 -19.90 -5.59 -9.45
C ILE B 433 -19.90 -5.58 -9.47
N ALA B 434 -19.97 -6.84 -9.90
CA ALA B 434 -18.86 -7.77 -9.64
C ALA B 434 -17.55 -7.26 -10.24
N PHE B 435 -17.64 -6.55 -11.35
CA PHE B 435 -16.46 -6.09 -12.07
C PHE B 435 -15.76 -4.97 -11.32
N LEU B 436 -16.50 -4.21 -10.51
CA LEU B 436 -15.96 -2.96 -9.97
C LEU B 436 -14.64 -3.16 -9.26
N PRO B 437 -14.49 -4.11 -8.33
CA PRO B 437 -13.17 -4.27 -7.69
C PRO B 437 -12.06 -4.62 -8.66
N PHE B 438 -12.34 -5.42 -9.69
CA PHE B 438 -11.29 -5.77 -10.64
C PHE B 438 -10.93 -4.57 -11.50
N GLY B 439 -11.93 -3.82 -11.94
CA GLY B 439 -11.65 -2.64 -12.72
C GLY B 439 -10.80 -1.64 -11.96
N TYR B 440 -11.00 -1.56 -10.65
CA TYR B 440 -10.23 -0.67 -9.79
C TYR B 440 -8.81 -1.19 -9.55
N LEU B 441 -8.63 -2.50 -9.30
CA LEU B 441 -7.35 -2.98 -8.78
C LEU B 441 -6.26 -3.15 -9.84
N VAL B 442 -6.61 -3.38 -11.10
CA VAL B 442 -5.58 -3.80 -12.06
C VAL B 442 -4.51 -2.72 -12.22
N ASP B 443 -4.94 -1.48 -12.39
CA ASP B 443 -3.96 -0.39 -12.51
C ASP B 443 -3.40 0.02 -11.15
N GLN B 444 -4.07 -0.26 -10.02
CA GLN B 444 -3.35 -0.13 -8.74
C GLN B 444 -2.12 -1.03 -8.74
N TRP B 445 -2.27 -2.28 -9.19
CA TRP B 445 -1.10 -3.14 -9.36
C TRP B 445 -0.08 -2.51 -10.32
N ARG B 446 -0.53 -2.10 -11.50
CA ARG B 446 0.42 -1.63 -12.53
C ARG B 446 1.04 -0.28 -12.14
N TRP B 447 0.30 0.59 -11.44
CA TRP B 447 0.90 1.82 -10.94
C TRP B 447 2.05 1.53 -9.97
N GLY B 448 1.86 0.58 -9.03
CA GLY B 448 2.94 0.21 -8.13
C GLY B 448 4.10 -0.44 -8.82
N VAL B 449 3.84 -1.17 -9.90
CA VAL B 449 4.95 -1.72 -10.65
C VAL B 449 5.72 -0.58 -11.31
N PHE B 450 5.02 0.34 -11.96
CA PHE B 450 5.70 1.45 -12.62
C PHE B 450 6.44 2.33 -11.62
N SER B 451 5.88 2.54 -10.43
CA SER B 451 6.53 3.42 -9.47
C SER B 451 7.70 2.78 -8.77
N GLY B 452 7.87 1.46 -8.86
CA GLY B 452 8.91 0.76 -8.11
C GLY B 452 8.47 0.22 -6.77
N ARG B 453 7.24 0.51 -6.33
CA ARG B 453 6.79 -0.04 -5.06
C ARG B 453 6.69 -1.55 -5.13
N THR B 454 6.44 -2.08 -6.34
CA THR B 454 6.28 -3.51 -6.61
C THR B 454 7.39 -3.91 -7.56
N PRO B 455 8.53 -4.38 -7.06
CA PRO B 455 9.57 -4.88 -7.96
C PRO B 455 9.20 -6.26 -8.45
N PRO B 456 9.92 -6.78 -9.44
CA PRO B 456 9.67 -8.16 -9.89
C PRO B 456 9.52 -9.18 -8.78
N SER B 457 10.29 -9.03 -7.70
CA SER B 457 10.30 -9.96 -6.57
C SER B 457 8.98 -10.00 -5.83
N ARG B 458 8.05 -9.09 -6.15
CA ARG B 458 6.74 -9.03 -5.51
C ARG B 458 5.59 -8.92 -6.49
N TYR B 459 5.83 -9.17 -7.79
CA TYR B 459 4.77 -9.08 -8.79
C TYR B 459 3.55 -9.91 -8.39
N ASN B 460 3.77 -11.16 -7.95
CA ASN B 460 2.61 -12.01 -7.69
C ASN B 460 2.05 -11.81 -6.28
N PHE B 461 2.94 -11.63 -5.30
CA PHE B 461 2.56 -11.22 -3.95
C PHE B 461 1.62 -10.03 -3.98
N ASP B 462 2.00 -8.96 -4.68
CA ASP B 462 1.17 -7.77 -4.63
C ASP B 462 -0.09 -7.92 -5.48
N TRP B 463 -0.01 -8.71 -6.55
CA TRP B 463 -1.20 -9.00 -7.33
C TRP B 463 -2.24 -9.71 -6.47
N TRP B 464 -1.85 -10.76 -5.75
CA TRP B 464 -2.85 -11.48 -4.98
C TRP B 464 -3.24 -10.72 -3.72
N TYR B 465 -2.34 -9.90 -3.17
CA TYR B 465 -2.78 -8.98 -2.12
C TYR B 465 -4.00 -8.19 -2.60
N LEU B 466 -3.90 -7.63 -3.80
CA LEU B 466 -4.94 -6.72 -4.29
C LEU B 466 -6.20 -7.48 -4.69
N ARG B 467 -6.03 -8.67 -5.30
CA ARG B 467 -7.17 -9.50 -5.65
C ARG B 467 -7.97 -9.90 -4.43
N THR B 468 -7.28 -10.30 -3.37
CA THR B 468 -7.98 -10.63 -2.13
C THR B 468 -8.56 -9.38 -1.50
N LYS B 469 -7.77 -8.32 -1.43
CA LYS B 469 -8.25 -7.09 -0.79
C LYS B 469 -9.56 -6.61 -1.42
N TYR B 470 -9.63 -6.53 -2.75
CA TYR B 470 -10.77 -5.96 -3.46
C TYR B 470 -11.81 -6.99 -3.86
N GLN B 471 -11.41 -8.08 -4.52
CA GLN B 471 -12.40 -9.02 -5.01
C GLN B 471 -12.76 -10.08 -4.00
N GLY B 472 -11.96 -10.28 -2.95
CA GLY B 472 -12.31 -11.36 -2.03
C GLY B 472 -12.24 -12.73 -2.65
N ILE B 473 -11.23 -12.96 -3.49
CA ILE B 473 -10.95 -14.27 -4.06
C ILE B 473 -9.56 -14.72 -3.61
N CYS B 474 -9.31 -16.01 -3.79
CA CYS B 474 -7.99 -16.58 -3.56
C CYS B 474 -7.63 -17.53 -4.68
N PRO B 475 -6.35 -17.73 -4.94
CA PRO B 475 -5.95 -18.69 -5.95
C PRO B 475 -6.30 -20.08 -5.48
N PRO B 476 -6.89 -20.92 -6.36
CA PRO B 476 -7.28 -22.28 -5.91
C PRO B 476 -6.12 -23.24 -5.83
N VAL B 477 -4.96 -22.87 -6.34
CA VAL B 477 -3.73 -23.62 -6.10
C VAL B 477 -2.71 -22.63 -5.55
N THR B 478 -1.68 -23.18 -4.92
CA THR B 478 -0.62 -22.32 -4.40
C THR B 478 0.11 -21.62 -5.54
N ARG B 479 0.46 -20.34 -5.31
CA ARG B 479 1.28 -19.59 -6.23
C ARG B 479 2.55 -19.10 -5.55
N ASN B 480 3.56 -18.84 -6.35
CA ASN B 480 4.77 -18.20 -5.88
C ASN B 480 5.25 -17.23 -6.95
N GLU B 481 6.44 -16.69 -6.74
CA GLU B 481 6.89 -15.61 -7.61
C GLU B 481 7.45 -16.13 -8.92
N THR B 482 7.46 -17.44 -9.14
CA THR B 482 7.66 -17.96 -10.49
C THR B 482 6.45 -17.70 -11.36
N HIS B 483 5.28 -17.68 -10.74
CA HIS B 483 4.05 -17.32 -11.41
C HIS B 483 3.96 -15.80 -11.57
N PHE B 484 3.27 -15.40 -12.65
CA PHE B 484 3.04 -14.03 -13.01
C PHE B 484 1.57 -13.96 -13.44
N ASP B 485 0.68 -14.02 -12.48
CA ASP B 485 -0.73 -14.19 -12.80
C ASP B 485 -1.36 -12.94 -13.39
N ALA B 486 -0.81 -11.75 -13.09
CA ALA B 486 -1.25 -10.54 -13.78
C ALA B 486 -0.99 -10.65 -15.28
N GLY B 487 0.08 -11.33 -15.66
CA GLY B 487 0.39 -11.49 -17.07
C GLY B 487 -0.58 -12.36 -17.84
N ALA B 488 -1.40 -13.12 -17.13
CA ALA B 488 -2.41 -13.96 -17.75
C ALA B 488 -3.72 -13.21 -18.01
N LYS B 489 -3.72 -11.90 -17.85
CA LYS B 489 -4.83 -11.03 -18.22
C LYS B 489 -4.41 -10.19 -19.42
N PHE B 490 -5.20 -10.23 -20.50
CA PHE B 490 -4.80 -9.62 -21.78
C PHE B 490 -4.13 -8.25 -21.66
N HIS B 491 -4.71 -7.32 -20.89
CA HIS B 491 -4.25 -5.94 -20.96
C HIS B 491 -2.85 -5.73 -20.42
N VAL B 492 -2.32 -6.67 -19.67
CA VAL B 492 -1.00 -6.49 -19.05
C VAL B 492 0.07 -6.70 -20.11
N PRO B 493 0.19 -7.88 -20.74
CA PRO B 493 1.18 -7.97 -21.84
C PRO B 493 0.90 -7.02 -22.99
N ASN B 494 -0.39 -6.77 -23.31
CA ASN B 494 -0.73 -5.86 -24.41
C ASN B 494 -0.76 -4.41 -23.99
N VAL B 495 -0.21 -4.09 -22.83
CA VAL B 495 -0.02 -2.70 -22.39
C VAL B 495 -1.20 -1.81 -22.67
N THR B 496 -2.39 -2.26 -22.30
CA THR B 496 -3.59 -1.45 -22.44
C THR B 496 -4.01 -1.03 -21.04
N PRO B 497 -4.07 0.25 -20.72
CA PRO B 497 -4.40 0.62 -19.34
C PRO B 497 -5.80 0.10 -18.99
N TYR B 498 -6.08 0.06 -17.68
CA TYR B 498 -7.33 -0.51 -17.18
C TYR B 498 -8.25 0.43 -16.40
N ILE B 499 -7.75 1.51 -15.80
CA ILE B 499 -8.61 2.28 -14.92
C ILE B 499 -9.79 2.86 -15.71
N ARG B 500 -9.61 3.05 -17.01
CA ARG B 500 -10.71 3.45 -17.90
C ARG B 500 -11.95 2.59 -17.74
N TYR B 501 -11.79 1.31 -17.33
CA TYR B 501 -12.99 0.46 -17.23
C TYR B 501 -13.72 0.70 -15.93
N PHE B 502 -12.99 0.90 -14.83
CA PHE B 502 -13.64 1.40 -13.61
C PHE B 502 -14.38 2.73 -13.89
N VAL B 503 -13.69 3.69 -14.52
CA VAL B 503 -14.29 4.97 -14.82
C VAL B 503 -15.55 4.75 -15.66
N SER B 504 -15.44 3.96 -16.73
N SER B 504 -15.44 3.92 -16.69
CA SER B 504 -16.60 3.71 -17.58
CA SER B 504 -16.55 3.71 -17.62
C SER B 504 -17.77 3.15 -16.79
C SER B 504 -17.72 2.95 -17.01
N PHE B 505 -17.51 2.15 -15.95
CA PHE B 505 -18.62 1.45 -15.33
C PHE B 505 -19.40 2.38 -14.43
N VAL B 506 -18.74 3.41 -13.91
CA VAL B 506 -19.46 4.44 -13.16
C VAL B 506 -20.16 5.40 -14.13
N LEU B 507 -19.40 5.86 -15.13
CA LEU B 507 -19.88 6.83 -16.09
C LEU B 507 -21.10 6.34 -16.86
N GLN B 508 -21.09 5.07 -17.26
CA GLN B 508 -22.18 4.61 -18.12
C GLN B 508 -23.55 4.76 -17.45
N PHE B 509 -23.61 4.67 -16.13
CA PHE B 509 -24.87 4.91 -15.44
C PHE B 509 -25.19 6.38 -15.38
N GLN B 510 -24.16 7.23 -15.29
CA GLN B 510 -24.40 8.66 -15.43
C GLN B 510 -25.00 8.97 -16.79
N PHE B 511 -24.41 8.40 -17.86
CA PHE B 511 -24.90 8.68 -19.21
C PHE B 511 -26.32 8.13 -19.40
N HIS B 512 -26.54 6.90 -18.94
CA HIS B 512 -27.84 6.27 -19.05
C HIS B 512 -28.91 7.16 -18.46
N GLU B 513 -28.69 7.64 -17.23
CA GLU B 513 -29.68 8.50 -16.58
C GLU B 513 -29.92 9.75 -17.40
N ALA B 514 -28.85 10.40 -17.88
CA ALA B 514 -29.00 11.56 -18.73
C ALA B 514 -29.78 11.25 -20.00
N LEU B 515 -29.42 10.17 -20.70
CA LEU B 515 -30.08 9.90 -21.98
C LEU B 515 -31.54 9.48 -21.79
N CYS B 516 -31.83 8.75 -20.71
CA CYS B 516 -33.19 8.35 -20.40
C CYS B 516 -34.06 9.53 -20.03
N LYS B 517 -33.50 10.54 -19.35
CA LYS B 517 -34.25 11.76 -19.11
C LYS B 517 -34.44 12.51 -20.41
N GLU B 518 -33.40 12.60 -21.22
CA GLU B 518 -33.50 13.27 -22.50
C GLU B 518 -34.44 12.54 -23.46
N ALA B 519 -34.77 11.28 -23.20
CA ALA B 519 -35.72 10.53 -24.03
C ALA B 519 -37.16 10.66 -23.53
N GLY B 520 -37.42 11.52 -22.56
CA GLY B 520 -38.74 11.61 -21.98
C GLY B 520 -39.10 10.44 -21.11
N TYR B 521 -38.21 9.48 -20.93
CA TYR B 521 -38.57 8.30 -20.16
C TYR B 521 -38.83 8.71 -18.71
N GLU B 522 -39.77 8.01 -18.08
CA GLU B 522 -40.19 8.39 -16.74
C GLU B 522 -40.27 7.25 -15.73
N GLY B 523 -40.18 5.98 -16.14
CA GLY B 523 -40.23 4.88 -15.21
C GLY B 523 -38.95 4.68 -14.42
N PRO B 524 -38.81 3.53 -13.76
CA PRO B 524 -37.55 3.21 -13.08
C PRO B 524 -36.37 3.32 -14.03
N LEU B 525 -35.24 3.81 -13.51
CA LEU B 525 -34.07 3.96 -14.36
C LEU B 525 -33.69 2.65 -15.03
N HIS B 526 -33.82 1.54 -14.31
CA HIS B 526 -33.32 0.26 -14.81
C HIS B 526 -34.27 -0.43 -15.77
N GLN B 527 -35.39 0.19 -16.10
CA GLN B 527 -36.29 -0.33 -17.12
C GLN B 527 -36.30 0.59 -18.35
N CYS B 528 -35.41 1.58 -18.39
CA CYS B 528 -35.36 2.49 -19.51
C CYS B 528 -34.76 1.81 -20.73
N ASP B 529 -35.33 2.13 -21.88
CA ASP B 529 -34.80 1.74 -23.18
C ASP B 529 -34.84 2.99 -24.04
N ILE B 530 -33.66 3.49 -24.44
CA ILE B 530 -33.55 4.69 -25.26
C ILE B 530 -33.66 4.40 -26.75
N TYR B 531 -33.87 3.14 -27.13
CA TYR B 531 -34.08 2.75 -28.51
C TYR B 531 -34.99 3.74 -29.20
N ARG B 532 -34.62 4.14 -30.41
CA ARG B 532 -35.37 5.06 -31.27
C ARG B 532 -35.59 6.45 -30.68
N SER B 533 -34.86 6.87 -29.65
CA SER B 533 -34.92 8.26 -29.20
C SER B 533 -33.88 9.10 -29.94
N THR B 534 -34.36 9.94 -30.87
CA THR B 534 -33.48 10.86 -31.60
C THR B 534 -32.96 12.00 -30.73
N LYS B 535 -33.71 12.39 -29.69
CA LYS B 535 -33.20 13.39 -28.75
C LYS B 535 -32.00 12.83 -27.97
N ALA B 536 -32.19 11.65 -27.37
CA ALA B 536 -31.08 11.01 -26.66
C ALA B 536 -29.89 10.80 -27.60
N GLY B 537 -30.15 10.38 -28.84
CA GLY B 537 -29.08 10.21 -29.81
C GLY B 537 -28.34 11.49 -30.09
N ALA B 538 -29.08 12.60 -30.24
CA ALA B 538 -28.45 13.88 -30.51
C ALA B 538 -27.54 14.31 -29.37
N LYS B 539 -28.00 14.12 -28.13
N LYS B 539 -28.01 14.14 -28.13
CA LYS B 539 -27.18 14.45 -26.97
CA LYS B 539 -27.18 14.44 -26.96
C LYS B 539 -25.89 13.63 -26.95
C LYS B 539 -25.89 13.63 -26.99
N LEU B 540 -26.01 12.31 -27.10
CA LEU B 540 -24.83 11.47 -27.22
C LEU B 540 -23.94 11.95 -28.36
N ARG B 541 -24.53 12.25 -29.52
CA ARG B 541 -23.72 12.63 -30.67
C ARG B 541 -22.88 13.87 -30.35
N LYS B 542 -23.37 14.73 -29.45
CA LYS B 542 -22.61 15.91 -29.06
C LYS B 542 -21.29 15.50 -28.41
N VAL B 543 -21.36 14.62 -27.43
CA VAL B 543 -20.16 14.05 -26.79
C VAL B 543 -19.23 13.46 -27.82
N LEU B 544 -19.76 12.57 -28.65
CA LEU B 544 -18.89 11.85 -29.58
C LEU B 544 -18.19 12.79 -30.51
N ARG B 545 -18.85 13.89 -30.89
CA ARG B 545 -18.24 14.84 -31.81
C ARG B 545 -17.15 15.65 -31.12
N ALA B 546 -17.37 16.02 -29.85
CA ALA B 546 -16.43 16.85 -29.12
C ALA B 546 -15.06 16.22 -28.98
N GLY B 547 -14.96 14.90 -29.13
CA GLY B 547 -13.68 14.22 -28.97
C GLY B 547 -13.00 14.66 -27.70
N SER B 548 -11.69 14.85 -27.80
CA SER B 548 -10.89 15.37 -26.69
C SER B 548 -10.42 16.78 -27.01
N SER B 549 -11.38 17.68 -27.31
CA SER B 549 -11.12 19.09 -27.52
C SER B 549 -11.48 19.93 -26.30
N ARG B 550 -12.36 19.44 -25.45
CA ARG B 550 -12.75 20.14 -24.25
C ARG B 550 -12.47 19.26 -23.02
N PRO B 551 -12.09 19.87 -21.90
CA PRO B 551 -11.91 19.09 -20.67
C PRO B 551 -13.12 18.19 -20.46
N TRP B 552 -12.84 16.92 -20.17
CA TRP B 552 -13.91 15.95 -20.04
C TRP B 552 -14.92 16.43 -19.02
N GLN B 553 -14.48 17.25 -18.07
CA GLN B 553 -15.42 17.71 -17.04
C GLN B 553 -16.43 18.69 -17.61
N GLU B 554 -16.08 19.39 -18.69
CA GLU B 554 -17.02 20.30 -19.32
C GLU B 554 -17.97 19.53 -20.22
N VAL B 555 -17.40 18.74 -21.14
CA VAL B 555 -18.15 17.81 -21.96
C VAL B 555 -19.15 17.08 -21.08
N LEU B 556 -18.69 16.57 -19.93
CA LEU B 556 -19.58 15.83 -19.03
C LEU B 556 -20.66 16.73 -18.43
N LYS B 557 -20.31 17.97 -18.06
CA LYS B 557 -21.31 18.87 -17.49
C LYS B 557 -22.45 19.14 -18.50
N ASP B 558 -22.09 19.37 -19.76
CA ASP B 558 -23.09 19.54 -20.80
C ASP B 558 -24.08 18.39 -20.85
N MET B 559 -23.60 17.17 -20.59
CA MET B 559 -24.38 15.98 -20.86
C MET B 559 -25.27 15.57 -19.71
N VAL B 560 -24.80 15.66 -18.47
CA VAL B 560 -25.53 15.16 -17.31
C VAL B 560 -25.74 16.22 -16.24
N GLY B 561 -25.19 17.42 -16.42
CA GLY B 561 -25.37 18.48 -15.43
C GLY B 561 -24.40 18.45 -14.28
N LEU B 562 -23.30 17.71 -14.41
CA LEU B 562 -22.31 17.52 -13.35
C LEU B 562 -20.96 17.47 -14.01
N ASP B 563 -19.96 18.07 -13.37
CA ASP B 563 -18.64 18.13 -13.97
C ASP B 563 -17.72 17.06 -13.40
N ALA B 564 -18.28 16.06 -12.73
CA ALA B 564 -17.50 15.03 -12.07
C ALA B 564 -18.20 13.67 -12.10
N LEU B 565 -17.39 12.61 -12.02
CA LEU B 565 -17.88 11.26 -11.79
C LEU B 565 -18.69 11.19 -10.50
N ASP B 566 -19.71 10.33 -10.52
CA ASP B 566 -20.72 10.27 -9.48
C ASP B 566 -21.31 8.87 -9.50
N ALA B 567 -21.29 8.21 -8.35
CA ALA B 567 -21.83 6.86 -8.22
C ALA B 567 -23.34 6.84 -8.04
N GLN B 568 -23.98 7.99 -7.86
CA GLN B 568 -25.40 7.99 -7.55
C GLN B 568 -26.24 7.35 -8.64
N PRO B 569 -26.04 7.65 -9.92
CA PRO B 569 -26.84 6.94 -10.94
C PRO B 569 -26.73 5.42 -10.82
N LEU B 570 -25.51 4.90 -10.66
CA LEU B 570 -25.38 3.46 -10.53
C LEU B 570 -26.10 2.95 -9.31
N LEU B 571 -26.00 3.69 -8.21
CA LEU B 571 -26.67 3.27 -6.99
C LEU B 571 -28.17 3.27 -7.19
N LYS B 572 -28.68 4.26 -7.92
CA LYS B 572 -30.12 4.38 -8.14
C LYS B 572 -30.61 3.27 -9.06
N TYR B 573 -29.86 2.98 -10.10
CA TYR B 573 -30.18 1.86 -10.98
C TYR B 573 -30.36 0.58 -10.19
N PHE B 574 -29.42 0.30 -9.27
CA PHE B 574 -29.43 -0.99 -8.59
C PHE B 574 -30.21 -1.00 -7.27
N GLN B 575 -30.72 0.15 -6.84
CA GLN B 575 -31.27 0.31 -5.50
C GLN B 575 -32.07 -0.87 -4.98
N LEU B 576 -32.89 -1.48 -5.82
CA LEU B 576 -33.82 -2.49 -5.36
C LEU B 576 -33.15 -3.83 -5.06
N VAL B 577 -32.20 -4.24 -5.92
CA VAL B 577 -31.49 -5.47 -5.65
C VAL B 577 -30.45 -5.23 -4.56
N THR B 578 -29.99 -3.98 -4.42
CA THR B 578 -29.10 -3.68 -3.30
C THR B 578 -29.81 -3.95 -1.99
N GLN B 579 -31.06 -3.48 -1.88
CA GLN B 579 -31.85 -3.72 -0.68
C GLN B 579 -32.19 -5.19 -0.53
N TRP B 580 -32.59 -5.84 -1.62
CA TRP B 580 -32.91 -7.25 -1.53
C TRP B 580 -31.72 -8.04 -1.05
N LEU B 581 -30.54 -7.76 -1.60
CA LEU B 581 -29.37 -8.54 -1.26
C LEU B 581 -29.00 -8.42 0.21
N GLN B 582 -29.12 -7.21 0.78
CA GLN B 582 -28.86 -7.07 2.21
C GLN B 582 -29.75 -8.02 3.01
N GLU B 583 -31.06 -7.96 2.76
CA GLU B 583 -32.00 -8.84 3.41
C GLU B 583 -31.55 -10.28 3.33
N GLN B 584 -31.42 -10.80 2.11
CA GLN B 584 -31.04 -12.20 1.95
C GLN B 584 -29.84 -12.55 2.83
N ASN B 585 -28.83 -11.68 2.85
CA ASN B 585 -27.64 -12.04 3.63
C ASN B 585 -27.92 -12.00 5.12
N GLN B 586 -28.72 -11.04 5.61
CA GLN B 586 -29.09 -11.04 7.02
C GLN B 586 -29.80 -12.33 7.40
N GLN B 587 -30.85 -12.69 6.65
CA GLN B 587 -31.58 -13.93 6.93
C GLN B 587 -30.67 -15.14 6.93
N ASN B 588 -29.68 -15.17 6.04
CA ASN B 588 -28.77 -16.29 6.03
C ASN B 588 -27.67 -16.12 7.08
N GLY B 589 -27.66 -15.01 7.82
CA GLY B 589 -26.60 -14.82 8.79
C GLY B 589 -25.22 -14.81 8.15
N GLU B 590 -25.10 -14.15 7.00
CA GLU B 590 -23.82 -14.15 6.33
C GLU B 590 -22.83 -13.23 7.04
N VAL B 591 -21.56 -13.54 6.90
CA VAL B 591 -20.48 -12.63 7.21
C VAL B 591 -20.16 -11.84 5.96
N LEU B 592 -20.28 -10.52 6.04
CA LEU B 592 -19.89 -9.67 4.93
C LEU B 592 -18.37 -9.55 4.94
N GLY B 593 -17.74 -9.83 3.82
CA GLY B 593 -16.28 -9.82 3.75
C GLY B 593 -15.71 -11.21 3.92
N TRP B 594 -14.40 -11.25 4.14
CA TRP B 594 -13.67 -12.52 4.12
C TRP B 594 -12.60 -12.47 5.19
N PRO B 595 -13.03 -12.50 6.45
CA PRO B 595 -12.09 -12.35 7.58
C PRO B 595 -11.04 -13.44 7.70
N GLU B 596 -11.32 -14.65 7.19
CA GLU B 596 -10.30 -15.70 7.14
C GLU B 596 -9.50 -15.52 5.84
N TYR B 597 -8.74 -14.42 5.83
CA TYR B 597 -8.09 -13.93 4.63
C TYR B 597 -6.96 -14.84 4.19
N GLN B 598 -6.45 -15.71 5.08
CA GLN B 598 -5.40 -16.65 4.74
C GLN B 598 -5.91 -17.92 4.05
N TRP B 599 -7.23 -18.12 3.99
CA TRP B 599 -7.77 -19.41 3.57
C TRP B 599 -7.61 -19.64 2.07
N HIS B 600 -7.17 -20.85 1.72
CA HIS B 600 -7.16 -21.38 0.37
C HIS B 600 -7.85 -22.73 0.36
N PRO B 601 -8.56 -23.07 -0.71
CA PRO B 601 -9.18 -24.37 -0.80
C PRO B 601 -8.16 -25.49 -0.90
N PRO B 602 -8.53 -26.71 -0.52
CA PRO B 602 -7.66 -27.85 -0.76
C PRO B 602 -7.70 -28.26 -2.23
N LEU B 603 -6.75 -29.07 -2.57
CA LEU B 603 -6.75 -29.65 -3.90
C LEU B 603 -7.78 -30.76 -4.00
N PRO B 604 -8.34 -30.97 -5.18
CA PRO B 604 -9.18 -32.15 -5.39
C PRO B 604 -8.33 -33.41 -5.26
N ASP B 605 -8.97 -34.49 -4.86
CA ASP B 605 -8.24 -35.72 -4.61
C ASP B 605 -7.75 -36.29 -5.93
N ASN B 606 -6.47 -36.68 -5.94
CA ASN B 606 -5.82 -37.24 -7.14
C ASN B 606 -5.91 -36.28 -8.31
N TYR B 607 -5.45 -35.02 -8.09
CA TYR B 607 -5.46 -33.98 -9.12
C TYR B 607 -4.08 -33.88 -9.75
N PRO B 608 -3.95 -33.93 -11.09
CA PRO B 608 -4.96 -34.16 -12.13
C PRO B 608 -5.03 -35.61 -12.60
N PCA C 1 0.80 17.35 22.94
CA PCA C 1 -0.55 18.02 22.90
CB PCA C 1 -1.09 18.10 21.49
CG PCA C 1 -0.20 17.19 20.65
CD PCA C 1 0.96 16.86 21.56
OE PCA C 1 1.96 16.23 21.17
C PCA C 1 -1.54 17.26 23.78
O PCA C 1 -1.47 16.03 23.83
H PCA C 1 1.42 17.90 22.60
HA PCA C 1 -0.45 18.94 23.23
HB2 PCA C 1 -2.03 17.81 21.47
HB3 PCA C 1 -1.05 19.02 21.17
HG2 PCA C 1 -0.69 16.38 20.38
HG3 PCA C 1 0.10 17.65 19.84
N GLY C 2 -2.44 17.98 24.45
CA GLY C 2 -3.43 17.36 25.31
C GLY C 2 -2.89 16.67 26.55
N LEU C 3 -1.95 15.74 26.36
CA LEU C 3 -1.33 15.03 27.49
C LEU C 3 0.16 15.30 27.60
N PRO C 4 0.81 14.84 28.64
CA PRO C 4 2.28 14.83 28.68
C PRO C 4 2.82 13.92 27.60
N PRO C 5 4.00 14.19 27.06
CA PRO C 5 4.57 13.30 26.04
C PRO C 5 4.82 11.91 26.62
N ARG C 6 4.79 10.90 25.74
CA ARG C 6 4.96 9.52 26.18
C ARG C 6 6.29 9.39 26.93
N PRO C 7 6.35 8.54 27.97
CA PRO C 7 7.67 8.15 28.48
C PRO C 7 8.45 7.50 27.34
N LYS C 8 9.76 7.72 27.35
CA LYS C 8 10.62 7.23 26.28
C LYS C 8 11.05 5.81 26.56
N ILE C 9 10.96 4.95 25.56
CA ILE C 9 11.05 3.48 25.75
C ILE C 9 11.85 2.87 24.60
N PRO C 10 12.34 1.64 24.82
CA PRO C 10 13.11 0.99 23.77
C PRO C 10 12.21 0.47 22.66
N PRO C 11 12.80 0.20 21.47
CA PRO C 11 12.09 -0.47 20.40
C PRO C 11 11.47 -1.75 20.89
N PRO D 7 -5.46 -0.12 -30.07
CA PRO D 7 -6.90 -0.18 -30.36
C PRO D 7 -7.76 -0.38 -29.12
N LYS D 8 -8.99 0.12 -29.18
CA LYS D 8 -9.90 0.11 -28.05
C LYS D 8 -10.58 -1.25 -27.90
N ILE D 9 -10.63 -1.77 -26.67
CA ILE D 9 -10.99 -3.18 -26.43
C ILE D 9 -11.87 -3.32 -25.17
N PRO D 10 -12.53 -4.48 -25.03
CA PRO D 10 -13.36 -4.73 -23.84
C PRO D 10 -12.52 -5.05 -22.62
N PRO D 11 -13.10 -4.95 -21.43
CA PRO D 11 -12.43 -5.27 -20.18
C PRO D 11 -12.03 -6.72 -20.13
C1 NAG E . -0.53 0.38 44.85
C2 NAG E . 0.20 0.83 46.11
C3 NAG E . -0.72 0.74 47.33
C4 NAG E . -2.06 1.44 47.06
C5 NAG E . -2.66 1.00 45.72
C6 NAG E . -3.88 1.81 45.32
C7 NAG E . 2.63 0.56 46.34
C8 NAG E . 3.74 -0.41 46.57
N2 NAG E . 1.40 0.04 46.33
O3 NAG E . -0.09 1.35 48.44
O4 NAG E . -2.95 1.11 48.11
O5 NAG E . -1.70 1.16 44.67
O6 NAG E . -4.60 1.18 44.26
O7 NAG E . 2.85 1.76 46.19
H1 NAG E . -0.78 -0.55 44.94
H2 NAG E . 0.46 1.78 46.01
H3 NAG E . -0.90 -0.20 47.51
H4 NAG E . -1.91 2.41 47.02
H5 NAG E . -2.91 0.06 45.80
H61 NAG E . -4.46 1.91 46.09
H62 NAG E . -3.58 2.69 45.02
H81 NAG E . 3.70 -0.75 47.48
H82 NAG E . 4.60 0.03 46.44
H83 NAG E . 3.66 -1.15 45.94
HN2 NAG E . 1.30 -0.86 46.46
HO3 NAG E . 0.08 0.75 49.07
HO6 NAG E . -5.42 0.98 44.54
C1 NAG E . -3.09 2.02 49.14
C2 NAG E . -4.50 1.92 49.67
C3 NAG E . -4.64 2.84 50.89
C4 NAG E . -3.59 2.46 51.94
C5 NAG E . -2.19 2.38 51.35
C6 NAG E . -1.22 1.71 52.31
C7 NAG E . -6.35 1.34 48.18
C8 NAG E . -7.33 1.84 47.16
N2 NAG E . -5.49 2.24 48.67
O3 NAG E . -5.93 2.72 51.42
O4 NAG E . -3.61 3.43 52.98
O5 NAG E . -2.16 1.60 50.14
O6 NAG E . 0.08 1.58 51.74
O7 NAG E . -6.32 0.16 48.52
H1 NAG E . -2.90 2.94 48.88
H2 NAG E . -4.65 1.00 49.95
H3 NAG E . -4.48 3.76 50.61
H4 NAG E . -3.83 1.58 52.29
H5 NAG E . -1.90 3.29 51.13
H61 NAG E . -1.15 2.25 53.12
H62 NAG E . -1.56 0.83 52.53
H81 NAG E . -6.85 2.24 46.41
H82 NAG E . -7.91 2.51 47.58
H83 NAG E . -7.88 1.10 46.84
HN2 NAG E . -5.54 3.10 48.36
HO3 NAG E . -6.12 3.45 51.89
HO4 NAG E . -4.07 3.12 53.67
HO6 NAG E . 0.69 1.88 52.32
C1 NAG F . 42.98 -3.92 14.76
C2 NAG F . 43.10 -2.57 15.46
C3 NAG F . 42.89 -1.43 14.46
C4 NAG F . 43.76 -1.61 13.22
C5 NAG F . 43.56 -3.01 12.64
C6 NAG F . 44.49 -3.32 11.49
C7 NAG F . 42.39 -2.63 17.82
C8 NAG F . 41.22 -2.49 18.76
N2 NAG F . 42.12 -2.48 16.53
O3 NAG F . 43.21 -0.21 15.12
O4 NAG F . 43.38 -0.64 12.26
O5 NAG F . 43.85 -3.97 13.66
O6 NAG F . 45.84 -3.02 11.81
O7 NAG F . 43.51 -2.87 18.20
H1 NAG F . 42.06 -4.04 14.45
H2 NAG F . 44.00 -2.50 15.82
H3 NAG F . 41.96 -1.42 14.18
H4 NAG F . 44.69 -1.50 13.45
H5 NAG F . 42.64 -3.09 12.34
H61 NAG F . 44.42 -4.28 11.28
H62 NAG F . 44.22 -2.81 10.72
H81 NAG F . 40.56 -3.18 18.55
H82 NAG F . 41.53 -2.60 19.67
H83 NAG F . 40.82 -1.61 18.65
HN2 NAG F . 41.25 -2.31 16.28
HO3 NAG F . 42.80 0.45 14.71
C1 NAG F . 44.36 0.26 11.92
C2 NAG F . 43.99 0.94 10.62
C3 NAG F . 45.03 1.99 10.25
C4 NAG F . 45.28 2.95 11.41
C5 NAG F . 45.51 2.22 12.72
C6 NAG F . 45.44 3.16 13.91
C7 NAG F . 42.68 -0.42 9.03
C8 NAG F . 42.75 -1.42 7.92
N2 NAG F . 43.86 -0.03 9.55
O3 NAG F . 44.55 2.73 9.13
O4 NAG F . 46.45 3.73 11.12
O5 NAG F . 44.49 1.23 12.94
O6 NAG F . 45.63 2.46 15.13
O7 NAG F . 41.62 0.03 9.45
H1 NAG F . 45.22 -0.20 11.82
H2 NAG F . 43.13 1.39 10.74
H3 NAG F . 45.87 1.55 10.03
H4 NAG F . 44.51 3.52 11.50
H5 NAG F . 46.37 1.77 12.70
H61 NAG F . 46.13 3.84 13.82
H62 NAG F . 44.56 3.59 13.92
H81 NAG F . 43.36 -2.15 8.18
H82 NAG F . 43.09 -0.99 7.11
H83 NAG F . 41.86 -1.78 7.76
HN2 NAG F . 44.61 -0.40 9.20
HO3 NAG F . 45.02 3.47 9.03
HO6 NAG F . 45.65 3.03 15.81
C1 BMA F . 46.44 5.10 11.16
C2 BMA F . 47.74 5.80 11.60
C3 BMA F . 47.60 7.33 11.46
C4 BMA F . 46.99 7.74 10.11
C5 BMA F . 45.68 6.94 9.84
C6 BMA F . 45.02 7.21 8.50
O2 BMA F . 48.80 5.38 10.76
O3 BMA F . 48.83 8.02 11.66
O4 BMA F . 46.73 9.14 10.12
O5 BMA F . 46.02 5.53 9.88
O6 BMA F . 43.85 6.40 8.39
H1 BMA F . 45.64 5.29 11.90
H2 BMA F . 47.96 5.56 12.65
H3 BMA F . 46.94 7.69 12.26
H4 BMA F . 47.68 7.47 9.30
H5 BMA F . 44.95 7.19 10.63
H61 BMA F . 45.75 6.98 7.69
H62 BMA F . 44.78 8.28 8.44
HO2 BMA F . 49.25 4.65 11.24
HO3 BMA F . 49.52 7.41 11.35
HO4 BMA F . 47.57 9.56 9.90
HO6 BMA F . 43.97 5.61 8.94
C1 FUC F . 46.53 -2.75 10.65
C2 FUC F . 47.96 -2.31 11.02
C3 FUC F . 48.60 -3.40 11.88
C4 FUC F . 48.63 -4.72 11.08
C5 FUC F . 47.23 -5.05 10.58
C6 FUC F . 47.19 -6.16 9.55
O2 FUC F . 48.00 -1.02 11.64
O3 FUC F . 49.95 -3.11 12.17
O4 FUC F . 49.51 -4.59 9.96
O5 FUC F . 46.59 -3.93 9.92
H1 FUC F . 46.04 -2.01 10.01
H2 FUC F . 48.55 -2.21 10.11
H3 FUC F . 48.00 -3.49 12.80
H4 FUC F . 48.95 -5.54 11.73
H5 FUC F . 46.66 -5.31 11.48
H61 FUC F . 47.58 -7.08 9.99
H62 FUC F . 47.81 -5.90 8.69
H63 FUC F . 46.16 -6.33 9.22
HO2 FUC F . 48.04 -0.38 10.89
HO3 FUC F . 50.48 -3.71 11.61
C1 NAG G . -10.47 -17.24 13.30
C2 NAG G . -11.75 -18.00 12.97
C3 NAG G . -12.51 -18.33 14.27
C4 NAG G . -11.60 -19.15 15.16
C5 NAG G . -10.24 -18.45 15.36
C6 NAG G . -9.24 -19.38 16.02
C7 NAG G . -13.20 -16.12 12.37
C8 NAG G . -14.07 -15.52 11.31
N2 NAG G . -12.61 -17.27 12.05
O3 NAG G . -13.73 -19.00 14.01
O4 NAG G . -12.23 -19.37 16.42
O5 NAG G . -9.65 -18.05 14.12
O6 NAG G . -8.38 -19.96 15.05
O7 NAG G . -13.02 -15.58 13.45
H1 NAG G . -10.70 -16.42 13.77
H2 NAG G . -11.51 -18.83 12.53
H3 NAG G . -12.74 -17.49 14.71
H4 NAG G . -11.43 -20.01 14.74
H5 NAG G . -10.39 -17.66 15.89
H61 NAG G . -8.70 -18.86 16.65
H62 NAG G . -9.71 -20.09 16.49
H81 NAG G . -14.59 -16.22 10.88
H82 NAG G . -14.67 -14.86 11.72
H83 NAG G . -13.51 -15.06 10.65
HN2 NAG G . -12.75 -17.62 11.22
HO3 NAG G . -14.25 -18.96 14.73
C1 NAG G . -12.28 -20.61 17.00
C2 NAG G . -13.07 -20.70 18.31
C3 NAG G . -13.12 -22.15 18.83
C4 NAG G . -13.60 -23.10 17.74
C5 NAG G . -12.73 -22.92 16.49
C6 NAG G . -13.19 -23.77 15.32
C7 NAG G . -11.16 -19.91 19.64
C8 NAG G . -10.69 -18.95 20.70
N2 NAG G . -12.47 -19.84 19.32
O3 NAG G . -13.98 -22.22 19.96
O4 NAG G . -13.54 -24.44 18.20
O5 NAG G . -12.81 -21.56 16.05
O6 NAG G . -14.44 -23.33 14.82
O7 NAG G . -10.41 -20.72 19.11
H2 NAG G . -13.98 -20.42 18.14
H3 NAG G . -12.22 -22.42 19.09
H4 NAG G . -14.52 -22.90 17.50
H5 NAG G . -11.81 -23.15 16.71
H61 NAG G . -13.27 -24.69 15.61
H62 NAG G . -12.52 -23.72 14.61
H81 NAG G . -11.24 -19.05 21.49
H82 NAG G . -10.77 -18.03 20.36
H83 NAG G . -9.76 -19.14 20.91
HN2 NAG G . -12.99 -19.23 19.75
HO3 NAG G . -13.89 -23.01 20.34
HO4 NAG G . -14.11 -24.94 17.73
HO6 NAG G . -14.77 -23.93 14.26
C1 FUC G . -7.46 -20.88 15.46
C2 FUC G . -8.20 -22.17 15.98
C3 FUC G . -9.15 -22.68 14.89
C4 FUC G . -8.32 -23.00 13.65
C5 FUC G . -7.68 -21.69 13.13
C6 FUC G . -6.78 -21.96 11.94
O2 FUC G . -8.91 -22.03 17.23
O3 FUC G . -9.87 -23.87 15.34
O4 FUC G . -7.27 -23.93 13.98
O5 FUC G . -6.88 -21.03 14.15
H2 FUC G . -7.41 -22.90 16.18
H3 FUC G . -9.91 -21.92 14.64
H4 FUC G . -8.97 -23.41 12.87
H5 FUC G . -8.49 -21.00 12.85
H61 FUC G . -6.70 -21.07 11.32
H62 FUC G . -7.19 -22.78 11.34
H63 FUC G . -5.78 -22.25 12.28
HO2 FUC G . -8.24 -21.79 17.89
HO3 FUC G . -9.93 -23.79 16.30
HO4 FUC G . -6.49 -23.39 14.16
C1 NAG H . -43.46 -1.28 -14.24
C2 NAG H . -43.60 -0.13 -15.24
C3 NAG H . -43.17 1.19 -14.60
C4 NAG H . -43.94 1.43 -13.31
C5 NAG H . -43.69 0.25 -12.38
C6 NAG H . -44.39 0.37 -11.05
C7 NAG H . -43.20 -1.21 -17.42
C8 NAG H . -42.25 -1.37 -18.57
N2 NAG H . -42.82 -0.38 -16.45
O3 NAG H . -43.38 2.27 -15.52
O4 NAG H . -43.50 2.63 -12.69
O5 NAG H . -44.17 -0.94 -13.02
O6 NAG H . -44.63 -0.92 -10.49
O7 NAG H . -44.28 -1.81 -17.38
H1 NAG H . -42.52 -1.41 -14.03
H2 NAG H . -44.54 -0.04 -15.50
H3 NAG H . -42.22 1.16 -14.40
H4 NAG H . -44.89 1.52 -13.50
H5 NAG H . -42.73 0.17 -12.21
H61 NAG H . -45.24 0.83 -11.17
H62 NAG H . -43.84 0.88 -10.44
H81 NAG H . -41.53 -1.96 -18.31
H82 NAG H . -42.73 -1.73 -19.34
H83 NAG H . -41.88 -0.49 -18.81
HN2 NAG H . -42.01 0.04 -16.52
HO3 NAG H . -42.67 2.81 -15.51
C1 NAG H . -44.22 3.80 -12.79
C2 NAG H . -43.51 4.82 -11.89
C3 NAG H . -44.14 6.20 -12.04
C4 NAG H . -44.23 6.60 -13.51
C5 NAG H . -44.88 5.48 -14.34
C6 NAG H . -44.85 5.74 -15.82
C7 NAG H . -42.76 3.39 -10.04
C8 NAG H . -42.92 3.06 -8.59
N2 NAG H . -43.54 4.37 -10.51
O3 NAG H . -43.37 7.17 -11.35
O4 NAG H . -44.98 7.80 -13.63
O5 NAG H . -44.18 4.25 -14.13
O6 NAG H . -43.61 5.32 -16.40
O7 NAG H . -41.95 2.82 -10.75
H1 NAG H . -45.16 3.72 -12.51
H2 NAG H . -42.58 4.88 -12.18
H3 NAG H . -45.04 6.15 -11.67
H4 NAG H . -43.33 6.74 -13.87
H5 NAG H . -45.80 5.38 -14.05
H61 NAG H . -44.95 6.71 -15.98
H62 NAG H . -45.58 5.26 -16.25
H81 NAG H . -43.71 2.50 -8.47
H82 NAG H . -43.02 3.87 -8.07
H83 NAG H . -42.14 2.57 -8.27
HN2 NAG H . -44.13 4.78 -9.93
HO3 NAG H . -43.56 7.98 -11.67
HO4 NAG H . -44.79 8.19 -14.41
HO6 NAG H . -43.37 4.55 -16.03
C1 FUC H . -43.88 -1.32 -9.41
C2 FUC H . -44.32 -2.50 -8.55
C3 FUC H . -44.26 -3.80 -9.33
C4 FUC H . -42.85 -3.99 -9.88
C5 FUC H . -42.44 -2.78 -10.72
C6 FUC H . -40.98 -2.79 -11.18
O2 FUC H . -45.61 -2.32 -8.01
O3 FUC H . -44.55 -4.89 -8.47
O4 FUC H . -41.99 -4.17 -8.78
O5 FUC H . -42.60 -1.54 -9.99
H2 FUC H . -43.61 -2.57 -7.71
H3 FUC H . -44.97 -3.77 -10.18
H4 FUC H . -42.79 -4.86 -10.56
H5 FUC H . -43.10 -2.77 -11.59
H61 FUC H . -40.78 -1.93 -11.82
H62 FUC H . -40.77 -3.71 -11.73
H63 FUC H . -40.31 -2.74 -10.31
HO2 FUC H . -46.06 -1.73 -8.62
HO3 FUC H . -45.14 -4.54 -7.78
HO4 FUC H . -41.14 -4.41 -9.16
C1 NAG I . 6.58 -22.46 -7.47
C2 NAG I . 7.98 -23.03 -7.08
C3 NAG I . 8.31 -24.27 -7.91
C4 NAG I . 7.20 -25.30 -7.87
C5 NAG I . 5.91 -24.66 -8.35
C6 NAG I . 4.73 -25.62 -8.32
C7 NAG I . 9.84 -21.66 -6.28
C8 NAG I . 10.83 -20.57 -6.61
N2 NAG I . 9.00 -22.00 -7.25
O3 NAG I . 9.52 -24.82 -7.38
O4 NAG I . 7.50 -26.41 -8.69
O5 NAG I . 5.60 -23.55 -7.51
O6 NAG I . 3.68 -25.23 -7.45
O7 NAG I . 9.82 -22.19 -5.18
H1 NAG I . 6.64 -22.05 -8.35
H2 NAG I . 7.94 -23.31 -6.15
H3 NAG I . 8.45 -24.01 -8.84
H4 NAG I . 7.10 -25.61 -6.95
H5 NAG I . 6.02 -24.34 -9.27
H61 NAG I . 5.05 -26.50 -8.03
H62 NAG I . 4.37 -25.69 -9.22
H81 NAG I . 10.36 -19.72 -6.71
H82 NAG I . 11.49 -20.51 -5.89
H83 NAG I . 11.28 -20.79 -7.45
HN2 NAG I . 9.06 -21.58 -8.06
HO3 NAG I . 9.88 -24.26 -6.81
HO4 NAG I . 6.86 -27.03 -8.62
C1 FUC I . 3.56 -25.98 -6.30
C2 FUC I . 4.74 -25.64 -5.36
C3 FUC I . 4.50 -25.96 -3.88
C4 FUC I . 3.40 -26.99 -3.75
C5 FUC I . 2.11 -26.38 -4.32
C6 FUC I . 0.91 -27.32 -4.26
O2 FUC I . 5.15 -24.28 -5.47
O3 FUC I . 5.72 -26.48 -3.32
O4 FUC I . 3.75 -28.17 -4.46
O5 FUC I . 2.26 -25.98 -5.72
H2 FUC I . 5.55 -26.30 -5.70
H3 FUC I . 4.19 -25.06 -3.33
H4 FUC I . 3.23 -27.23 -2.69
H5 FUC I . 1.91 -25.48 -3.72
H61 FUC I . 0.03 -26.82 -4.66
H62 FUC I . 0.72 -27.61 -3.23
H63 FUC I . 1.11 -28.22 -4.85
HO2 FUC I . 4.42 -23.84 -5.93
HO3 FUC I . 5.77 -27.41 -3.60
HO4 FUC I . 3.76 -28.86 -3.78
O1 XPE J . 30.70 0.21 38.89
C2 XPE J . 31.18 1.39 38.30
C3 XPE J . 31.71 1.18 36.88
O4 XPE J . 32.28 -0.09 36.66
C5 XPE J . 33.41 -0.05 35.80
C6 XPE J . 33.81 -1.45 35.30
O7 XPE J . 33.79 -2.44 36.29
C8 XPE J . 32.70 -3.32 36.22
C9 XPE J . 32.33 -3.90 37.59
O10 XPE J . 30.93 -3.96 37.75
C11 XPE J . 30.43 -4.70 38.84
C12 XPE J . 30.21 -6.18 38.47
O13 XPE J . 29.41 -6.81 39.44
C14 XPE J . 29.62 -8.19 39.65
C15 XPE J . 29.04 -8.71 40.98
O16 XPE J . 29.52 -8.08 42.14
C17 XPE J . 28.62 -7.19 42.77
C18 XPE J . 28.87 -6.90 44.27
O19 XPE J . 28.14 -5.76 44.71
C20 XPE J . 28.86 -4.53 44.67
C21 XPE J . 27.98 -3.32 44.29
O22 XPE J . 26.90 -3.10 45.18
C23 XPE J . 26.94 -1.85 45.84
C24 XPE J . 25.55 -1.24 46.08
O25 XPE J . 25.77 0.11 46.43
C26 XPE J . 25.44 1.11 45.50
C27 XPE J . 26.58 2.13 45.41
O28 XPE J . 27.50 1.65 44.46
C29 XPE J . 28.29 2.60 43.83
C30 XPE J . 28.50 2.21 42.38
O31 XPE J . 29.18 0.98 42.23
HO1 XPE J . 30.24 0.41 39.59
H21 XPE J . 30.45 2.03 38.26
H22 XPE J . 31.90 1.74 38.84
H31A XPE J . 32.39 1.85 36.70
H32 XPE J . 30.98 1.30 36.25
H51 XPE J . 34.15 0.34 36.28
H52 XPE J . 33.20 0.51 35.03
H61 XPE J . 34.72 -1.40 34.94
H62 XPE J . 33.20 -1.70 34.59
H81 XPE J . 32.93 -4.06 35.62
H82 XPE J . 31.93 -2.85 35.87
H91 XPE J . 32.71 -3.35 38.28
H92 XPE J . 32.70 -4.80 37.67
H111 XPE J . 29.59 -4.33 39.12
H112 XPE J . 31.07 -4.66 39.57
H121 XPE J . 31.07 -6.63 38.42
H122 XPE J . 29.77 -6.23 37.61
H141 XPE J . 29.21 -8.67 38.92
H142 XPE J . 30.58 -8.35 39.65
H151 XPE J . 29.25 -9.66 41.04
H152 XPE J . 28.07 -8.60 40.95
H171 XPE J . 27.73 -7.56 42.69
H172 XPE J . 28.67 -6.34 42.29
H181 XPE J . 29.83 -6.74 44.41
H182 XPE J . 28.60 -7.67 44.79
H201 XPE J . 29.57 -4.61 44.03
H202 XPE J . 29.23 -4.37 45.55
H211 XPE J . 28.54 -2.54 44.27
H212 XPE J . 27.62 -3.49 43.41
H231 XPE J . 27.37 -1.98 46.70
H232 XPE J . 27.46 -1.24 45.30
H241 XPE J . 25.11 -1.70 46.81
H242 XPE J . 25.01 -1.30 45.28
H261 XPE J . 25.30 0.71 44.63
H262 XPE J . 24.63 1.57 45.78
H271 XPE J . 27.02 2.22 46.27
H272 XPE J . 26.25 2.99 45.14
H291 XPE J . 27.84 3.46 43.87
H292 XPE J . 29.14 2.67 44.28
H301 XPE J . 29.00 2.90 41.93
H302 XPE J . 27.63 2.12 41.95
H31 XPE J . 29.92 1.13 41.85
C1 EDO K . 6.91 15.01 20.48
O1 EDO K . 5.89 14.65 21.42
C2 EDO K . 6.63 16.38 19.87
O2 EDO K . 7.66 16.71 18.92
H11 EDO K . 7.89 15.02 20.98
H12 EDO K . 6.95 14.25 19.68
HO1 EDO K . 6.13 13.82 21.86
H21 EDO K . 5.67 16.38 19.37
H22 EDO K . 6.60 17.13 20.66
HO2 EDO K . 7.54 17.62 18.61
C1 EDO L . 6.77 11.07 43.26
O1 EDO L . 6.22 10.43 42.10
C2 EDO L . 7.50 12.33 42.84
O2 EDO L . 7.63 13.18 43.99
H11 EDO L . 5.97 11.32 43.96
H12 EDO L . 7.46 10.39 43.76
HO1 EDO L . 5.62 9.73 42.37
H21 EDO L . 8.49 12.08 42.44
H22 EDO L . 6.95 12.84 42.05
HO2 EDO L . 8.08 13.99 43.74
C1 PEG M . -1.15 20.65 8.68
O1 PEG M . -1.27 21.35 7.47
C2 PEG M . -1.76 21.49 9.79
O2 PEG M . -0.70 22.01 10.52
C3 PEG M . -1.09 22.75 11.65
C4 PEG M . -0.36 24.10 11.67
O4 PEG M . 0.89 23.96 12.32
H11 PEG M . -1.63 19.80 8.61
H12 PEG M . -0.22 20.47 8.87
HO1 PEG M . -0.82 20.96 6.87
H21 PEG M . -2.32 20.94 10.36
H22 PEG M . -2.29 22.22 9.41
H31 PEG M . -0.86 22.26 12.45
H32 PEG M . -2.04 22.90 11.62
H41 PEG M . -0.22 24.40 10.76
H42 PEG M . -0.90 24.75 12.14
HO4 PEG M . 0.80 23.46 12.99
B BO3 N . 30.11 8.82 5.71
O1 BO3 N . 31.15 8.06 6.05
O2 BO3 N . 29.78 9.86 6.50
O3 BO3 N . 29.84 8.90 4.42
HO1 BO3 N . 31.34 7.54 5.40
HO2 BO3 N . 30.48 10.19 6.85
HO3 BO3 N . 30.53 9.16 3.99
B BO3 O . 0.75 8.21 4.85
O1 BO3 O . 1.61 7.19 4.77
O2 BO3 O . -0.58 7.97 5.02
O3 BO3 O . 1.17 9.39 4.36
HO1 BO3 O . 2.05 7.15 5.50
HO2 BO3 O . -0.72 7.58 5.76
HO3 BO3 O . 0.50 9.88 4.16
B BO3 P . 5.33 14.23 5.79
O1 BO3 P . 4.35 13.32 5.52
O2 BO3 P . 5.10 15.10 6.81
O3 BO3 P . 6.32 14.49 4.88
HO1 BO3 P . 4.52 12.58 5.89
HO2 BO3 P . 5.77 15.61 6.91
HO3 BO3 P . 6.63 15.27 5.01
C1 PEG Q . 32.97 -20.39 7.74
O1 PEG Q . 31.72 -20.10 8.29
C2 PEG Q . 33.07 -19.74 6.36
O2 PEG Q . 34.40 -19.32 6.14
C3 PEG Q . 34.46 -18.04 5.59
C4 PEG Q . 35.87 -17.50 5.61
O4 PEG Q . 35.78 -16.12 5.50
H11 PEG Q . 33.67 -20.04 8.32
H12 PEG Q . 33.08 -21.35 7.65
HO1 PEG Q . 31.61 -20.56 8.99
H21 PEG Q . 32.48 -18.98 6.32
H22 PEG Q . 32.82 -20.38 5.68
H31 PEG Q . 34.14 -18.07 4.67
H32 PEG Q . 33.89 -17.44 6.11
H41 PEG Q . 36.31 -17.74 6.44
H42 PEG Q . 36.38 -17.87 4.86
HO4 PEG Q . 36.50 -15.78 5.79
C1 EDO R . 36.59 -13.18 4.28
O1 EDO R . 36.46 -14.58 3.95
C2 EDO R . 37.03 -12.99 5.72
O2 EDO R . 38.34 -12.40 5.70
H11 EDO R . 35.64 -12.69 4.12
H12 EDO R . 37.33 -12.72 3.61
HO1 EDO R . 36.28 -14.67 3.00
H21 EDO R . 37.04 -13.94 6.25
H22 EDO R . 36.33 -12.33 6.25
HO2 EDO R . 38.60 -12.15 6.61
C1 EDO S . 31.77 11.19 38.33
O1 EDO S . 32.07 12.39 37.61
C2 EDO S . 30.35 11.36 38.89
O2 EDO S . 30.38 12.49 39.78
H11 EDO S . 32.48 11.03 39.14
H12 EDO S . 31.81 10.33 37.67
HO1 EDO S . 32.85 12.25 37.05
H21 EDO S . 30.05 10.46 39.42
H22 EDO S . 29.64 11.54 38.08
HO2 EDO S . 29.48 12.65 40.12
C1 PGE T . -0.35 -0.53 4.77
C1 PGE T . 1.48 -1.09 1.15
O1 PGE T . -0.23 0.87 4.51
O1 PGE T . 1.93 -0.21 2.18
C2 PGE T . 0.11 -1.22 3.51
C2 PGE T . -0.04 -1.14 1.11
O2 PGE T . -0.71 -2.32 3.31
O2 PGE T . -0.53 -2.48 0.92
C3 PGE T . -0.42 -2.97 2.09
C3 PGE T . -0.02 -3.22 -0.18
C4 PGE T . -1.01 -2.22 0.91
C4 PGE T . -0.44 -2.56 -1.48
O4 PGE T . -1.95 -0.74 -2.89
O4 PGE T . 0.28 -1.43 -5.46
C6 PGE T . -1.62 -0.97 -1.53
C6 PGE T . 0.41 -2.68 -4.79
C5 PGE T . -0.58 -2.06 -1.43
C5 PGE T . -0.61 -2.81 -3.70
O3 PGE T . -0.03 -2.09 -0.12
O3 PGE T . 0.00 -3.34 -2.55
H1 PGE T . 0.28 -0.86 5.60
H1 PGE T . 1.84 -2.12 1.32
H12 PGE T . -1.38 -0.83 4.99
H12 PGE T . 1.83 -0.76 0.16
HO1 PGE T . -1.08 1.20 4.23
HO1 PGE T . 2.89 -0.15 2.13
H2 PGE T . 0.05 -0.51 2.66
H2 PGE T . -0.41 -0.72 2.05
H22 PGE T . 1.16 -1.51 3.62
H22 PGE T . -0.38 -0.49 0.29
H3 PGE T . -0.82 -3.99 2.09
H3 PGE T . -0.39 -4.25 -0.17
H32 PGE T . 0.67 -3.04 1.95
H32 PGE T . 1.08 -3.25 -0.15
H4 PGE T . -1.35 -1.22 1.25
H4 PGE T . -0.01 -1.54 -1.53
H42 PGE T . -1.89 -2.77 0.53
H42 PGE T . -1.54 -2.45 -1.48
HO4 PGE T . -2.68 -0.10 -2.92
HO4 PGE T . -0.60 -1.40 -5.85
H6 PGE T . -1.22 -0.06 -1.06
H6 PGE T . 0.28 -3.53 -5.49
H62 PGE T . -2.50 -1.29 -0.94
H62 PGE T . 1.41 -2.77 -4.33
H5 PGE T . 0.21 -1.87 -2.18
H5 PGE T . -1.43 -3.47 -4.07
H52 PGE T . -1.05 -3.02 -1.68
H52 PGE T . -1.05 -1.83 -3.51
B BO3 U . -11.92 3.41 32.93
O1 BO3 U . -12.56 4.60 33.01
O2 BO3 U . -10.55 3.34 32.99
O3 BO3 U . -12.61 2.28 32.70
HO1 BO3 U . -12.56 4.89 33.82
HO2 BO3 U . -10.31 3.25 33.80
HO3 BO3 U . -13.06 2.35 31.98
ZN ZN V . 13.75 4.92 23.89
CL CL W . 8.32 9.38 16.02
CL CL X . 11.48 13.77 21.34
MG MG Y . 19.74 -11.98 24.50
C1 NAG Z . -0.34 -14.09 -43.14
C2 NAG Z . -0.82 -13.76 -44.56
C3 NAG Z . 0.03 -14.44 -45.64
C4 NAG Z . 1.52 -14.22 -45.39
C5 NAG Z . 1.83 -14.66 -43.97
C6 NAG Z . 3.28 -14.51 -43.58
C7 NAG Z . -2.67 -15.38 -44.57
C8 NAG Z . -4.15 -15.58 -44.75
N2 NAG Z . -2.23 -14.13 -44.71
O3 NAG Z . -0.31 -13.90 -46.92
O4 NAG Z . 2.30 -14.95 -46.33
O5 NAG Z . 1.07 -13.87 -43.06
O6 NAG Z . 3.67 -15.52 -42.67
O7 NAG Z . -1.92 -16.32 -44.33
H1 NAG Z . -0.51 -15.03 -42.95
H2 NAG Z . -0.73 -12.79 -44.69
H3 NAG Z . -0.16 -15.40 -45.61
H4 NAG Z . 1.74 -13.27 -45.50
H5 NAG Z . 1.60 -15.61 -43.88
H61 NAG Z . 3.42 -13.63 -43.17
H62 NAG Z . 3.84 -14.57 -44.38
H81 NAG Z . -4.63 -15.01 -44.12
H82 NAG Z . -4.41 -15.33 -45.66
H83 NAG Z . -4.37 -16.51 -44.59
HN2 NAG Z . -2.84 -13.48 -44.90
HO3 NAG Z . 0.38 -14.00 -47.46
HO4 NAG Z . 2.83 -14.39 -46.77
HO6 NAG Z . 4.55 -15.61 -42.67
C1 EDO AA . 4.28 16.81 -18.18
O1 EDO AA . 4.19 18.23 -18.31
C2 EDO AA . 4.90 16.40 -16.84
O2 EDO AA . 4.20 17.01 -15.74
H11 EDO AA . 3.28 16.37 -18.27
H12 EDO AA . 4.89 16.40 -19.00
HO1 EDO AA . 3.78 18.46 -19.15
H21 EDO AA . 5.95 16.71 -16.82
H22 EDO AA . 4.87 15.32 -16.73
HO2 EDO AA . 4.63 16.77 -14.91
C1 PEG BA . 11.39 -2.80 -14.39
O1 PEG BA . 11.76 -4.13 -14.19
C2 PEG BA . 12.42 -1.90 -13.74
O2 PEG BA . 11.80 -1.02 -12.86
C3 PEG BA . 11.18 0.05 -13.51
C4 PEG BA . 12.23 1.09 -13.90
O4 PEG BA . 11.62 2.35 -13.84
H11 PEG BA . 10.52 -2.64 -13.99
H12 PEG BA . 11.35 -2.61 -15.34
HO1 PEG BA . 11.95 -4.25 -13.37
H21 PEG BA . 12.90 -1.39 -14.42
H22 PEG BA . 13.06 -2.43 -13.25
H31 PEG BA . 10.54 0.46 -12.92
H32 PEG BA . 10.73 -0.26 -14.30
H41 PEG BA . 12.55 0.92 -14.81
H42 PEG BA . 12.98 1.05 -13.29
HO4 PEG BA . 12.20 2.94 -14.01
C1 PEG CA . -15.07 11.13 -6.83
O1 PEG CA . -15.78 10.53 -5.79
C2 PEG CA . -15.94 12.26 -7.42
O2 PEG CA . -15.93 12.25 -8.83
C3 PEG CA . -14.67 12.38 -9.42
C4 PEG CA . -14.72 13.45 -10.51
O4 PEG CA . -14.09 13.01 -11.68
H11 PEG CA . -14.86 10.48 -7.52
H12 PEG CA . -14.24 11.51 -6.49
HO1 PEG CA . -15.29 9.98 -5.38
H21 PEG CA . -15.60 13.11 -7.12
H22 PEG CA . -16.85 12.13 -7.12
H31 PEG CA . -14.41 11.53 -9.81
H32 PEG CA . -14.02 12.64 -8.75
H41 PEG CA . -14.27 14.25 -10.19
H42 PEG CA . -15.65 13.65 -10.71
HO4 PEG CA . -13.40 13.50 -11.83
B BO3 DA . 0.60 6.00 -7.80
O1 BO3 DA . 1.76 5.36 -8.13
O2 BO3 DA . 0.53 7.35 -7.73
O3 BO3 DA . -0.48 5.30 -7.40
HO1 BO3 DA . 1.66 4.52 -8.05
HO2 BO3 DA . 1.09 7.64 -7.15
HO3 BO3 DA . -0.23 4.59 -7.01
B BO3 EA . 15.36 -8.86 -17.53
O1 BO3 EA . 15.96 -9.74 -18.37
O2 BO3 EA . 16.01 -7.75 -17.13
O3 BO3 EA . 14.03 -8.98 -17.29
HO1 BO3 EA . 15.42 -10.36 -18.55
HO2 BO3 EA . 16.75 -7.96 -16.78
HO3 BO3 EA . 13.90 -9.73 -16.90
B BO3 FA . -28.29 11.13 -9.66
O1 BO3 FA . -28.06 11.60 -8.42
O2 BO3 FA . -27.67 11.72 -10.70
O3 BO3 FA . -29.28 10.24 -9.91
HO1 BO3 FA . -28.53 11.16 -7.86
HO2 BO3 FA . -27.69 12.57 -10.61
HO3 BO3 FA . -30.01 10.53 -9.59
C1 EDO GA . -5.43 16.00 -26.21
O1 EDO GA . -5.53 14.79 -26.97
C2 EDO GA . -6.54 15.98 -25.16
O2 EDO GA . -6.89 17.32 -24.77
H11 EDO GA . -4.45 16.06 -25.71
H12 EDO GA . -5.53 16.88 -26.84
HO1 EDO GA . -4.80 14.77 -27.62
H21 EDO GA . -6.22 15.42 -24.29
H22 EDO GA . -7.42 15.49 -25.58
HO2 EDO GA . -7.53 17.28 -24.04
ZN ZN HA . -13.32 -1.06 -25.24
CL CL IA . -6.94 4.77 -18.99
CL CL JA . -9.45 7.80 -25.64
MG MG KA . -18.78 -13.40 -19.51
#